data_8IE4
#
_entry.id   8IE4
#
_cell.length_a   79.180
_cell.length_b   95.930
_cell.length_c   132.220
_cell.angle_alpha   90.00
_cell.angle_beta   103.54
_cell.angle_gamma   90.00
#
_symmetry.space_group_name_H-M   'P 1 21 1'
#
loop_
_entity.id
_entity.type
_entity.pdbx_description
1 polymer GcCGT
2 non-polymer '2-(N-MORPHOLINO)-ETHANESULFONIC ACID'
3 water water
#
_entity_poly.entity_id   1
_entity_poly.type   'polypeptide(L)'
_entity_poly.pdbx_seq_one_letter_code
;GSMGSLTKNDNLHIFLVCFIGQGVVNPMLRLGKAFASKGLLVTLSAPEIVGREIRKANNLNDDQSIKVGNGMIRFEFFDD
GWESVNGSKPFDVGVYINHLDQAGRQKLPIMLKKHEESGTPVSCLILNPLVPWVADVADSLQIPCATLWVQSCASFSAYY
HYHHGLVPFPTESEPEIDVQLPGMPLLKYDEVPDYLHPRTPYPFFGTNILGQFKNLSKNFCILMDTFYELEHETIDSITK
ICPIKPIGPLFKIPKDPSSNGITGNFMKVDDCKEWLDTRPPSTVVYVSVGSVVYLKQEQVTEMAYGILNSEVSFLWVLRP
PSKRIGTEPHVLPEEFWEKAGDRGKVVQWSPQEQVLAHPATAAFLTHCGWNSTQEAISSGVPVITFPQFGDQVTNAKFLV
EEFKVGVRLSRGELENRIITRDEVERALREITSGPKAEEVKENALKWKKAAEETVAKGGNSERNLVEFIEEVARKTGSKH
ESHVG
;
_entity_poly.pdbx_strand_id   A,B,C,D
#
# COMPACT_ATOMS: atom_id res chain seq x y z
N ASN A 9 -12.28 -18.58 38.65
CA ASN A 9 -12.82 -17.23 38.73
C ASN A 9 -14.32 -17.19 38.40
N ASP A 10 -15.04 -18.27 38.70
CA ASP A 10 -16.47 -18.32 38.39
C ASP A 10 -17.24 -17.32 39.25
N ASN A 11 -16.96 -17.30 40.55
CA ASN A 11 -17.72 -16.49 41.50
C ASN A 11 -17.57 -14.99 41.24
N LEU A 12 -16.67 -14.57 40.35
CA LEU A 12 -16.32 -13.16 40.21
C LEU A 12 -17.18 -12.49 39.13
N HIS A 13 -17.86 -11.41 39.50
CA HIS A 13 -18.73 -10.67 38.58
C HIS A 13 -18.17 -9.26 38.41
N ILE A 14 -17.65 -8.97 37.22
CA ILE A 14 -17.21 -7.63 36.88
C ILE A 14 -18.37 -6.95 36.16
N PHE A 15 -18.74 -5.76 36.62
CA PHE A 15 -19.87 -5.00 36.11
C PHE A 15 -19.33 -3.67 35.62
N LEU A 16 -19.38 -3.43 34.31
CA LEU A 16 -18.83 -2.22 33.70
C LEU A 16 -19.96 -1.23 33.40
N VAL A 17 -19.68 0.05 33.62
CA VAL A 17 -20.65 1.12 33.36
C VAL A 17 -20.06 2.04 32.31
N CYS A 18 -20.67 2.04 31.12
CA CYS A 18 -20.26 2.92 30.02
C CYS A 18 -20.91 4.29 30.13
N PHE A 19 -20.21 5.29 29.61
CA PHE A 19 -20.84 6.54 29.21
C PHE A 19 -21.30 6.38 27.76
N ILE A 20 -21.76 7.49 27.17
CA ILE A 20 -22.17 7.54 25.77
C ILE A 20 -20.94 7.67 24.87
N GLY A 21 -21.01 7.07 23.70
CA GLY A 21 -20.00 7.42 22.71
C GLY A 21 -19.01 6.30 22.44
N GLN A 22 -18.73 6.08 21.16
CA GLN A 22 -17.81 5.02 20.74
C GLN A 22 -16.47 5.11 21.47
N GLY A 23 -16.01 6.33 21.75
CA GLY A 23 -14.74 6.50 22.43
C GLY A 23 -14.69 5.89 23.81
N VAL A 24 -15.84 5.70 24.45
CA VAL A 24 -15.92 5.04 25.74
C VAL A 24 -16.42 3.61 25.61
N VAL A 25 -17.35 3.36 24.68
CA VAL A 25 -18.00 2.06 24.64
C VAL A 25 -17.05 0.99 24.12
N ASN A 26 -16.23 1.30 23.12
CA ASN A 26 -15.40 0.25 22.54
C ASN A 26 -14.28 -0.14 23.49
N PRO A 27 -13.59 0.80 24.15
CA PRO A 27 -12.62 0.38 25.16
C PRO A 27 -13.25 -0.45 26.27
N MET A 28 -14.44 -0.04 26.75
CA MET A 28 -15.10 -0.80 27.80
C MET A 28 -15.49 -2.19 27.31
N LEU A 29 -16.07 -2.27 26.11
CA LEU A 29 -16.39 -3.58 25.55
C LEU A 29 -15.15 -4.46 25.42
N ARG A 30 -14.04 -3.91 24.90
CA ARG A 30 -12.82 -4.71 24.75
C ARG A 30 -12.33 -5.23 26.09
N LEU A 31 -12.30 -4.36 27.10
CA LEU A 31 -11.93 -4.80 28.44
C LEU A 31 -12.86 -5.88 28.95
N GLY A 32 -14.17 -5.74 28.69
CA GLY A 32 -15.11 -6.75 29.14
C GLY A 32 -14.85 -8.10 28.51
N LYS A 33 -14.41 -8.11 27.25
CA LYS A 33 -14.03 -9.35 26.60
C LYS A 33 -12.75 -9.90 27.21
N ALA A 34 -11.81 -9.02 27.56
CA ALA A 34 -10.60 -9.46 28.25
C ALA A 34 -10.93 -10.22 29.52
N PHE A 35 -11.96 -9.77 30.25
CA PHE A 35 -12.39 -10.48 31.45
C PHE A 35 -13.18 -11.73 31.12
N ALA A 36 -13.99 -11.68 30.05
CA ALA A 36 -14.78 -12.86 29.70
C ALA A 36 -13.90 -14.00 29.23
N SER A 37 -12.86 -13.70 28.45
CA SER A 37 -11.90 -14.74 28.04
C SER A 37 -11.35 -15.47 29.25
N LYS A 38 -11.02 -14.74 30.33
CA LYS A 38 -10.46 -15.32 31.54
C LYS A 38 -11.50 -16.05 32.39
N GLY A 39 -12.73 -16.19 31.93
CA GLY A 39 -13.71 -17.02 32.62
C GLY A 39 -14.59 -16.31 33.64
N LEU A 40 -14.50 -14.99 33.76
CA LEU A 40 -15.32 -14.28 34.72
C LEU A 40 -16.73 -14.06 34.14
N LEU A 41 -17.70 -13.85 35.03
CA LEU A 41 -18.98 -13.31 34.59
C LEU A 41 -18.86 -11.79 34.42
N VAL A 42 -19.22 -11.30 33.24
CA VAL A 42 -19.07 -9.89 32.89
C VAL A 42 -20.43 -9.34 32.47
N THR A 43 -20.80 -8.19 33.01
CA THR A 43 -21.96 -7.42 32.59
C THR A 43 -21.48 -6.07 32.09
N LEU A 44 -21.81 -5.73 30.84
CA LEU A 44 -21.58 -4.41 30.30
C LEU A 44 -22.91 -3.66 30.34
N SER A 45 -22.98 -2.62 31.15
CA SER A 45 -24.19 -1.81 31.23
C SER A 45 -23.94 -0.48 30.54
N ALA A 46 -24.95 -0.01 29.80
CA ALA A 46 -24.82 1.22 29.03
C ALA A 46 -26.18 1.90 28.96
N PRO A 47 -26.21 3.23 28.92
CA PRO A 47 -27.49 3.94 28.87
C PRO A 47 -28.29 3.54 27.62
N GLU A 48 -29.61 3.44 27.80
CA GLU A 48 -30.47 3.01 26.70
C GLU A 48 -30.43 3.94 25.50
N ILE A 49 -30.12 5.23 25.68
CA ILE A 49 -30.11 6.12 24.51
C ILE A 49 -29.06 5.71 23.49
N VAL A 50 -28.01 4.99 23.89
CA VAL A 50 -27.14 4.34 22.91
C VAL A 50 -27.44 2.85 22.84
N GLY A 51 -28.62 2.43 23.31
CA GLY A 51 -28.88 1.00 23.42
C GLY A 51 -29.05 0.32 22.08
N ARG A 52 -29.74 0.97 21.14
CA ARG A 52 -29.96 0.34 19.85
C ARG A 52 -28.70 0.37 18.98
N GLU A 53 -27.83 1.36 19.16
CA GLU A 53 -26.57 1.38 18.43
C GLU A 53 -25.68 0.22 18.87
N ILE A 54 -25.52 0.05 20.18
CA ILE A 54 -24.68 -1.03 20.69
C ILE A 54 -25.28 -2.38 20.35
N ARG A 55 -26.60 -2.50 20.39
CA ARG A 55 -27.25 -3.79 20.18
C ARG A 55 -27.23 -4.23 18.73
N LYS A 56 -27.14 -3.27 17.78
CA LYS A 56 -26.97 -3.62 16.38
C LYS A 56 -25.51 -3.90 16.04
N ALA A 57 -24.57 -3.18 16.67
CA ALA A 57 -23.16 -3.34 16.34
C ALA A 57 -22.62 -4.71 16.69
N ASN A 58 -23.21 -5.37 17.69
CA ASN A 58 -22.91 -6.77 17.98
C ASN A 58 -24.22 -7.49 18.23
N ASN A 59 -24.40 -8.64 17.57
CA ASN A 59 -25.65 -9.38 17.71
C ASN A 59 -25.69 -10.02 19.09
N LEU A 60 -26.72 -9.68 19.87
CA LEU A 60 -26.91 -10.25 21.20
C LEU A 60 -27.73 -11.52 21.10
N ASN A 61 -27.40 -12.49 21.96
CA ASN A 61 -28.10 -13.76 21.98
C ASN A 61 -29.52 -13.56 22.50
N ASP A 62 -30.21 -14.67 22.75
CA ASP A 62 -31.55 -14.64 23.30
C ASP A 62 -31.56 -14.31 24.79
N ASP A 63 -30.43 -14.36 25.46
CA ASP A 63 -30.26 -13.82 26.80
C ASP A 63 -29.52 -12.48 26.76
N GLN A 64 -29.45 -11.85 25.60
CA GLN A 64 -28.73 -10.60 25.36
C GLN A 64 -27.29 -10.72 25.86
N SER A 65 -26.58 -11.66 25.24
CA SER A 65 -25.21 -11.97 25.59
C SER A 65 -24.44 -12.29 24.31
N ILE A 66 -23.12 -12.15 24.39
CA ILE A 66 -22.23 -12.59 23.30
C ILE A 66 -21.22 -13.56 23.87
N LYS A 67 -20.78 -14.48 23.02
CA LYS A 67 -19.74 -15.43 23.40
C LYS A 67 -18.37 -14.80 23.22
N VAL A 68 -17.49 -15.00 24.21
CA VAL A 68 -16.11 -14.51 24.12
C VAL A 68 -15.19 -15.68 24.45
N GLY A 69 -14.89 -16.49 23.44
CA GLY A 69 -14.10 -17.69 23.64
C GLY A 69 -14.76 -18.63 24.62
N ASN A 70 -14.22 -18.72 25.83
CA ASN A 70 -14.76 -19.58 26.87
C ASN A 70 -15.84 -18.89 27.71
N GLY A 71 -15.81 -17.57 27.81
CA GLY A 71 -16.76 -16.83 28.60
C GLY A 71 -17.82 -16.12 27.78
N MET A 72 -18.60 -15.27 28.46
CA MET A 72 -19.70 -14.56 27.84
C MET A 72 -19.87 -13.19 28.50
N ILE A 73 -20.40 -12.24 27.74
CA ILE A 73 -20.67 -10.90 28.24
C ILE A 73 -22.17 -10.64 28.13
N ARG A 74 -22.80 -10.38 29.26
CA ARG A 74 -24.20 -9.98 29.28
C ARG A 74 -24.30 -8.46 29.15
N PHE A 75 -25.28 -7.99 28.38
CA PHE A 75 -25.49 -6.57 28.17
C PHE A 75 -26.74 -6.10 28.90
N GLU A 76 -26.62 -4.95 29.57
CA GLU A 76 -27.66 -4.40 30.44
C GLU A 76 -27.85 -2.93 30.08
N PHE A 77 -28.99 -2.58 29.50
CA PHE A 77 -29.24 -1.23 29.01
C PHE A 77 -30.26 -0.55 29.92
N PHE A 78 -29.83 0.51 30.61
CA PHE A 78 -30.68 1.12 31.63
C PHE A 78 -31.24 2.47 31.17
N ASP A 79 -32.43 2.76 31.64
CA ASP A 79 -33.06 4.06 31.39
C ASP A 79 -32.35 5.15 32.18
N ASP A 80 -31.77 6.10 31.47
CA ASP A 80 -31.24 7.30 32.07
C ASP A 80 -32.32 8.36 32.33
N GLY A 81 -33.59 8.08 31.99
CA GLY A 81 -34.65 9.07 32.08
C GLY A 81 -34.64 10.16 31.03
N TRP A 82 -33.74 10.09 30.04
CA TRP A 82 -33.37 11.26 29.24
C TRP A 82 -34.51 11.73 28.32
N GLU A 83 -35.09 10.81 27.55
CA GLU A 83 -36.11 11.23 26.59
C GLU A 83 -37.30 11.86 27.27
N SER A 84 -37.68 11.34 28.44
CA SER A 84 -38.81 11.87 29.18
C SER A 84 -38.52 13.26 29.75
N VAL A 85 -37.26 13.53 30.07
CA VAL A 85 -36.86 14.84 30.59
C VAL A 85 -36.59 15.85 29.48
N ASN A 86 -36.08 15.38 28.34
CA ASN A 86 -35.50 16.27 27.34
C ASN A 86 -36.48 16.70 26.26
N GLY A 87 -37.55 15.96 26.03
CA GLY A 87 -38.54 16.35 25.04
C GLY A 87 -37.94 16.50 23.65
N SER A 88 -38.30 17.60 22.97
CA SER A 88 -37.91 17.81 21.59
C SER A 88 -36.55 18.49 21.45
N LYS A 89 -35.90 18.86 22.54
CA LYS A 89 -34.63 19.59 22.46
C LYS A 89 -33.58 18.74 21.75
N PRO A 90 -32.58 19.38 21.14
CA PRO A 90 -31.47 18.62 20.56
C PRO A 90 -30.64 17.99 21.67
N PHE A 91 -29.85 17.00 21.31
CA PHE A 91 -29.02 16.34 22.32
C PHE A 91 -27.89 17.26 22.75
N ASP A 92 -27.78 17.47 24.06
CA ASP A 92 -26.78 18.33 24.69
C ASP A 92 -26.03 17.48 25.68
N VAL A 93 -24.81 17.07 25.31
CA VAL A 93 -24.08 16.13 26.16
C VAL A 93 -23.75 16.77 27.50
N GLY A 94 -23.51 18.08 27.54
CA GLY A 94 -23.29 18.75 28.83
C GLY A 94 -24.50 18.63 29.74
N VAL A 95 -25.70 18.79 29.19
CA VAL A 95 -26.89 18.54 30.00
C VAL A 95 -26.98 17.05 30.35
N TYR A 96 -26.61 16.20 29.40
CA TYR A 96 -26.82 14.77 29.59
C TYR A 96 -25.91 14.19 30.69
N ILE A 97 -24.62 14.53 30.70
CA ILE A 97 -23.71 13.95 31.70
C ILE A 97 -24.17 14.28 33.12
N ASN A 98 -24.66 15.51 33.33
CA ASN A 98 -25.09 15.92 34.67
C ASN A 98 -26.40 15.27 35.03
N HIS A 99 -27.26 15.06 34.04
CA HIS A 99 -28.49 14.31 34.26
C HIS A 99 -28.20 12.85 34.60
N LEU A 100 -27.30 12.22 33.83
CA LEU A 100 -27.01 10.81 34.07
C LEU A 100 -26.40 10.61 35.45
N ASP A 101 -25.55 11.53 35.89
CA ASP A 101 -25.05 11.51 37.26
C ASP A 101 -26.19 11.37 38.26
N GLN A 102 -27.16 12.30 38.21
CA GLN A 102 -28.29 12.26 39.15
C GLN A 102 -29.07 10.97 39.03
N ALA A 103 -29.39 10.55 37.79
CA ALA A 103 -30.15 9.33 37.59
C ALA A 103 -29.39 8.10 38.07
N GLY A 104 -28.10 8.03 37.76
CA GLY A 104 -27.35 6.80 37.99
C GLY A 104 -27.13 6.50 39.47
N ARG A 105 -26.91 7.54 40.27
CA ARG A 105 -26.91 7.38 41.72
C ARG A 105 -28.15 6.67 42.22
N GLN A 106 -29.29 6.83 41.56
CA GLN A 106 -30.49 6.09 41.98
C GLN A 106 -30.63 4.76 41.26
N LYS A 107 -30.22 4.70 40.00
CA LYS A 107 -30.43 3.51 39.19
C LYS A 107 -29.44 2.39 39.57
N LEU A 108 -28.15 2.72 39.70
CA LEU A 108 -27.14 1.67 39.88
C LEU A 108 -27.38 0.84 41.12
N PRO A 109 -27.65 1.40 42.31
CA PRO A 109 -27.92 0.52 43.47
C PRO A 109 -29.05 -0.42 43.20
N ILE A 110 -30.01 -0.03 42.35
CA ILE A 110 -31.13 -0.91 42.04
C ILE A 110 -30.68 -2.07 41.15
N MET A 111 -29.86 -1.78 40.16
CA MET A 111 -29.29 -2.84 39.33
C MET A 111 -28.36 -3.75 40.14
N LEU A 112 -27.62 -3.17 41.08
CA LEU A 112 -26.74 -4.00 41.91
C LEU A 112 -27.56 -4.96 42.75
N LYS A 113 -28.65 -4.47 43.35
CA LYS A 113 -29.45 -5.33 44.21
C LYS A 113 -30.09 -6.45 43.41
N LYS A 114 -30.48 -6.17 42.16
CA LYS A 114 -31.02 -7.23 41.30
C LYS A 114 -30.01 -8.34 41.11
N HIS A 115 -28.73 -7.99 40.97
CA HIS A 115 -27.73 -9.04 40.76
C HIS A 115 -27.51 -9.88 42.01
N GLU A 116 -27.58 -9.29 43.21
CA GLU A 116 -27.63 -10.08 44.43
C GLU A 116 -28.74 -11.12 44.37
N GLU A 117 -29.92 -10.69 43.91
CA GLU A 117 -31.08 -11.58 43.90
C GLU A 117 -30.92 -12.69 42.88
N SER A 118 -30.28 -12.41 41.77
CA SER A 118 -29.98 -13.41 40.76
C SER A 118 -28.89 -14.37 41.18
N GLY A 119 -28.31 -14.20 42.37
CA GLY A 119 -27.21 -15.05 42.79
C GLY A 119 -25.89 -14.76 42.09
N THR A 120 -25.75 -13.58 41.50
CA THR A 120 -24.53 -13.14 40.85
C THR A 120 -24.09 -11.78 41.40
N PRO A 121 -23.90 -11.68 42.72
CA PRO A 121 -23.57 -10.38 43.31
C PRO A 121 -22.32 -9.82 42.64
N VAL A 122 -22.25 -8.48 42.54
CA VAL A 122 -21.19 -7.87 41.76
C VAL A 122 -19.91 -7.87 42.57
N SER A 123 -18.81 -8.22 41.94
CA SER A 123 -17.54 -8.29 42.67
C SER A 123 -16.72 -7.03 42.54
N CYS A 124 -16.81 -6.37 41.39
CA CYS A 124 -16.06 -5.14 41.14
C CYS A 124 -16.81 -4.31 40.13
N LEU A 125 -16.93 -3.04 40.42
CA LEU A 125 -17.51 -2.08 39.50
C LEU A 125 -16.37 -1.45 38.72
N ILE A 126 -16.49 -1.39 37.40
CA ILE A 126 -15.53 -0.67 36.57
C ILE A 126 -16.25 0.49 35.87
N LEU A 127 -15.79 1.71 36.11
CA LEU A 127 -16.37 2.91 35.53
C LEU A 127 -15.38 3.54 34.54
N ASN A 128 -15.70 4.75 34.10
CA ASN A 128 -14.79 5.51 33.25
C ASN A 128 -14.89 6.96 33.70
N PRO A 129 -14.00 7.85 33.28
CA PRO A 129 -13.97 9.19 33.89
C PRO A 129 -15.25 10.00 33.64
N LEU A 130 -16.10 9.61 32.70
CA LEU A 130 -17.35 10.31 32.43
C LEU A 130 -18.51 9.85 33.29
N VAL A 131 -18.35 8.76 34.03
CA VAL A 131 -19.37 8.41 35.01
C VAL A 131 -18.75 8.26 36.40
N PRO A 132 -18.07 9.29 36.94
CA PRO A 132 -17.31 9.09 38.19
C PRO A 132 -18.20 8.92 39.42
N TRP A 133 -19.49 9.27 39.31
CA TRP A 133 -20.44 8.99 40.37
C TRP A 133 -20.54 7.49 40.69
N VAL A 134 -20.15 6.61 39.75
CA VAL A 134 -20.19 5.18 40.00
C VAL A 134 -19.34 4.81 41.22
N ALA A 135 -18.22 5.52 41.40
CA ALA A 135 -17.33 5.25 42.53
C ALA A 135 -17.97 5.67 43.85
N ASP A 136 -18.76 6.74 43.84
CA ASP A 136 -19.47 7.15 45.04
C ASP A 136 -20.52 6.12 45.44
N VAL A 137 -21.23 5.58 44.46
CA VAL A 137 -22.18 4.51 44.74
C VAL A 137 -21.43 3.26 45.24
N ALA A 138 -20.32 2.91 44.56
CA ALA A 138 -19.54 1.77 45.01
C ALA A 138 -19.10 1.93 46.45
N ASP A 139 -18.62 3.12 46.79
CA ASP A 139 -18.15 3.37 48.14
C ASP A 139 -19.25 3.19 49.19
N SER A 140 -20.46 3.71 48.93
CA SER A 140 -21.51 3.56 49.94
C SER A 140 -22.09 2.15 49.99
N LEU A 141 -21.88 1.32 48.97
CA LEU A 141 -22.36 -0.05 49.01
C LEU A 141 -21.24 -1.04 49.35
N GLN A 142 -20.06 -0.53 49.72
CA GLN A 142 -18.89 -1.34 50.10
C GLN A 142 -18.54 -2.33 49.00
N ILE A 143 -18.56 -1.86 47.76
CA ILE A 143 -18.21 -2.66 46.59
C ILE A 143 -16.93 -2.08 45.99
N PRO A 144 -15.90 -2.89 45.77
CA PRO A 144 -14.70 -2.39 45.12
C PRO A 144 -15.04 -1.78 43.77
N CYS A 145 -14.22 -0.81 43.36
CA CYS A 145 -14.36 -0.30 42.02
C CYS A 145 -13.02 0.20 41.51
N ALA A 146 -12.78 -0.03 40.22
CA ALA A 146 -11.70 0.55 39.44
C ALA A 146 -12.31 1.46 38.37
N THR A 147 -11.53 2.41 37.88
CA THR A 147 -11.94 3.18 36.70
C THR A 147 -11.02 2.86 35.54
N LEU A 148 -11.60 2.80 34.33
CA LEU A 148 -10.82 2.62 33.11
C LEU A 148 -10.45 3.99 32.55
N TRP A 149 -9.16 4.28 32.49
CA TRP A 149 -8.70 5.48 31.82
C TRP A 149 -8.47 5.14 30.36
N VAL A 150 -9.14 5.86 29.45
CA VAL A 150 -9.13 5.53 28.04
C VAL A 150 -8.28 6.48 27.21
N GLN A 151 -7.50 7.37 27.85
CA GLN A 151 -6.50 8.13 27.12
C GLN A 151 -5.10 7.65 27.55
N SER A 152 -4.06 8.36 27.11
CA SER A 152 -2.69 8.01 27.44
C SER A 152 -2.40 8.33 28.90
N CYS A 153 -1.28 7.78 29.38
CA CYS A 153 -0.82 8.10 30.72
C CYS A 153 -0.28 9.52 30.79
N ALA A 154 0.33 9.98 29.71
CA ALA A 154 0.66 11.40 29.53
C ALA A 154 -0.57 12.28 29.68
N SER A 155 -1.67 11.89 29.06
CA SER A 155 -2.86 12.71 29.23
C SER A 155 -3.39 12.59 30.65
N PHE A 156 -3.30 11.39 31.26
CA PHE A 156 -3.71 11.27 32.67
C PHE A 156 -2.93 12.23 33.55
N SER A 157 -1.62 12.32 33.32
CA SER A 157 -0.81 13.13 34.22
C SER A 157 -1.10 14.62 34.03
N ALA A 158 -1.39 15.04 32.79
CA ALA A 158 -1.78 16.43 32.56
C ALA A 158 -3.04 16.78 33.35
N TYR A 159 -4.11 16.00 33.21
CA TYR A 159 -5.33 16.33 33.92
C TYR A 159 -5.12 16.25 35.42
N TYR A 160 -4.33 15.26 35.88
CA TYR A 160 -4.08 15.13 37.31
C TYR A 160 -3.40 16.38 37.86
N HIS A 161 -2.31 16.82 37.23
CA HIS A 161 -1.61 17.97 37.73
C HIS A 161 -2.40 19.27 37.53
N TYR A 162 -3.21 19.37 36.48
CA TYR A 162 -4.13 20.50 36.37
C TYR A 162 -5.06 20.53 37.57
N HIS A 163 -5.78 19.42 37.81
CA HIS A 163 -6.79 19.41 38.87
C HIS A 163 -6.21 19.75 40.23
N HIS A 164 -5.02 19.28 40.53
CA HIS A 164 -4.47 19.58 41.83
C HIS A 164 -3.66 20.87 41.83
N GLY A 165 -3.51 21.53 40.70
CA GLY A 165 -2.79 22.81 40.67
C GLY A 165 -1.35 22.68 41.09
N LEU A 166 -0.67 21.63 40.64
CA LEU A 166 0.68 21.30 41.06
C LEU A 166 1.75 21.95 40.20
N VAL A 167 1.38 22.47 39.02
CA VAL A 167 2.30 23.07 38.06
C VAL A 167 1.48 24.06 37.25
N PRO A 168 1.99 25.26 36.96
CA PRO A 168 1.19 26.25 36.21
C PRO A 168 0.84 25.77 34.81
N PHE A 169 -0.42 25.95 34.42
CA PHE A 169 -0.90 25.67 33.08
C PHE A 169 -1.21 26.97 32.35
N PRO A 170 -1.26 26.95 31.02
CA PRO A 170 -1.68 28.16 30.29
C PRO A 170 -2.97 28.70 30.88
N THR A 171 -2.97 29.99 31.16
CA THR A 171 -4.10 30.73 31.68
C THR A 171 -4.45 31.88 30.74
N GLU A 172 -5.55 32.55 31.07
CA GLU A 172 -5.98 33.72 30.29
C GLU A 172 -4.89 34.79 30.29
N SER A 173 -4.21 34.98 31.43
CA SER A 173 -3.15 35.97 31.54
C SER A 173 -1.84 35.51 30.88
N GLU A 174 -1.67 34.21 30.69
CA GLU A 174 -0.40 33.64 30.23
C GLU A 174 -0.72 32.44 29.36
N PRO A 175 -1.18 32.68 28.13
CA PRO A 175 -1.80 31.59 27.35
C PRO A 175 -0.84 30.71 26.60
N GLU A 176 0.43 31.08 26.44
CA GLU A 176 1.32 30.25 25.62
C GLU A 176 2.59 29.82 26.38
N ILE A 177 2.46 29.51 27.66
CA ILE A 177 3.61 29.01 28.42
C ILE A 177 3.70 27.50 28.27
N ASP A 178 4.92 26.98 28.38
CA ASP A 178 5.16 25.55 28.46
C ASP A 178 4.71 25.02 29.83
N VAL A 179 4.46 23.70 29.87
CA VAL A 179 4.16 22.99 31.11
C VAL A 179 5.11 21.80 31.22
N GLN A 180 5.84 21.73 32.32
CA GLN A 180 6.76 20.62 32.62
C GLN A 180 6.13 19.76 33.69
N LEU A 181 5.75 18.53 33.32
CA LEU A 181 5.19 17.55 34.25
C LEU A 181 6.26 16.54 34.66
N PRO A 182 6.09 15.88 35.80
CA PRO A 182 7.08 14.89 36.23
C PRO A 182 7.06 13.68 35.29
N GLY A 183 8.25 13.18 34.98
CA GLY A 183 8.39 12.02 34.13
C GLY A 183 7.90 12.20 32.70
N MET A 184 8.00 13.41 32.15
CA MET A 184 7.45 13.69 30.83
C MET A 184 8.28 14.73 30.11
N PRO A 185 8.28 14.71 28.77
CA PRO A 185 8.90 15.81 28.03
C PRO A 185 8.13 17.10 28.31
N LEU A 186 8.80 18.22 28.04
CA LEU A 186 8.17 19.53 28.15
C LEU A 186 6.99 19.60 27.20
N LEU A 187 5.85 20.07 27.68
CA LEU A 187 4.67 20.28 26.84
C LEU A 187 4.57 21.76 26.47
N LYS A 188 4.59 22.04 25.17
CA LYS A 188 4.18 23.35 24.68
C LYS A 188 2.72 23.62 25.06
N TYR A 189 2.35 24.90 25.07
CA TYR A 189 1.01 25.28 25.52
C TYR A 189 -0.05 24.53 24.75
N ASP A 190 0.17 24.28 23.46
CA ASP A 190 -0.82 23.64 22.62
C ASP A 190 -0.63 22.14 22.52
N GLU A 191 0.16 21.56 23.41
CA GLU A 191 0.26 20.12 23.50
C GLU A 191 -0.37 19.58 24.77
N VAL A 192 -0.66 20.45 25.73
CA VAL A 192 -1.55 20.06 26.83
C VAL A 192 -2.88 19.65 26.23
N PRO A 193 -3.53 18.57 26.70
CA PRO A 193 -4.86 18.24 26.19
C PRO A 193 -5.73 19.48 26.14
N ASP A 194 -6.15 19.87 24.96
CA ASP A 194 -6.44 21.30 24.84
C ASP A 194 -7.84 21.68 25.29
N TYR A 195 -8.67 20.71 25.72
CA TYR A 195 -9.85 21.06 26.50
C TYR A 195 -9.49 21.84 27.77
N LEU A 196 -8.23 21.79 28.18
CA LEU A 196 -7.76 22.54 29.34
C LEU A 196 -7.28 23.93 28.98
N HIS A 197 -7.11 24.22 27.71
CA HIS A 197 -6.58 25.53 27.37
C HIS A 197 -7.70 26.57 27.41
N PRO A 198 -7.41 27.79 27.88
CA PRO A 198 -8.44 28.84 27.87
C PRO A 198 -9.07 29.09 26.51
N ARG A 199 -8.37 28.82 25.41
CA ARG A 199 -8.95 29.09 24.09
C ARG A 199 -9.84 27.98 23.57
N THR A 200 -10.03 26.90 24.30
CA THR A 200 -10.77 25.80 23.72
C THR A 200 -12.23 26.23 23.49
N PRO A 201 -12.80 25.87 22.33
CA PRO A 201 -14.26 25.93 22.18
C PRO A 201 -15.01 24.94 23.04
N TYR A 202 -14.36 23.97 23.68
CA TYR A 202 -15.05 22.90 24.38
C TYR A 202 -14.62 22.86 25.84
N PRO A 203 -14.81 23.95 26.58
CA PRO A 203 -14.40 23.93 27.98
C PRO A 203 -15.14 22.87 28.78
N PHE A 204 -16.38 22.54 28.38
CA PHE A 204 -17.18 21.54 29.09
C PHE A 204 -16.58 20.14 28.96
N PHE A 205 -15.95 19.81 27.83
CA PHE A 205 -15.29 18.51 27.73
C PHE A 205 -14.18 18.39 28.76
N GLY A 206 -13.46 19.50 28.99
CA GLY A 206 -12.43 19.46 30.03
C GLY A 206 -13.04 19.26 31.39
N THR A 207 -14.11 19.99 31.67
CA THR A 207 -14.74 19.88 32.99
C THR A 207 -15.24 18.46 33.25
N ASN A 208 -15.72 17.78 32.21
CA ASN A 208 -16.22 16.41 32.39
C ASN A 208 -15.08 15.46 32.75
N ILE A 209 -13.93 15.58 32.08
CA ILE A 209 -12.84 14.68 32.41
C ILE A 209 -12.26 15.04 33.76
N LEU A 210 -12.10 16.33 34.04
CA LEU A 210 -11.61 16.71 35.35
C LEU A 210 -12.53 16.19 36.44
N GLY A 211 -13.82 16.00 36.13
CA GLY A 211 -14.72 15.39 37.10
C GLY A 211 -14.20 14.10 37.69
N GLN A 212 -13.42 13.34 36.93
CA GLN A 212 -12.90 12.06 37.45
C GLN A 212 -11.93 12.27 38.61
N PHE A 213 -11.25 13.40 38.65
CA PHE A 213 -10.19 13.58 39.61
C PHE A 213 -10.68 14.10 40.95
N LYS A 214 -11.94 14.54 41.05
CA LYS A 214 -12.52 14.91 42.34
C LYS A 214 -12.62 13.72 43.30
N ASN A 215 -12.83 12.50 42.78
CA ASN A 215 -13.02 11.39 43.71
C ASN A 215 -12.21 10.17 43.23
N LEU A 216 -11.12 10.44 42.52
CA LEU A 216 -10.30 9.38 41.94
C LEU A 216 -9.83 8.41 43.01
N SER A 217 -9.53 8.89 44.20
CA SER A 217 -9.00 8.02 45.23
C SER A 217 -10.02 7.02 45.78
N LYS A 218 -11.29 7.06 45.33
CA LYS A 218 -12.23 6.01 45.71
C LYS A 218 -12.03 4.73 44.91
N ASN A 219 -11.28 4.81 43.81
CA ASN A 219 -10.92 3.66 43.00
C ASN A 219 -9.64 3.03 43.56
N PHE A 220 -9.68 1.73 43.82
CA PHE A 220 -8.44 1.09 44.25
C PHE A 220 -7.49 0.84 43.09
N CYS A 221 -7.98 0.88 41.85
CA CYS A 221 -7.14 0.71 40.67
C CYS A 221 -7.58 1.66 39.56
N ILE A 222 -6.61 2.16 38.81
CA ILE A 222 -6.86 2.89 37.57
C ILE A 222 -6.28 2.04 36.44
N LEU A 223 -7.14 1.25 35.80
CA LEU A 223 -6.78 0.55 34.58
C LEU A 223 -6.56 1.54 33.44
N MET A 224 -5.57 1.25 32.62
CA MET A 224 -5.22 2.18 31.56
C MET A 224 -4.91 1.36 30.31
N ASP A 225 -5.42 1.81 29.17
CA ASP A 225 -5.22 1.14 27.88
C ASP A 225 -3.96 1.67 27.20
N THR A 226 -2.84 1.39 27.84
CA THR A 226 -1.52 1.63 27.27
C THR A 226 -0.64 0.50 27.78
N PHE A 227 0.65 0.51 27.45
CA PHE A 227 1.52 -0.53 27.95
C PHE A 227 2.84 0.07 28.36
N TYR A 228 3.53 -0.64 29.25
CA TYR A 228 4.61 -0.04 30.02
C TYR A 228 5.76 0.40 29.12
N GLU A 229 6.07 -0.37 28.08
CA GLU A 229 7.20 0.05 27.25
C GLU A 229 6.88 1.34 26.50
N LEU A 230 5.60 1.58 26.22
CA LEU A 230 5.23 2.78 25.45
C LEU A 230 5.45 4.05 26.26
N GLU A 231 5.05 4.06 27.54
CA GLU A 231 5.08 5.27 28.36
C GLU A 231 5.84 5.07 29.67
N HIS A 232 6.96 4.31 29.63
CA HIS A 232 7.56 3.84 30.88
C HIS A 232 7.98 5.00 31.77
N GLU A 233 8.50 6.08 31.19
CA GLU A 233 8.95 7.18 32.03
C GLU A 233 7.80 7.87 32.73
N THR A 234 6.67 8.06 32.05
CA THR A 234 5.53 8.69 32.72
C THR A 234 4.93 7.76 33.75
N ILE A 235 4.78 6.48 33.40
CA ILE A 235 4.19 5.50 34.32
C ILE A 235 5.04 5.41 35.59
N ASP A 236 6.36 5.30 35.45
CA ASP A 236 7.18 5.07 36.64
C ASP A 236 7.11 6.25 37.59
N SER A 237 6.72 7.41 37.09
CA SER A 237 6.54 8.63 37.87
C SER A 237 5.15 8.71 38.50
N ILE A 238 4.09 8.57 37.68
CA ILE A 238 2.75 8.72 38.21
C ILE A 238 2.36 7.57 39.17
N THR A 239 2.91 6.36 38.98
CA THR A 239 2.50 5.28 39.86
C THR A 239 2.97 5.46 41.30
N LYS A 240 3.87 6.41 41.56
CA LYS A 240 4.18 6.79 42.94
C LYS A 240 3.02 7.50 43.61
N ILE A 241 2.05 7.99 42.85
CA ILE A 241 0.94 8.77 43.40
C ILE A 241 -0.39 8.08 43.14
N CYS A 242 -0.51 7.36 42.03
CA CYS A 242 -1.82 6.81 41.67
C CYS A 242 -1.69 5.34 41.32
N PRO A 243 -2.64 4.51 41.76
CA PRO A 243 -2.52 3.05 41.51
C PRO A 243 -2.92 2.66 40.10
N ILE A 244 -2.07 3.03 39.15
CA ILE A 244 -2.31 2.83 37.72
C ILE A 244 -1.79 1.46 37.30
N LYS A 245 -2.59 0.73 36.53
CA LYS A 245 -2.19 -0.54 35.93
C LYS A 245 -2.34 -0.52 34.42
N PRO A 246 -1.25 -0.42 33.66
CA PRO A 246 -1.33 -0.62 32.21
C PRO A 246 -1.76 -2.04 31.86
N ILE A 247 -2.81 -2.14 31.04
CA ILE A 247 -3.30 -3.46 30.63
C ILE A 247 -3.53 -3.53 29.13
N GLY A 248 -3.09 -2.51 28.39
CA GLY A 248 -3.32 -2.44 26.96
C GLY A 248 -2.14 -2.97 26.15
N PRO A 249 -2.24 -3.01 24.81
CA PRO A 249 -3.34 -2.52 23.95
C PRO A 249 -4.56 -3.41 24.10
N LEU A 250 -5.69 -2.83 24.52
CA LEU A 250 -6.87 -3.64 24.81
C LEU A 250 -7.32 -4.43 23.59
N PHE A 251 -7.29 -3.82 22.41
CA PHE A 251 -7.78 -4.50 21.21
C PHE A 251 -6.89 -5.65 20.76
N LYS A 252 -5.70 -5.81 21.33
CA LYS A 252 -4.83 -6.93 21.00
C LYS A 252 -4.95 -8.10 21.97
N ILE A 253 -5.60 -7.94 23.11
CA ILE A 253 -5.73 -9.09 24.02
C ILE A 253 -6.47 -10.20 23.30
N PRO A 254 -5.95 -11.45 23.30
CA PRO A 254 -6.58 -12.59 22.63
C PRO A 254 -8.03 -12.85 23.06
N ASP A 271 -14.96 -4.74 0.94
CA ASP A 271 -14.54 -3.76 -0.07
C ASP A 271 -13.09 -3.31 0.16
N CYS A 272 -12.82 -2.73 1.33
CA CYS A 272 -11.46 -2.31 1.63
C CYS A 272 -10.50 -3.49 1.62
N LYS A 273 -10.93 -4.66 2.12
CA LYS A 273 -10.02 -5.80 2.21
C LYS A 273 -9.68 -6.35 0.83
N GLU A 274 -10.64 -6.34 -0.10
CA GLU A 274 -10.39 -6.89 -1.43
C GLU A 274 -9.60 -5.95 -2.33
N TRP A 275 -9.64 -4.63 -2.09
CA TRP A 275 -8.80 -3.73 -2.88
C TRP A 275 -7.36 -3.70 -2.38
N LEU A 276 -7.16 -3.83 -1.06
CA LEU A 276 -5.80 -3.86 -0.50
C LEU A 276 -5.07 -5.15 -0.85
N ASP A 277 -5.81 -6.27 -0.90
CA ASP A 277 -5.24 -7.56 -1.28
C ASP A 277 -4.56 -7.49 -2.64
N THR A 278 -4.91 -6.51 -3.47
CA THR A 278 -4.29 -6.36 -4.79
C THR A 278 -3.27 -5.21 -4.83
N ARG A 279 -2.93 -4.63 -3.67
CA ARG A 279 -1.82 -3.69 -3.77
C ARG A 279 -0.53 -4.36 -3.29
N PRO A 280 0.63 -3.91 -3.79
CA PRO A 280 1.89 -4.39 -3.25
C PRO A 280 2.01 -4.06 -1.78
N PRO A 281 2.69 -4.89 -1.00
CA PRO A 281 2.81 -4.62 0.43
C PRO A 281 3.47 -3.28 0.71
N SER A 282 3.03 -2.61 1.78
CA SER A 282 3.69 -1.41 2.31
C SER A 282 3.71 -0.27 1.29
N THR A 283 2.59 -0.06 0.60
CA THR A 283 2.49 1.03 -0.37
C THR A 283 1.29 1.93 -0.20
N VAL A 284 0.29 1.54 0.57
CA VAL A 284 -0.96 2.29 0.64
C VAL A 284 -0.92 3.18 1.88
N VAL A 285 -1.13 4.48 1.68
CA VAL A 285 -1.29 5.40 2.79
C VAL A 285 -2.77 5.44 3.14
N TYR A 286 -3.09 5.09 4.39
CA TYR A 286 -4.45 5.04 4.88
C TYR A 286 -4.82 6.40 5.46
N VAL A 287 -5.79 7.07 4.86
CA VAL A 287 -6.18 8.41 5.29
C VAL A 287 -7.58 8.33 5.88
N SER A 288 -7.71 8.61 7.18
CA SER A 288 -9.00 8.60 7.84
C SER A 288 -8.94 9.52 9.05
N VAL A 289 -9.59 10.68 8.96
CA VAL A 289 -9.65 11.62 10.07
C VAL A 289 -11.06 11.89 10.54
N GLY A 290 -12.08 11.50 9.77
CA GLY A 290 -13.46 11.92 9.96
C GLY A 290 -14.21 11.30 11.12
N SER A 291 -13.66 10.27 11.78
CA SER A 291 -14.38 9.66 12.90
C SER A 291 -14.57 10.62 14.08
N VAL A 292 -13.80 11.72 14.14
CA VAL A 292 -13.97 12.72 15.18
C VAL A 292 -14.31 14.10 14.65
N VAL A 293 -14.32 14.32 13.34
CA VAL A 293 -14.50 15.67 12.82
C VAL A 293 -15.03 15.61 11.40
N TYR A 294 -15.90 16.56 11.08
CA TYR A 294 -16.27 16.84 9.70
C TYR A 294 -15.43 18.02 9.24
N LEU A 295 -14.50 17.76 8.33
CA LEU A 295 -13.65 18.82 7.85
C LEU A 295 -14.44 19.82 7.00
N LYS A 296 -13.87 21.01 6.87
CA LYS A 296 -14.36 21.98 5.91
C LYS A 296 -13.99 21.55 4.49
N GLN A 297 -14.86 21.92 3.55
CA GLN A 297 -14.59 21.64 2.14
C GLN A 297 -13.23 22.17 1.71
N GLU A 298 -12.87 23.35 2.20
CA GLU A 298 -11.58 23.93 1.87
C GLU A 298 -10.43 23.02 2.27
N GLN A 299 -10.50 22.42 3.47
CA GLN A 299 -9.44 21.49 3.88
C GLN A 299 -9.50 20.20 3.08
N VAL A 300 -10.71 19.69 2.79
CA VAL A 300 -10.82 18.51 1.93
C VAL A 300 -10.16 18.75 0.58
N THR A 301 -10.28 19.97 0.05
CA THR A 301 -9.70 20.27 -1.25
C THR A 301 -8.18 20.23 -1.19
N GLU A 302 -7.61 20.81 -0.14
CA GLU A 302 -6.16 20.80 -0.01
C GLU A 302 -5.65 19.38 0.23
N MET A 303 -6.37 18.58 1.03
CA MET A 303 -6.00 17.19 1.21
C MET A 303 -6.01 16.44 -0.11
N ALA A 304 -7.03 16.68 -0.95
CA ALA A 304 -7.16 15.91 -2.18
C ALA A 304 -6.02 16.20 -3.15
N TYR A 305 -5.65 17.48 -3.26
CA TYR A 305 -4.58 17.87 -4.16
C TYR A 305 -3.22 17.45 -3.61
N GLY A 306 -3.04 17.51 -2.29
CA GLY A 306 -1.80 17.00 -1.71
C GLY A 306 -1.66 15.51 -1.92
N ILE A 307 -2.76 14.77 -1.77
CA ILE A 307 -2.72 13.35 -2.07
C ILE A 307 -2.35 13.12 -3.52
N LEU A 308 -2.96 13.89 -4.45
CA LEU A 308 -2.62 13.74 -5.87
C LEU A 308 -1.19 14.14 -6.16
N ASN A 309 -0.74 15.29 -5.65
CA ASN A 309 0.60 15.77 -5.97
C ASN A 309 1.68 14.95 -5.32
N SER A 310 1.36 14.18 -4.27
CA SER A 310 2.36 13.32 -3.64
C SER A 310 2.59 12.05 -4.44
N GLU A 311 1.59 11.64 -5.23
CA GLU A 311 1.59 10.44 -6.07
C GLU A 311 1.60 9.14 -5.29
N VAL A 312 1.51 9.17 -3.96
CA VAL A 312 1.50 7.93 -3.21
C VAL A 312 0.23 7.16 -3.52
N SER A 313 0.22 5.88 -3.15
CA SER A 313 -1.03 5.14 -3.24
C SER A 313 -1.79 5.33 -1.93
N PHE A 314 -3.12 5.37 -2.01
CA PHE A 314 -3.87 5.80 -0.84
C PHE A 314 -5.20 5.06 -0.73
N LEU A 315 -5.68 4.95 0.50
CA LEU A 315 -7.05 4.58 0.80
C LEU A 315 -7.60 5.67 1.70
N TRP A 316 -8.59 6.42 1.22
CA TRP A 316 -9.09 7.60 1.90
C TRP A 316 -10.52 7.34 2.37
N VAL A 317 -10.74 7.39 3.69
CA VAL A 317 -12.07 7.29 4.25
C VAL A 317 -12.61 8.72 4.34
N LEU A 318 -13.55 9.06 3.48
CA LEU A 318 -14.07 10.42 3.38
C LEU A 318 -15.50 10.41 3.88
N ARG A 319 -15.72 11.02 5.04
CA ARG A 319 -17.04 11.14 5.62
C ARG A 319 -18.04 11.70 4.59
N PRO A 320 -19.22 11.09 4.46
CA PRO A 320 -20.17 11.55 3.46
C PRO A 320 -20.91 12.80 3.95
N PRO A 321 -21.45 13.60 3.03
CA PRO A 321 -22.35 14.69 3.44
C PRO A 321 -23.57 14.12 4.15
N SER A 322 -23.75 14.51 5.42
CA SER A 322 -24.86 14.00 6.21
C SER A 322 -26.26 14.48 5.70
N LYS A 323 -26.30 15.08 4.50
CA LYS A 323 -27.54 15.40 3.78
C LYS A 323 -28.43 16.37 4.55
N GLU A 328 -22.37 21.68 3.36
CA GLU A 328 -20.97 21.33 3.15
C GLU A 328 -20.84 20.01 2.40
N PRO A 329 -20.23 20.05 1.22
CA PRO A 329 -20.38 18.94 0.25
C PRO A 329 -19.29 17.86 0.20
N HIS A 330 -18.07 18.14 0.66
CA HIS A 330 -16.93 17.21 0.54
C HIS A 330 -16.68 16.78 -0.90
N VAL A 331 -16.90 17.71 -1.85
CA VAL A 331 -16.64 17.46 -3.26
C VAL A 331 -15.14 17.35 -3.51
N LEU A 332 -14.74 16.44 -4.43
CA LEU A 332 -13.35 16.30 -4.79
C LEU A 332 -13.07 16.97 -6.14
N PRO A 333 -11.85 17.46 -6.35
CA PRO A 333 -11.52 18.12 -7.61
C PRO A 333 -11.86 17.28 -8.84
N GLU A 334 -12.21 17.99 -9.92
CA GLU A 334 -12.51 17.33 -11.19
C GLU A 334 -11.38 16.42 -11.62
N GLU A 335 -10.14 16.93 -11.58
CA GLU A 335 -9.01 16.11 -11.99
C GLU A 335 -8.81 14.88 -11.11
N PHE A 336 -9.14 14.98 -9.81
CA PHE A 336 -8.80 13.93 -8.84
C PHE A 336 -9.13 12.54 -9.36
N TRP A 337 -10.31 12.38 -9.95
CA TRP A 337 -10.77 11.06 -10.33
C TRP A 337 -9.93 10.47 -11.46
N GLU A 338 -9.60 11.27 -12.48
CA GLU A 338 -8.75 10.76 -13.56
C GLU A 338 -7.30 10.60 -13.12
N LYS A 339 -6.82 11.53 -12.29
CA LYS A 339 -5.41 11.53 -11.90
C LYS A 339 -5.09 10.48 -10.85
N ALA A 340 -6.08 10.06 -10.06
CA ALA A 340 -5.85 9.03 -9.06
C ALA A 340 -5.57 7.68 -9.70
N GLY A 341 -5.97 7.48 -10.95
CA GLY A 341 -5.72 6.24 -11.66
C GLY A 341 -6.06 5.01 -10.83
N ASP A 342 -5.23 3.99 -10.93
CA ASP A 342 -5.44 2.77 -10.16
C ASP A 342 -4.83 2.84 -8.77
N ARG A 343 -4.09 3.90 -8.48
CA ARG A 343 -3.35 3.97 -7.23
C ARG A 343 -4.21 4.33 -6.03
N GLY A 344 -5.43 4.82 -6.22
CA GLY A 344 -6.20 5.30 -5.10
C GLY A 344 -7.55 4.65 -4.93
N LYS A 345 -8.12 4.80 -3.74
CA LYS A 345 -9.48 4.36 -3.53
C LYS A 345 -10.08 5.22 -2.43
N VAL A 346 -11.30 5.68 -2.68
CA VAL A 346 -12.03 6.56 -1.77
C VAL A 346 -13.28 5.82 -1.33
N VAL A 347 -13.48 5.74 -0.01
CA VAL A 347 -14.57 4.97 0.57
C VAL A 347 -15.25 5.82 1.64
N GLN A 348 -16.43 5.37 2.02
CA GLN A 348 -17.27 6.03 3.00
C GLN A 348 -17.05 5.51 4.41
N TRP A 349 -16.67 4.23 4.50
CA TRP A 349 -16.51 3.55 5.76
C TRP A 349 -15.38 2.56 5.55
N SER A 350 -14.70 2.19 6.64
CA SER A 350 -13.65 1.20 6.51
C SER A 350 -13.49 0.47 7.83
N PRO A 351 -13.08 -0.80 7.81
CA PRO A 351 -12.71 -1.48 9.06
C PRO A 351 -11.29 -1.14 9.45
N GLN A 352 -11.14 -0.19 10.38
CA GLN A 352 -9.83 0.41 10.63
C GLN A 352 -8.83 -0.60 11.16
N GLU A 353 -9.26 -1.45 12.09
CA GLU A 353 -8.36 -2.48 12.63
C GLU A 353 -7.90 -3.42 11.52
N GLN A 354 -8.80 -3.80 10.61
CA GLN A 354 -8.37 -4.68 9.53
C GLN A 354 -7.37 -4.00 8.60
N VAL A 355 -7.63 -2.74 8.23
CA VAL A 355 -6.75 -2.03 7.31
C VAL A 355 -5.35 -1.87 7.91
N LEU A 356 -5.28 -1.51 9.20
CA LEU A 356 -3.98 -1.24 9.79
C LEU A 356 -3.12 -2.48 9.93
N ALA A 357 -3.72 -3.66 10.01
CA ALA A 357 -2.97 -4.91 10.04
C ALA A 357 -2.70 -5.46 8.65
N HIS A 358 -3.18 -4.78 7.60
CA HIS A 358 -3.03 -5.35 6.27
C HIS A 358 -1.62 -5.13 5.73
N PRO A 359 -1.04 -6.13 5.07
CA PRO A 359 0.30 -5.97 4.49
C PRO A 359 0.47 -4.73 3.62
N ALA A 360 -0.58 -4.33 2.88
CA ALA A 360 -0.41 -3.25 1.91
C ALA A 360 -0.27 -1.89 2.58
N THR A 361 -0.76 -1.73 3.80
CA THR A 361 -0.77 -0.45 4.50
C THR A 361 0.64 0.00 4.86
N ALA A 362 1.02 1.21 4.41
CA ALA A 362 2.35 1.75 4.69
C ALA A 362 2.36 2.88 5.71
N ALA A 363 1.24 3.59 5.91
CA ALA A 363 1.18 4.73 6.82
C ALA A 363 -0.28 5.07 7.09
N PHE A 364 -0.50 5.79 8.19
CA PHE A 364 -1.84 6.09 8.68
C PHE A 364 -1.87 7.60 8.94
N LEU A 365 -2.58 8.36 8.11
CA LEU A 365 -2.81 9.78 8.36
C LEU A 365 -4.04 9.85 9.26
N THR A 366 -3.86 10.30 10.50
CA THR A 366 -4.86 10.05 11.53
C THR A 366 -5.09 11.31 12.33
N HIS A 367 -6.26 11.38 12.97
CA HIS A 367 -6.54 12.43 13.93
C HIS A 367 -5.86 12.21 15.27
N CYS A 368 -5.19 11.06 15.47
CA CYS A 368 -4.42 10.79 16.67
C CYS A 368 -5.27 10.71 17.91
N GLY A 369 -6.53 10.29 17.77
CA GLY A 369 -7.26 9.81 18.93
C GLY A 369 -6.45 8.71 19.62
N TRP A 370 -6.69 8.51 20.92
CA TRP A 370 -5.83 7.59 21.65
C TRP A 370 -6.00 6.14 21.15
N ASN A 371 -7.23 5.76 20.80
CA ASN A 371 -7.45 4.43 20.23
C ASN A 371 -6.74 4.27 18.89
N SER A 372 -6.87 5.27 18.02
CA SER A 372 -6.15 5.22 16.75
C SER A 372 -4.65 5.15 16.97
N THR A 373 -4.15 5.91 17.96
CA THR A 373 -2.72 5.90 18.25
C THR A 373 -2.27 4.50 18.64
N GLN A 374 -3.00 3.90 19.59
CA GLN A 374 -2.67 2.55 20.05
C GLN A 374 -2.75 1.53 18.94
N GLU A 375 -3.73 1.67 18.03
CA GLU A 375 -3.89 0.68 16.96
C GLU A 375 -2.75 0.78 15.95
N ALA A 376 -2.28 2.00 15.66
CA ALA A 376 -1.14 2.13 14.76
C ALA A 376 0.16 1.66 15.40
N ILE A 377 0.38 2.04 16.67
CA ILE A 377 1.54 1.56 17.43
C ILE A 377 1.56 0.03 17.40
N SER A 378 0.42 -0.58 17.68
CA SER A 378 0.36 -2.04 17.82
C SER A 378 0.27 -2.76 16.49
N SER A 379 -0.12 -2.09 15.41
CA SER A 379 -0.15 -2.71 14.09
C SER A 379 1.15 -2.50 13.31
N GLY A 380 2.09 -1.72 13.84
CA GLY A 380 3.32 -1.43 13.14
C GLY A 380 3.25 -0.45 11.99
N VAL A 381 2.36 0.54 12.05
CA VAL A 381 2.12 1.44 10.92
C VAL A 381 2.50 2.86 11.30
N PRO A 382 3.48 3.48 10.62
CA PRO A 382 3.86 4.86 10.94
C PRO A 382 2.70 5.81 10.66
N VAL A 383 2.73 6.97 11.32
CA VAL A 383 1.58 7.85 11.27
C VAL A 383 1.99 9.22 10.71
N ILE A 384 1.00 9.87 10.10
CA ILE A 384 1.03 11.30 9.82
C ILE A 384 0.03 11.94 10.78
N THR A 385 0.51 12.83 11.64
CA THR A 385 -0.35 13.35 12.70
C THR A 385 -1.17 14.54 12.18
N PHE A 386 -2.50 14.39 12.24
CA PHE A 386 -3.45 15.45 11.90
C PHE A 386 -4.41 15.62 13.07
N PRO A 387 -3.91 15.95 14.26
CA PRO A 387 -4.80 16.03 15.43
C PRO A 387 -5.79 17.18 15.30
N GLN A 388 -6.95 17.03 15.94
CA GLN A 388 -7.97 18.08 15.93
C GLN A 388 -8.14 18.75 17.29
N PHE A 389 -8.44 18.00 18.35
CA PHE A 389 -8.68 18.61 19.66
C PHE A 389 -8.51 17.57 20.77
N GLY A 390 -8.62 18.05 22.00
CA GLY A 390 -8.50 17.21 23.18
C GLY A 390 -7.11 16.64 23.28
N ASP A 391 -7.02 15.37 23.68
CA ASP A 391 -5.72 14.71 23.86
C ASP A 391 -5.03 14.39 22.55
N GLN A 392 -5.74 14.52 21.42
CA GLN A 392 -5.13 14.29 20.12
C GLN A 392 -3.84 15.08 19.94
N VAL A 393 -3.79 16.30 20.45
CA VAL A 393 -2.57 17.10 20.26
C VAL A 393 -1.46 16.55 21.13
N THR A 394 -1.80 15.96 22.27
CA THR A 394 -0.77 15.35 23.12
C THR A 394 -0.24 14.08 22.48
N ASN A 395 -1.15 13.19 22.06
CA ASN A 395 -0.76 11.98 21.36
C ASN A 395 0.10 12.29 20.15
N ALA A 396 -0.26 13.34 19.39
CA ALA A 396 0.51 13.68 18.20
C ALA A 396 1.93 14.05 18.54
N LYS A 397 2.12 14.81 19.62
CA LYS A 397 3.46 15.10 20.08
C LYS A 397 4.24 13.81 20.32
N PHE A 398 3.65 12.88 21.07
CA PHE A 398 4.40 11.68 21.40
C PHE A 398 4.67 10.85 20.16
N LEU A 399 3.69 10.78 19.25
CA LEU A 399 3.89 9.99 18.04
C LEU A 399 5.09 10.46 17.23
N VAL A 400 5.36 11.76 17.25
CA VAL A 400 6.40 12.34 16.43
C VAL A 400 7.71 12.49 17.21
N GLU A 401 7.65 12.94 18.47
CA GLU A 401 8.89 13.22 19.20
C GLU A 401 9.29 12.15 20.21
N GLU A 402 8.39 11.30 20.66
CA GLU A 402 8.70 10.33 21.71
C GLU A 402 8.67 8.89 21.19
N PHE A 403 7.54 8.44 20.64
CA PHE A 403 7.52 7.12 20.02
C PHE A 403 8.30 7.08 18.71
N LYS A 404 8.45 8.25 18.06
CA LYS A 404 9.25 8.42 16.85
C LYS A 404 8.77 7.56 15.68
N VAL A 405 7.44 7.46 15.52
CA VAL A 405 6.86 6.73 14.39
C VAL A 405 6.09 7.65 13.44
N GLY A 406 6.20 8.96 13.61
CA GLY A 406 5.24 9.87 13.00
C GLY A 406 5.89 11.05 12.31
N VAL A 407 5.17 11.59 11.33
CA VAL A 407 5.52 12.84 10.67
C VAL A 407 4.42 13.84 10.99
N ARG A 408 4.80 15.07 11.33
CA ARG A 408 3.80 16.05 11.73
C ARG A 408 3.14 16.72 10.53
N LEU A 409 1.80 16.75 10.54
CA LEU A 409 1.08 17.53 9.56
C LEU A 409 0.43 18.77 10.15
N SER A 410 -0.15 18.71 11.35
CA SER A 410 -0.74 19.90 11.94
C SER A 410 -0.61 19.85 13.46
N ARG A 411 -0.91 20.98 14.10
CA ARG A 411 -0.85 21.15 15.53
C ARG A 411 -2.22 21.20 16.19
N GLY A 412 -3.29 20.96 15.44
CA GLY A 412 -4.63 20.98 15.99
C GLY A 412 -5.47 22.14 15.48
N GLU A 413 -6.79 22.02 15.69
CA GLU A 413 -7.75 23.03 15.24
C GLU A 413 -7.57 24.37 15.92
N LEU A 414 -6.97 24.39 17.11
CA LEU A 414 -6.77 25.67 17.78
C LEU A 414 -5.86 26.58 16.96
N GLU A 415 -4.93 26.00 16.19
CA GLU A 415 -4.14 26.82 15.28
C GLU A 415 -5.02 27.58 14.30
N ASN A 416 -6.19 27.02 13.96
CA ASN A 416 -7.23 27.79 13.28
C ASN A 416 -6.80 28.21 11.86
N ARG A 417 -6.12 27.32 11.16
CA ARG A 417 -5.68 27.56 9.79
C ARG A 417 -5.93 26.30 8.96
N ILE A 418 -6.05 26.51 7.64
CA ILE A 418 -6.17 25.39 6.71
C ILE A 418 -4.78 24.81 6.46
N ILE A 419 -4.66 23.50 6.55
CA ILE A 419 -3.42 22.84 6.14
C ILE A 419 -3.39 22.79 4.62
N THR A 420 -2.41 23.48 4.02
CA THR A 420 -2.34 23.63 2.56
C THR A 420 -1.95 22.32 1.88
N ARG A 421 -2.22 22.24 0.57
CA ARG A 421 -1.88 21.04 -0.20
C ARG A 421 -0.39 20.76 -0.18
N ASP A 422 0.46 21.78 -0.10
CA ASP A 422 1.90 21.55 -0.10
C ASP A 422 2.35 20.87 1.19
N GLU A 423 1.84 21.34 2.34
CA GLU A 423 2.08 20.65 3.61
C GLU A 423 1.56 19.23 3.59
N VAL A 424 0.40 19.00 2.96
CA VAL A 424 -0.12 17.64 2.88
C VAL A 424 0.80 16.77 2.04
N GLU A 425 1.29 17.30 0.91
CA GLU A 425 2.17 16.50 0.07
C GLU A 425 3.48 16.23 0.76
N ARG A 426 3.98 17.20 1.53
CA ARG A 426 5.25 17.01 2.22
C ARG A 426 5.17 15.86 3.23
N ALA A 427 4.08 15.80 4.00
CA ALA A 427 3.91 14.72 4.97
C ALA A 427 3.85 13.35 4.28
N LEU A 428 3.02 13.25 3.23
CA LEU A 428 2.88 12.00 2.51
C LEU A 428 4.22 11.55 1.93
N ARG A 429 5.00 12.49 1.38
CA ARG A 429 6.31 12.13 0.85
C ARG A 429 7.29 11.77 1.97
N GLU A 430 7.23 12.50 3.09
CA GLU A 430 8.21 12.29 4.15
C GLU A 430 8.01 10.93 4.83
N ILE A 431 6.77 10.42 4.82
CA ILE A 431 6.47 9.15 5.47
C ILE A 431 6.65 7.92 4.57
N THR A 432 6.85 8.11 3.25
CA THR A 432 6.83 6.95 2.35
C THR A 432 8.16 6.65 1.71
N SER A 433 9.09 7.60 1.67
CA SER A 433 10.42 7.27 1.17
C SER A 433 11.41 8.26 1.75
N GLY A 434 12.66 7.81 1.88
CA GLY A 434 13.74 8.63 2.37
C GLY A 434 14.15 8.24 3.78
N PRO A 435 15.18 8.88 4.29
CA PRO A 435 15.66 8.52 5.64
C PRO A 435 14.60 8.66 6.71
N LYS A 436 13.76 9.69 6.68
CA LYS A 436 12.71 9.79 7.70
C LYS A 436 11.75 8.61 7.58
N ALA A 437 11.39 8.23 6.35
CA ALA A 437 10.47 7.11 6.18
C ALA A 437 11.07 5.80 6.67
N GLU A 438 12.40 5.63 6.53
CA GLU A 438 13.03 4.39 7.00
C GLU A 438 13.09 4.36 8.52
N GLU A 439 13.41 5.49 9.15
CA GLU A 439 13.45 5.55 10.61
C GLU A 439 12.09 5.25 11.25
N VAL A 440 11.01 5.81 10.70
CA VAL A 440 9.71 5.58 11.31
C VAL A 440 9.19 4.16 11.04
N LYS A 441 9.52 3.58 9.88
CA LYS A 441 9.08 2.22 9.59
C LYS A 441 9.76 1.20 10.52
N GLU A 442 11.04 1.35 10.78
CA GLU A 442 11.69 0.41 11.65
C GLU A 442 11.34 0.65 13.12
N ASN A 443 11.13 1.91 13.52
CA ASN A 443 10.60 2.15 14.86
C ASN A 443 9.20 1.55 15.02
N ALA A 444 8.35 1.66 13.99
CA ALA A 444 7.04 1.03 14.07
C ALA A 444 7.14 -0.49 14.22
N LEU A 445 8.15 -1.10 13.62
CA LEU A 445 8.33 -2.54 13.81
C LEU A 445 8.64 -2.85 15.28
N LYS A 446 9.56 -2.11 15.89
CA LYS A 446 9.91 -2.33 17.30
C LYS A 446 8.69 -2.17 18.21
N TRP A 447 7.86 -1.14 17.94
CA TRP A 447 6.68 -0.95 18.77
C TRP A 447 5.69 -2.09 18.60
N LYS A 448 5.56 -2.63 17.39
CA LYS A 448 4.63 -3.72 17.15
C LYS A 448 5.06 -4.98 17.90
N LYS A 449 6.36 -5.27 17.91
CA LYS A 449 6.84 -6.42 18.66
C LYS A 449 6.61 -6.22 20.15
N ALA A 450 6.91 -5.02 20.66
CA ALA A 450 6.70 -4.71 22.06
C ALA A 450 5.24 -4.87 22.48
N ALA A 451 4.32 -4.41 21.62
CA ALA A 451 2.90 -4.46 21.95
C ALA A 451 2.37 -5.89 21.93
N GLU A 452 2.83 -6.70 20.97
CA GLU A 452 2.50 -8.13 20.98
C GLU A 452 3.01 -8.78 22.26
N GLU A 453 4.25 -8.47 22.62
CA GLU A 453 4.87 -9.09 23.78
C GLU A 453 4.10 -8.77 25.06
N THR A 454 3.56 -7.56 25.17
CA THR A 454 3.04 -7.17 26.47
C THR A 454 1.67 -7.75 26.75
N VAL A 455 0.97 -8.28 25.73
CA VAL A 455 -0.30 -8.95 25.95
C VAL A 455 -0.20 -10.46 25.82
N ALA A 456 0.94 -10.99 25.36
CA ALA A 456 1.18 -12.42 25.37
C ALA A 456 1.41 -12.88 26.80
N LYS A 457 1.28 -14.19 27.01
CA LYS A 457 1.55 -14.75 28.32
C LYS A 457 2.93 -14.34 28.81
N GLY A 458 2.99 -13.85 30.05
CA GLY A 458 4.21 -13.33 30.61
C GLY A 458 4.46 -11.86 30.40
N GLY A 459 3.65 -11.19 29.54
CA GLY A 459 3.87 -9.80 29.26
C GLY A 459 3.41 -8.90 30.40
N ASN A 460 3.93 -7.67 30.42
CA ASN A 460 3.59 -6.75 31.49
C ASN A 460 2.08 -6.54 31.56
N SER A 461 1.45 -6.23 30.41
CA SER A 461 0.02 -5.94 30.40
C SER A 461 -0.81 -7.17 30.75
N GLU A 462 -0.45 -8.36 30.26
CA GLU A 462 -1.27 -9.51 30.61
C GLU A 462 -1.12 -9.88 32.08
N ARG A 463 0.05 -9.62 32.67
CA ARG A 463 0.24 -9.93 34.08
C ARG A 463 -0.49 -8.95 34.98
N ASN A 464 -0.54 -7.67 34.59
CA ASN A 464 -1.37 -6.69 35.31
C ASN A 464 -2.84 -7.09 35.30
N LEU A 465 -3.28 -7.72 34.23
CA LEU A 465 -4.67 -8.12 34.14
C LEU A 465 -4.96 -9.27 35.09
N VAL A 466 -4.09 -10.29 35.09
CA VAL A 466 -4.21 -11.37 36.05
C VAL A 466 -4.12 -10.84 37.47
N GLU A 467 -3.19 -9.93 37.73
CA GLU A 467 -3.08 -9.41 39.08
C GLU A 467 -4.32 -8.63 39.48
N PHE A 468 -4.86 -7.81 38.57
CA PHE A 468 -6.12 -7.12 38.88
C PHE A 468 -7.19 -8.11 39.31
N ILE A 469 -7.39 -9.18 38.53
CA ILE A 469 -8.37 -10.18 38.93
C ILE A 469 -8.04 -10.78 40.30
N GLU A 470 -6.75 -10.99 40.59
CA GLU A 470 -6.38 -11.54 41.89
C GLU A 470 -6.71 -10.56 43.00
N GLU A 471 -6.49 -9.27 42.76
CA GLU A 471 -6.82 -8.26 43.75
C GLU A 471 -8.33 -8.23 44.03
N VAL A 472 -9.16 -8.37 42.99
CA VAL A 472 -10.60 -8.38 43.23
C VAL A 472 -11.00 -9.64 44.01
N ALA A 473 -10.41 -10.78 43.67
CA ALA A 473 -10.69 -12.01 44.40
C ALA A 473 -10.37 -11.85 45.88
N ARG A 474 -9.27 -11.15 46.20
CA ARG A 474 -8.90 -10.99 47.61
C ARG A 474 -9.90 -10.08 48.33
N LYS A 475 -10.50 -9.13 47.62
CA LYS A 475 -11.51 -8.28 48.23
C LYS A 475 -12.86 -8.98 48.35
N THR A 476 -13.16 -9.95 47.49
CA THR A 476 -14.42 -10.70 47.59
C THR A 476 -14.42 -11.61 48.83
N GLY A 477 -13.34 -12.33 49.06
CA GLY A 477 -13.29 -13.22 50.21
C GLY A 477 -13.03 -12.55 51.54
N SER A 478 -12.72 -11.26 51.54
CA SER A 478 -12.36 -10.51 52.74
C SER A 478 -13.38 -10.66 53.88
N ASN B 9 -58.16 23.84 -19.80
CA ASN B 9 -56.71 23.79 -19.64
C ASN B 9 -56.19 22.35 -19.51
N ASP B 10 -57.14 21.40 -19.46
CA ASP B 10 -56.81 19.99 -19.28
C ASP B 10 -55.82 19.48 -20.33
N ASN B 11 -55.83 20.05 -21.54
CA ASN B 11 -55.02 19.62 -22.67
C ASN B 11 -53.52 19.91 -22.50
N LEU B 12 -53.11 20.61 -21.45
CA LEU B 12 -51.72 21.01 -21.27
C LEU B 12 -51.05 20.16 -20.21
N HIS B 13 -49.83 19.73 -20.49
CA HIS B 13 -49.07 18.85 -19.60
C HIS B 13 -47.67 19.43 -19.45
N ILE B 14 -47.37 19.97 -18.25
CA ILE B 14 -46.06 20.52 -17.93
C ILE B 14 -45.24 19.43 -17.25
N PHE B 15 -44.04 19.20 -17.75
CA PHE B 15 -43.17 18.14 -17.27
C PHE B 15 -41.97 18.79 -16.63
N LEU B 16 -41.92 18.76 -15.30
CA LEU B 16 -40.83 19.37 -14.53
C LEU B 16 -39.68 18.37 -14.31
N VAL B 17 -38.45 18.81 -14.53
CA VAL B 17 -37.27 17.97 -14.34
C VAL B 17 -36.49 18.53 -13.16
N CYS B 18 -36.43 17.77 -12.07
CA CYS B 18 -35.71 18.18 -10.88
C CYS B 18 -34.28 17.66 -10.88
N PHE B 19 -33.49 18.26 -10.00
CA PHE B 19 -32.17 17.79 -9.66
C PHE B 19 -32.22 17.28 -8.22
N ILE B 20 -31.08 17.22 -7.59
CA ILE B 20 -30.96 16.84 -6.19
C ILE B 20 -31.09 18.08 -5.33
N GLY B 21 -31.76 17.94 -4.19
CA GLY B 21 -31.65 19.01 -3.20
C GLY B 21 -32.95 19.70 -2.85
N GLN B 22 -33.16 19.91 -1.54
CA GLN B 22 -34.22 20.79 -1.07
C GLN B 22 -34.21 22.13 -1.82
N GLY B 23 -33.02 22.59 -2.20
CA GLY B 23 -32.91 23.87 -2.88
C GLY B 23 -33.67 23.91 -4.19
N VAL B 24 -33.71 22.79 -4.92
CA VAL B 24 -34.37 22.76 -6.21
C VAL B 24 -35.69 21.99 -6.17
N VAL B 25 -35.82 20.96 -5.32
CA VAL B 25 -37.02 20.15 -5.34
C VAL B 25 -38.23 20.93 -4.84
N ASN B 26 -38.08 21.72 -3.76
CA ASN B 26 -39.22 22.48 -3.25
C ASN B 26 -39.69 23.54 -4.22
N PRO B 27 -38.84 24.38 -4.82
CA PRO B 27 -39.37 25.34 -5.80
C PRO B 27 -40.06 24.67 -6.98
N MET B 28 -39.47 23.62 -7.55
CA MET B 28 -40.16 22.88 -8.60
C MET B 28 -41.49 22.33 -8.11
N LEU B 29 -41.55 21.91 -6.85
CA LEU B 29 -42.81 21.37 -6.33
C LEU B 29 -43.86 22.46 -6.18
N ARG B 30 -43.47 23.61 -5.62
CA ARG B 30 -44.41 24.72 -5.52
C ARG B 30 -44.87 25.16 -6.90
N LEU B 31 -43.95 25.20 -7.87
CA LEU B 31 -44.33 25.56 -9.23
C LEU B 31 -45.29 24.52 -9.82
N GLY B 32 -45.01 23.24 -9.59
CA GLY B 32 -45.94 22.21 -10.03
C GLY B 32 -47.34 22.43 -9.47
N LYS B 33 -47.42 22.83 -8.20
CA LYS B 33 -48.73 23.06 -7.59
C LYS B 33 -49.44 24.24 -8.24
N ALA B 34 -48.67 25.27 -8.61
CA ALA B 34 -49.25 26.44 -9.23
C ALA B 34 -49.83 26.10 -10.61
N PHE B 35 -49.18 25.19 -11.34
CA PHE B 35 -49.75 24.78 -12.63
C PHE B 35 -50.98 23.90 -12.44
N ALA B 36 -51.02 23.14 -11.34
CA ALA B 36 -52.23 22.37 -11.05
C ALA B 36 -53.37 23.28 -10.59
N SER B 37 -53.06 24.39 -9.92
CA SER B 37 -54.05 25.42 -9.59
C SER B 37 -54.88 25.77 -10.81
N LYS B 38 -54.22 25.98 -11.94
CA LYS B 38 -54.84 26.45 -13.17
C LYS B 38 -55.43 25.34 -14.02
N GLY B 39 -55.28 24.07 -13.61
CA GLY B 39 -55.94 22.98 -14.28
C GLY B 39 -55.09 22.16 -15.22
N LEU B 40 -53.79 22.42 -15.27
CA LEU B 40 -52.89 21.68 -16.14
C LEU B 40 -52.51 20.35 -15.49
N LEU B 41 -52.27 19.35 -16.32
CA LEU B 41 -51.58 18.15 -15.86
C LEU B 41 -50.11 18.47 -15.56
N VAL B 42 -49.64 18.06 -14.39
CA VAL B 42 -48.26 18.31 -13.98
C VAL B 42 -47.61 16.98 -13.65
N THR B 43 -46.41 16.77 -14.20
CA THR B 43 -45.52 15.70 -13.77
C THR B 43 -44.26 16.33 -13.22
N LEU B 44 -43.92 15.98 -11.99
CA LEU B 44 -42.64 16.34 -11.40
C LEU B 44 -41.80 15.07 -11.47
N SER B 45 -40.73 15.11 -12.23
CA SER B 45 -39.87 13.95 -12.37
C SER B 45 -38.53 14.23 -11.70
N ALA B 46 -37.93 13.18 -11.13
CA ALA B 46 -36.71 13.33 -10.36
C ALA B 46 -35.98 12.00 -10.33
N PRO B 47 -34.65 12.02 -10.16
CA PRO B 47 -33.91 10.75 -10.10
C PRO B 47 -34.37 9.91 -8.91
N GLU B 48 -34.14 8.61 -9.04
CA GLU B 48 -34.57 7.69 -7.99
C GLU B 48 -34.01 8.08 -6.63
N ILE B 49 -32.74 8.46 -6.56
CA ILE B 49 -32.07 8.65 -5.28
C ILE B 49 -32.54 9.89 -4.53
N VAL B 50 -33.62 10.52 -5.00
CA VAL B 50 -34.34 11.52 -4.21
C VAL B 50 -35.82 11.19 -4.08
N GLY B 51 -36.29 10.15 -4.76
CA GLY B 51 -37.68 9.75 -4.64
C GLY B 51 -38.07 9.46 -3.20
N ARG B 52 -37.17 8.82 -2.46
CA ARG B 52 -37.48 8.43 -1.08
C ARG B 52 -37.76 9.64 -0.20
N GLU B 53 -37.03 10.74 -0.41
CA GLU B 53 -37.21 11.92 0.42
C GLU B 53 -38.42 12.77 0.01
N ILE B 54 -38.92 12.60 -1.22
CA ILE B 54 -40.04 13.40 -1.70
C ILE B 54 -41.38 12.79 -1.29
N ARG B 55 -41.54 11.48 -1.43
CA ARG B 55 -42.78 10.84 -1.01
C ARG B 55 -42.96 10.91 0.51
N LYS B 56 -41.85 10.88 1.26
CA LYS B 56 -41.93 10.97 2.72
C LYS B 56 -42.28 12.38 3.17
N ALA B 57 -41.94 13.40 2.38
CA ALA B 57 -42.21 14.79 2.75
C ALA B 57 -43.70 15.11 2.82
N ASN B 58 -44.58 14.26 2.28
CA ASN B 58 -46.01 14.50 2.35
C ASN B 58 -46.83 13.22 2.29
N GLN B 64 -47.18 9.27 -4.50
CA GLN B 64 -47.97 8.73 -5.61
C GLN B 64 -48.49 9.86 -6.51
N SER B 65 -49.12 10.85 -5.89
CA SER B 65 -49.68 12.01 -6.58
C SER B 65 -50.10 13.02 -5.51
N ILE B 66 -50.63 14.16 -5.95
CA ILE B 66 -51.22 15.13 -5.04
C ILE B 66 -52.17 16.00 -5.84
N LYS B 67 -53.47 15.84 -5.61
CA LYS B 67 -54.47 16.61 -6.34
C LYS B 67 -54.47 18.04 -5.83
N VAL B 68 -54.51 19.00 -6.77
CA VAL B 68 -54.43 20.42 -6.45
C VAL B 68 -55.47 21.19 -7.25
N GLY B 69 -56.75 21.03 -6.90
CA GLY B 69 -57.81 21.75 -7.58
C GLY B 69 -58.18 21.16 -8.92
N ASN B 70 -58.34 22.00 -9.95
CA ASN B 70 -58.67 21.54 -11.29
C ASN B 70 -57.55 20.76 -11.95
N GLY B 71 -56.37 20.68 -11.31
CA GLY B 71 -55.23 19.93 -11.83
C GLY B 71 -54.64 18.99 -10.79
N MET B 72 -53.44 18.46 -11.05
CA MET B 72 -52.85 17.48 -10.15
C MET B 72 -51.40 17.21 -10.55
N ILE B 73 -50.58 16.94 -9.54
CA ILE B 73 -49.16 16.66 -9.73
C ILE B 73 -48.94 15.16 -9.73
N ARG B 74 -48.37 14.63 -10.81
CA ARG B 74 -47.83 13.28 -10.85
C ARG B 74 -46.37 13.33 -10.48
N PHE B 75 -45.94 12.40 -9.63
CA PHE B 75 -44.53 12.17 -9.37
C PHE B 75 -44.08 10.96 -10.19
N GLU B 76 -43.01 11.13 -10.93
CA GLU B 76 -42.47 10.07 -11.79
C GLU B 76 -40.96 10.05 -11.62
N PHE B 77 -40.43 9.06 -10.92
CA PHE B 77 -39.00 8.98 -10.70
C PHE B 77 -38.37 8.03 -11.72
N PHE B 78 -37.19 8.39 -12.19
CA PHE B 78 -36.47 7.63 -13.20
C PHE B 78 -35.11 7.19 -12.66
N ASP B 79 -34.64 6.05 -13.12
CA ASP B 79 -33.38 5.51 -12.62
C ASP B 79 -32.20 6.17 -13.32
N ASP B 80 -31.39 6.90 -12.56
CA ASP B 80 -30.17 7.51 -13.08
C ASP B 80 -29.01 6.53 -13.18
N GLY B 81 -29.15 5.31 -12.67
CA GLY B 81 -28.06 4.37 -12.68
C GLY B 81 -26.83 4.84 -11.95
N TRP B 82 -27.02 5.48 -10.80
CA TRP B 82 -25.89 5.96 -10.01
C TRP B 82 -25.20 4.82 -9.29
N GLU B 83 -25.98 4.01 -8.55
CA GLU B 83 -25.41 3.01 -7.66
C GLU B 83 -24.47 2.06 -8.40
N SER B 84 -24.93 1.53 -9.54
CA SER B 84 -24.13 0.57 -10.30
C SER B 84 -22.83 1.18 -10.83
N VAL B 85 -22.74 2.51 -10.88
CA VAL B 85 -21.56 3.17 -11.41
C VAL B 85 -20.71 3.82 -10.33
N ASN B 86 -21.33 4.26 -9.24
CA ASN B 86 -20.62 4.98 -8.19
C ASN B 86 -20.14 4.06 -7.06
N GLY B 87 -20.89 3.00 -6.76
CA GLY B 87 -20.43 1.99 -5.81
C GLY B 87 -20.21 2.53 -4.42
N SER B 88 -19.11 2.11 -3.81
CA SER B 88 -18.81 2.49 -2.43
C SER B 88 -18.23 3.88 -2.29
N LYS B 89 -18.07 4.64 -3.38
CA LYS B 89 -17.55 5.98 -3.23
C LYS B 89 -18.56 6.85 -2.51
N PRO B 90 -18.11 7.79 -1.68
CA PRO B 90 -19.06 8.76 -1.11
C PRO B 90 -19.63 9.66 -2.21
N PHE B 91 -20.86 10.10 -1.97
CA PHE B 91 -21.58 10.89 -2.98
C PHE B 91 -20.88 12.21 -3.24
N ASP B 92 -20.63 12.49 -4.52
CA ASP B 92 -19.91 13.69 -4.97
C ASP B 92 -20.83 14.40 -5.96
N VAL B 93 -21.40 15.54 -5.55
CA VAL B 93 -22.38 16.18 -6.41
C VAL B 93 -21.73 16.69 -7.70
N GLY B 94 -20.42 16.96 -7.68
CA GLY B 94 -19.74 17.34 -8.91
C GLY B 94 -19.67 16.19 -9.90
N VAL B 95 -19.42 14.97 -9.40
CA VAL B 95 -19.45 13.80 -10.26
C VAL B 95 -20.89 13.50 -10.69
N TYR B 96 -21.83 13.64 -9.77
CA TYR B 96 -23.19 13.22 -10.07
C TYR B 96 -23.84 14.09 -11.15
N ILE B 97 -23.54 15.39 -11.15
CA ILE B 97 -24.16 16.31 -12.10
C ILE B 97 -23.75 15.94 -13.52
N ASN B 98 -22.50 15.54 -13.73
CA ASN B 98 -22.06 15.12 -15.06
C ASN B 98 -22.66 13.77 -15.44
N HIS B 99 -22.79 12.87 -14.46
CA HIS B 99 -23.41 11.58 -14.75
C HIS B 99 -24.89 11.75 -15.10
N LEU B 100 -25.64 12.45 -14.26
CA LEU B 100 -27.06 12.66 -14.51
C LEU B 100 -27.31 13.33 -15.85
N ASP B 101 -26.40 14.22 -16.26
CA ASP B 101 -26.38 14.75 -17.61
C ASP B 101 -26.39 13.63 -18.64
N GLN B 102 -25.40 12.75 -18.56
CA GLN B 102 -25.26 11.68 -19.54
C GLN B 102 -26.44 10.72 -19.47
N ALA B 103 -26.81 10.31 -18.26
CA ALA B 103 -27.95 9.41 -18.11
C ALA B 103 -29.24 10.06 -18.62
N GLY B 104 -29.41 11.36 -18.35
CA GLY B 104 -30.66 12.01 -18.68
C GLY B 104 -30.84 12.27 -20.16
N ARG B 105 -29.75 12.43 -20.91
CA ARG B 105 -29.92 12.56 -22.36
C ARG B 105 -30.45 11.28 -22.96
N GLN B 106 -30.35 10.17 -22.23
CA GLN B 106 -30.86 8.88 -22.65
C GLN B 106 -32.27 8.62 -22.14
N LYS B 107 -32.53 8.83 -20.85
CA LYS B 107 -33.83 8.42 -20.33
C LYS B 107 -34.94 9.41 -20.68
N LEU B 108 -34.63 10.70 -20.78
CA LEU B 108 -35.67 11.70 -20.96
C LEU B 108 -36.37 11.53 -22.32
N PRO B 109 -35.64 11.22 -23.41
CA PRO B 109 -36.36 10.88 -24.66
C PRO B 109 -37.36 9.76 -24.51
N ILE B 110 -37.04 8.73 -23.71
CA ILE B 110 -37.95 7.61 -23.49
C ILE B 110 -39.17 8.04 -22.70
N MET B 111 -38.95 8.78 -21.61
CA MET B 111 -40.06 9.23 -20.78
C MET B 111 -41.02 10.13 -21.57
N LEU B 112 -40.47 11.09 -22.32
CA LEU B 112 -41.33 11.94 -23.15
C LEU B 112 -42.09 11.11 -24.17
N LYS B 113 -41.40 10.20 -24.85
CA LYS B 113 -42.08 9.33 -25.81
C LYS B 113 -43.22 8.56 -25.14
N LYS B 114 -43.03 8.17 -23.88
CA LYS B 114 -44.05 7.36 -23.22
C LYS B 114 -45.28 8.18 -22.84
N HIS B 115 -45.11 9.46 -22.53
CA HIS B 115 -46.28 10.29 -22.25
C HIS B 115 -47.09 10.52 -23.52
N GLU B 116 -46.41 10.71 -24.65
CA GLU B 116 -47.07 10.70 -25.95
C GLU B 116 -47.94 9.45 -26.10
N GLU B 117 -47.34 8.27 -25.98
CA GLU B 117 -48.08 7.05 -26.23
C GLU B 117 -49.20 6.79 -25.23
N SER B 118 -49.21 7.49 -24.10
CA SER B 118 -50.21 7.27 -23.07
C SER B 118 -51.28 8.36 -23.06
N GLY B 119 -51.32 9.21 -24.08
CA GLY B 119 -52.34 10.24 -24.19
C GLY B 119 -52.07 11.50 -23.37
N THR B 120 -50.85 11.68 -22.85
CA THR B 120 -50.48 12.86 -22.09
C THR B 120 -49.22 13.50 -22.69
N PRO B 121 -49.24 13.86 -23.97
CA PRO B 121 -48.03 14.42 -24.58
C PRO B 121 -47.56 15.65 -23.81
N VAL B 122 -46.25 15.80 -23.68
CA VAL B 122 -45.71 16.91 -22.92
C VAL B 122 -45.83 18.19 -23.74
N SER B 123 -46.39 19.22 -23.13
CA SER B 123 -46.55 20.50 -23.81
C SER B 123 -45.37 21.43 -23.58
N CYS B 124 -44.68 21.26 -22.46
CA CYS B 124 -43.58 22.14 -22.11
C CYS B 124 -42.73 21.46 -21.04
N LEU B 125 -41.42 21.49 -21.23
CA LEU B 125 -40.49 21.03 -20.21
C LEU B 125 -40.07 22.22 -19.39
N ILE B 126 -40.01 22.03 -18.07
CA ILE B 126 -39.44 23.03 -17.18
C ILE B 126 -38.23 22.41 -16.52
N LEU B 127 -37.07 22.99 -16.78
CA LEU B 127 -35.82 22.51 -16.20
C LEU B 127 -35.36 23.50 -15.15
N ASN B 128 -34.22 23.22 -14.56
CA ASN B 128 -33.59 24.11 -13.59
C ASN B 128 -32.12 24.23 -13.96
N PRO B 129 -31.40 25.17 -13.36
CA PRO B 129 -30.02 25.42 -13.82
C PRO B 129 -29.08 24.21 -13.73
N LEU B 130 -29.32 23.26 -12.82
CA LEU B 130 -28.42 22.14 -12.66
C LEU B 130 -28.69 21.00 -13.63
N VAL B 131 -29.72 21.09 -14.45
CA VAL B 131 -29.92 20.11 -15.52
C VAL B 131 -30.08 20.86 -16.85
N PRO B 132 -29.09 21.63 -17.31
CA PRO B 132 -29.30 22.42 -18.54
C PRO B 132 -29.43 21.57 -19.79
N TRP B 133 -28.98 20.32 -19.74
CA TRP B 133 -29.09 19.45 -20.91
C TRP B 133 -30.54 19.15 -21.29
N VAL B 134 -31.49 19.33 -20.37
CA VAL B 134 -32.90 19.11 -20.71
C VAL B 134 -33.29 19.97 -21.91
N ALA B 135 -32.71 21.16 -22.01
CA ALA B 135 -33.03 22.10 -23.09
C ALA B 135 -32.40 21.67 -24.40
N ASP B 136 -31.25 21.01 -24.36
CA ASP B 136 -30.71 20.46 -25.59
C ASP B 136 -31.60 19.33 -26.12
N VAL B 137 -32.08 18.47 -25.21
CA VAL B 137 -32.94 17.37 -25.62
C VAL B 137 -34.30 17.89 -26.06
N ALA B 138 -34.82 18.91 -25.37
CA ALA B 138 -36.10 19.50 -25.78
C ALA B 138 -36.00 20.07 -27.18
N ASP B 139 -34.88 20.71 -27.50
CA ASP B 139 -34.70 21.31 -28.82
C ASP B 139 -34.58 20.26 -29.91
N SER B 140 -33.82 19.19 -29.66
CA SER B 140 -33.71 18.14 -30.67
C SER B 140 -35.01 17.36 -30.86
N LEU B 141 -35.95 17.47 -29.94
CA LEU B 141 -37.26 16.82 -30.09
C LEU B 141 -38.37 17.82 -30.36
N GLN B 142 -38.02 19.10 -30.56
CA GLN B 142 -38.97 20.18 -30.85
C GLN B 142 -40.11 20.21 -29.84
N ILE B 143 -39.73 20.27 -28.57
CA ILE B 143 -40.65 20.42 -27.44
C ILE B 143 -40.30 21.72 -26.75
N PRO B 144 -41.24 22.62 -26.50
CA PRO B 144 -40.91 23.86 -25.81
C PRO B 144 -40.33 23.57 -24.43
N CYS B 145 -39.28 24.30 -24.08
CA CYS B 145 -38.70 24.17 -22.76
C CYS B 145 -38.52 25.54 -22.13
N ALA B 146 -38.72 25.59 -20.82
CA ALA B 146 -38.44 26.77 -20.02
C ALA B 146 -37.53 26.35 -18.88
N THR B 147 -36.90 27.32 -18.24
CA THR B 147 -36.09 27.01 -17.09
C THR B 147 -36.63 27.80 -15.90
N LEU B 148 -36.61 27.18 -14.73
CA LEU B 148 -36.94 27.82 -13.48
C LEU B 148 -35.64 28.22 -12.79
N TRP B 149 -35.46 29.53 -12.62
CA TRP B 149 -34.36 30.10 -11.87
C TRP B 149 -34.84 30.30 -10.44
N VAL B 150 -34.07 29.79 -9.48
CA VAL B 150 -34.53 29.70 -8.09
C VAL B 150 -33.86 30.69 -7.19
N GLN B 151 -33.02 31.56 -7.72
CA GLN B 151 -32.48 32.64 -6.91
C GLN B 151 -33.10 33.97 -7.36
N SER B 152 -32.56 35.06 -6.82
CA SER B 152 -33.10 36.37 -7.09
C SER B 152 -32.89 36.76 -8.56
N CYS B 153 -33.53 37.86 -8.97
CA CYS B 153 -33.20 38.39 -10.28
C CYS B 153 -31.83 39.06 -10.27
N ALA B 154 -31.45 39.64 -9.13
CA ALA B 154 -30.13 40.23 -8.98
C ALA B 154 -29.03 39.19 -9.15
N SER B 155 -29.22 38.02 -8.54
CA SER B 155 -28.26 36.93 -8.72
C SER B 155 -28.23 36.44 -10.17
N PHE B 156 -29.39 36.38 -10.83
CA PHE B 156 -29.42 36.00 -12.24
C PHE B 156 -28.56 36.94 -13.07
N SER B 157 -28.59 38.22 -12.75
CA SER B 157 -27.87 39.19 -13.55
C SER B 157 -26.39 39.14 -13.26
N ALA B 158 -26.02 38.85 -12.00
CA ALA B 158 -24.62 38.64 -11.70
C ALA B 158 -24.06 37.45 -12.48
N TYR B 159 -24.75 36.31 -12.43
CA TYR B 159 -24.26 35.13 -13.13
C TYR B 159 -24.24 35.34 -14.65
N TYR B 160 -25.29 35.96 -15.20
CA TYR B 160 -25.33 36.22 -16.64
C TYR B 160 -24.17 37.09 -17.07
N HIS B 161 -23.91 38.17 -16.34
CA HIS B 161 -22.87 39.11 -16.78
C HIS B 161 -21.48 38.58 -16.52
N TYR B 162 -21.33 37.73 -15.51
CA TYR B 162 -20.06 37.02 -15.33
C TYR B 162 -19.80 36.09 -16.50
N HIS B 163 -20.80 35.28 -16.87
CA HIS B 163 -20.59 34.30 -17.93
C HIS B 163 -20.25 34.94 -19.26
N HIS B 164 -20.98 35.99 -19.64
CA HIS B 164 -20.71 36.63 -20.92
C HIS B 164 -19.54 37.61 -20.87
N GLY B 165 -19.07 37.96 -19.68
CA GLY B 165 -17.91 38.84 -19.58
C GLY B 165 -18.24 40.31 -19.77
N LEU B 166 -19.43 40.73 -19.39
CA LEU B 166 -19.95 42.04 -19.76
C LEU B 166 -19.53 43.16 -18.82
N VAL B 167 -19.04 42.83 -17.64
CA VAL B 167 -18.53 43.77 -16.64
C VAL B 167 -17.40 43.04 -15.93
N PRO B 168 -16.34 43.72 -15.47
CA PRO B 168 -15.30 43.01 -14.72
C PRO B 168 -15.78 42.59 -13.34
N PHE B 169 -15.37 41.39 -12.92
CA PHE B 169 -15.65 40.82 -11.60
C PHE B 169 -14.36 40.68 -10.80
N PRO B 170 -14.45 40.46 -9.49
CA PRO B 170 -13.25 40.13 -8.72
C PRO B 170 -12.46 38.97 -9.33
N THR B 171 -11.15 39.16 -9.45
CA THR B 171 -10.24 38.14 -9.94
C THR B 171 -9.12 37.96 -8.91
N GLU B 172 -8.21 37.02 -9.17
CA GLU B 172 -7.04 36.88 -8.30
C GLU B 172 -6.25 38.17 -8.26
N SER B 173 -6.02 38.78 -9.43
CA SER B 173 -5.26 40.03 -9.48
C SER B 173 -5.99 41.16 -8.78
N GLU B 174 -7.33 41.15 -8.79
CA GLU B 174 -8.13 42.23 -8.22
C GLU B 174 -9.29 41.63 -7.45
N PRO B 175 -9.03 41.12 -6.24
CA PRO B 175 -10.08 40.40 -5.51
C PRO B 175 -11.12 41.28 -4.84
N GLU B 176 -10.93 42.61 -4.79
CA GLU B 176 -11.83 43.42 -3.98
C GLU B 176 -12.47 44.59 -4.74
N ILE B 177 -12.58 44.50 -6.07
CA ILE B 177 -13.24 45.56 -6.82
C ILE B 177 -14.76 45.46 -6.65
N ASP B 178 -15.43 46.61 -6.68
CA ASP B 178 -16.88 46.60 -6.76
C ASP B 178 -17.33 46.16 -8.15
N VAL B 179 -18.60 45.79 -8.25
CA VAL B 179 -19.21 45.38 -9.52
C VAL B 179 -20.52 46.14 -9.69
N GLN B 180 -20.59 46.99 -10.73
CA GLN B 180 -21.83 47.69 -11.06
C GLN B 180 -22.50 46.94 -12.21
N LEU B 181 -23.66 46.36 -11.93
CA LEU B 181 -24.46 45.72 -12.94
C LEU B 181 -25.60 46.64 -13.34
N PRO B 182 -26.14 46.47 -14.55
CA PRO B 182 -27.23 47.35 -14.97
C PRO B 182 -28.46 47.12 -14.10
N GLY B 183 -29.08 48.23 -13.70
CA GLY B 183 -30.34 48.18 -13.01
C GLY B 183 -30.27 47.80 -11.56
N MET B 184 -29.07 47.69 -11.01
CA MET B 184 -28.87 47.24 -9.64
C MET B 184 -28.01 48.21 -8.84
N PRO B 185 -28.12 48.17 -7.52
CA PRO B 185 -27.15 48.90 -6.70
C PRO B 185 -25.74 48.37 -6.93
N LEU B 186 -24.77 49.16 -6.52
CA LEU B 186 -23.37 48.75 -6.61
C LEU B 186 -23.13 47.58 -5.67
N LEU B 187 -22.44 46.56 -6.16
CA LEU B 187 -22.07 45.39 -5.35
C LEU B 187 -20.61 45.50 -4.90
N LYS B 188 -20.38 45.38 -3.59
CA LYS B 188 -19.02 45.20 -3.12
C LYS B 188 -18.55 43.78 -3.45
N TYR B 189 -17.23 43.58 -3.44
CA TYR B 189 -16.65 42.33 -3.93
C TYR B 189 -17.25 41.12 -3.24
N ASP B 190 -17.56 41.23 -1.95
CA ASP B 190 -18.11 40.10 -1.20
C ASP B 190 -19.63 40.06 -1.25
N GLU B 191 -20.27 40.93 -2.02
CA GLU B 191 -21.71 40.90 -2.20
C GLU B 191 -22.12 40.27 -3.53
N VAL B 192 -21.17 40.03 -4.42
CA VAL B 192 -21.45 39.21 -5.61
C VAL B 192 -21.68 37.77 -5.16
N PRO B 193 -22.64 37.02 -5.77
CA PRO B 193 -22.81 35.61 -5.40
C PRO B 193 -21.45 34.92 -5.27
N ASP B 194 -21.03 34.58 -4.04
CA ASP B 194 -19.59 34.42 -3.87
C ASP B 194 -19.05 33.07 -4.31
N TYR B 195 -19.87 32.19 -4.89
CA TYR B 195 -19.34 31.06 -5.63
C TYR B 195 -18.53 31.51 -6.84
N LEU B 196 -18.71 32.76 -7.24
CA LEU B 196 -17.98 33.40 -8.33
C LEU B 196 -16.70 34.08 -7.88
N HIS B 197 -16.51 34.28 -6.56
CA HIS B 197 -15.29 34.91 -6.07
C HIS B 197 -14.13 33.93 -6.15
N PRO B 198 -12.92 34.41 -6.45
CA PRO B 198 -11.74 33.54 -6.47
C PRO B 198 -11.43 32.91 -5.13
N ARG B 199 -11.89 33.50 -4.02
CA ARG B 199 -11.63 32.95 -2.70
C ARG B 199 -12.64 31.88 -2.29
N THR B 200 -13.63 31.56 -3.10
CA THR B 200 -14.66 30.63 -2.62
C THR B 200 -14.09 29.24 -2.42
N PRO B 201 -14.45 28.56 -1.31
CA PRO B 201 -14.15 27.13 -1.19
C PRO B 201 -15.01 26.28 -2.11
N TYR B 202 -16.01 26.85 -2.78
CA TYR B 202 -16.97 26.06 -3.56
C TYR B 202 -17.07 26.58 -5.00
N PRO B 203 -15.94 26.59 -5.72
CA PRO B 203 -16.00 27.12 -7.10
C PRO B 203 -16.81 26.22 -8.02
N PHE B 204 -16.80 24.90 -7.81
CA PHE B 204 -17.63 23.99 -8.57
C PHE B 204 -19.12 24.35 -8.46
N PHE B 205 -19.52 24.96 -7.35
CA PHE B 205 -20.92 25.37 -7.25
C PHE B 205 -21.21 26.53 -8.19
N GLY B 206 -20.24 27.43 -8.37
CA GLY B 206 -20.42 28.50 -9.36
C GLY B 206 -20.40 27.94 -10.77
N THR B 207 -19.49 27.00 -11.03
CA THR B 207 -19.41 26.32 -12.33
C THR B 207 -20.72 25.63 -12.68
N ASN B 208 -21.33 24.95 -11.71
CA ASN B 208 -22.63 24.31 -11.96
C ASN B 208 -23.68 25.32 -12.41
N ILE B 209 -23.83 26.43 -11.69
CA ILE B 209 -24.84 27.39 -12.08
C ILE B 209 -24.48 28.02 -13.43
N LEU B 210 -23.21 28.35 -13.64
CA LEU B 210 -22.78 28.96 -14.91
C LEU B 210 -23.07 28.07 -16.11
N GLY B 211 -23.20 26.76 -15.89
CA GLY B 211 -23.61 25.87 -16.98
C GLY B 211 -24.99 26.18 -17.52
N GLN B 212 -25.84 26.82 -16.72
CA GLN B 212 -27.17 27.20 -17.22
C GLN B 212 -27.07 28.24 -18.32
N PHE B 213 -26.00 29.03 -18.33
CA PHE B 213 -25.88 30.15 -19.24
C PHE B 213 -25.20 29.80 -20.55
N LYS B 214 -24.75 28.56 -20.71
CA LYS B 214 -24.13 28.14 -21.95
C LYS B 214 -25.16 27.94 -23.06
N ASN B 215 -26.40 27.52 -22.72
CA ASN B 215 -27.43 27.29 -23.71
C ASN B 215 -28.75 27.92 -23.29
N LEU B 216 -28.70 28.98 -22.48
CA LEU B 216 -29.91 29.59 -21.95
C LEU B 216 -30.88 29.98 -23.05
N SER B 217 -30.36 30.39 -24.20
CA SER B 217 -31.23 30.88 -25.27
C SER B 217 -32.14 29.81 -25.85
N LYS B 218 -31.89 28.53 -25.57
CA LYS B 218 -32.84 27.49 -26.01
C LYS B 218 -34.12 27.48 -25.18
N ASN B 219 -34.16 28.18 -24.05
CA ASN B 219 -35.38 28.31 -23.27
C ASN B 219 -36.17 29.52 -23.77
N PHE B 220 -37.43 29.31 -24.13
CA PHE B 220 -38.21 30.46 -24.58
C PHE B 220 -38.65 31.34 -23.41
N CYS B 221 -38.50 30.85 -22.19
CA CYS B 221 -38.90 31.58 -21.00
C CYS B 221 -38.00 31.20 -19.84
N ILE B 222 -37.77 32.14 -18.94
CA ILE B 222 -37.03 31.89 -17.71
C ILE B 222 -37.94 32.28 -16.57
N LEU B 223 -38.72 31.34 -16.07
CA LEU B 223 -39.51 31.59 -14.87
C LEU B 223 -38.61 31.78 -13.65
N MET B 224 -39.07 32.65 -12.76
CA MET B 224 -38.27 33.15 -11.64
C MET B 224 -39.18 33.33 -10.44
N ASP B 225 -38.73 32.85 -9.27
CA ASP B 225 -39.49 32.98 -8.03
C ASP B 225 -39.12 34.29 -7.33
N THR B 226 -39.56 35.38 -7.95
CA THR B 226 -39.49 36.72 -7.40
C THR B 226 -40.69 37.47 -7.98
N PHE B 227 -40.84 38.74 -7.63
CA PHE B 227 -41.94 39.49 -8.23
C PHE B 227 -41.51 40.92 -8.52
N TYR B 228 -42.37 41.60 -9.27
CA TYR B 228 -41.97 42.82 -9.93
C TYR B 228 -41.63 43.92 -8.92
N GLU B 229 -42.54 44.22 -8.00
CA GLU B 229 -42.28 45.27 -7.02
C GLU B 229 -41.03 45.01 -6.20
N LEU B 230 -40.60 43.76 -6.10
CA LEU B 230 -39.44 43.47 -5.25
C LEU B 230 -38.13 43.82 -5.96
N GLU B 231 -38.01 43.50 -7.26
CA GLU B 231 -36.77 43.72 -8.00
C GLU B 231 -37.02 44.44 -9.33
N HIS B 232 -37.95 45.41 -9.34
CA HIS B 232 -38.44 45.91 -10.63
C HIS B 232 -37.33 46.55 -11.44
N GLU B 233 -36.46 47.32 -10.79
CA GLU B 233 -35.37 47.96 -11.52
C GLU B 233 -34.46 46.92 -12.18
N THR B 234 -34.11 45.84 -11.45
CA THR B 234 -33.26 44.82 -12.05
C THR B 234 -33.98 44.05 -13.16
N ILE B 235 -35.22 43.65 -12.90
CA ILE B 235 -36.02 42.94 -13.89
C ILE B 235 -36.20 43.79 -15.15
N ASP B 236 -36.53 45.07 -14.99
CA ASP B 236 -36.66 45.94 -16.17
C ASP B 236 -35.35 46.02 -16.96
N SER B 237 -34.21 45.84 -16.31
CA SER B 237 -32.99 45.90 -17.08
C SER B 237 -32.72 44.58 -17.80
N ILE B 238 -32.91 43.45 -17.09
CA ILE B 238 -32.57 42.13 -17.61
C ILE B 238 -33.56 41.65 -18.68
N THR B 239 -34.84 42.06 -18.61
CA THR B 239 -35.81 41.59 -19.59
C THR B 239 -35.58 42.16 -20.98
N LYS B 240 -34.78 43.20 -21.12
CA LYS B 240 -34.44 43.67 -22.45
C LYS B 240 -33.45 42.74 -23.16
N ILE B 241 -32.93 41.73 -22.48
CA ILE B 241 -32.03 40.76 -23.11
C ILE B 241 -32.56 39.35 -22.91
N CYS B 242 -33.15 39.07 -21.75
CA CYS B 242 -33.55 37.69 -21.48
C CYS B 242 -35.05 37.58 -21.20
N PRO B 243 -35.72 36.55 -21.74
CA PRO B 243 -37.20 36.48 -21.62
C PRO B 243 -37.65 35.99 -20.25
N ILE B 244 -37.49 36.83 -19.25
CA ILE B 244 -37.68 36.44 -17.87
C ILE B 244 -39.09 36.78 -17.40
N LYS B 245 -39.72 35.84 -16.68
CA LYS B 245 -41.09 36.03 -16.18
C LYS B 245 -41.11 35.82 -14.68
N PRO B 246 -41.13 36.88 -13.88
CA PRO B 246 -41.27 36.74 -12.43
C PRO B 246 -42.70 36.31 -12.11
N ILE B 247 -42.83 35.20 -11.40
CA ILE B 247 -44.14 34.61 -11.16
C ILE B 247 -44.32 34.30 -9.68
N GLY B 248 -43.43 34.79 -8.84
CA GLY B 248 -43.49 34.47 -7.43
C GLY B 248 -44.20 35.52 -6.60
N PRO B 249 -44.25 35.34 -5.29
CA PRO B 249 -43.65 34.25 -4.50
C PRO B 249 -44.40 32.94 -4.69
N LEU B 250 -43.71 31.86 -5.08
CA LEU B 250 -44.42 30.62 -5.45
C LEU B 250 -45.24 30.08 -4.28
N PHE B 251 -44.67 30.07 -3.06
CA PHE B 251 -45.30 29.40 -1.93
C PHE B 251 -46.60 30.08 -1.49
N LYS B 252 -47.01 31.14 -2.18
CA LYS B 252 -48.21 31.88 -1.84
C LYS B 252 -49.27 31.83 -2.95
N ILE B 253 -49.11 30.92 -3.92
CA ILE B 253 -50.05 30.81 -5.02
C ILE B 253 -51.19 29.88 -4.60
N PRO B 254 -52.47 30.31 -4.67
CA PRO B 254 -53.67 29.63 -4.16
C PRO B 254 -53.71 28.10 -4.31
N ASP B 271 -45.52 20.80 17.23
CA ASP B 271 -44.65 21.10 18.37
C ASP B 271 -44.28 22.58 18.40
N CYS B 272 -43.87 23.09 17.25
CA CYS B 272 -43.62 24.53 17.16
C CYS B 272 -44.92 25.33 17.29
N LYS B 273 -45.95 24.99 16.50
CA LYS B 273 -47.20 25.74 16.53
C LYS B 273 -47.81 25.78 17.93
N GLU B 274 -47.72 24.66 18.67
CA GLU B 274 -48.34 24.59 19.99
C GLU B 274 -47.71 25.59 20.95
N TRP B 275 -46.39 25.75 20.91
CA TRP B 275 -45.73 26.72 21.77
C TRP B 275 -45.96 28.16 21.31
N LEU B 276 -45.83 28.43 20.01
CA LEU B 276 -46.10 29.78 19.52
C LEU B 276 -47.49 30.24 19.91
N ASP B 277 -48.46 29.33 19.87
CA ASP B 277 -49.82 29.67 20.30
C ASP B 277 -49.85 30.29 21.68
N THR B 278 -48.93 29.91 22.57
CA THR B 278 -48.95 30.38 23.94
C THR B 278 -48.21 31.71 24.12
N ARG B 279 -47.56 32.25 23.04
CA ARG B 279 -46.81 33.49 23.19
C ARG B 279 -47.63 34.68 22.69
N PRO B 280 -47.43 35.86 23.29
CA PRO B 280 -48.11 37.04 22.78
C PRO B 280 -47.64 37.37 21.37
N PRO B 281 -48.51 37.93 20.54
CA PRO B 281 -48.10 38.25 19.16
C PRO B 281 -46.88 39.16 19.14
N SER B 282 -46.01 38.92 18.16
CA SER B 282 -44.93 39.85 17.81
C SER B 282 -43.83 39.86 18.87
N THR B 283 -43.56 38.70 19.45
CA THR B 283 -42.56 38.61 20.52
C THR B 283 -41.51 37.53 20.33
N VAL B 284 -41.65 36.65 19.34
CA VAL B 284 -40.79 35.47 19.21
C VAL B 284 -39.82 35.69 18.06
N VAL B 285 -38.52 35.68 18.35
CA VAL B 285 -37.49 35.73 17.32
C VAL B 285 -37.20 34.31 16.87
N TYR B 286 -37.35 34.06 15.60
CA TYR B 286 -37.13 32.75 15.03
C TYR B 286 -35.71 32.69 14.47
N VAL B 287 -34.96 31.67 14.89
CA VAL B 287 -33.53 31.55 14.58
C VAL B 287 -33.33 30.24 13.84
N SER B 288 -32.92 30.34 12.57
CA SER B 288 -32.65 29.15 11.76
C SER B 288 -31.58 29.47 10.73
N VAL B 289 -30.37 28.95 10.96
CA VAL B 289 -29.28 29.11 10.01
C VAL B 289 -28.79 27.78 9.47
N GLY B 290 -29.15 26.67 10.09
CA GLY B 290 -28.64 25.36 9.71
C GLY B 290 -29.45 24.65 8.65
N SER B 291 -30.17 25.41 7.81
CA SER B 291 -30.89 24.80 6.69
C SER B 291 -29.96 24.38 5.58
N VAL B 292 -28.77 24.99 5.47
CA VAL B 292 -27.81 24.65 4.43
C VAL B 292 -26.38 24.51 4.94
N VAL B 293 -26.14 24.69 6.24
CA VAL B 293 -24.79 24.55 6.80
C VAL B 293 -24.87 24.16 8.27
N TYR B 294 -23.74 23.68 8.77
CA TYR B 294 -23.50 23.51 10.19
C TYR B 294 -22.74 24.71 10.73
N LEU B 295 -22.83 24.91 12.02
CA LEU B 295 -22.01 25.92 12.69
C LEU B 295 -20.91 25.22 13.50
N LYS B 296 -19.86 25.97 13.79
CA LYS B 296 -18.82 25.56 14.72
C LYS B 296 -19.22 25.89 16.14
N GLN B 297 -18.79 25.05 17.08
CA GLN B 297 -19.19 25.17 18.48
C GLN B 297 -18.97 26.57 19.05
N GLU B 298 -17.84 27.21 18.70
CA GLU B 298 -17.59 28.53 19.26
C GLU B 298 -18.64 29.53 18.79
N GLN B 299 -19.07 29.41 17.53
CA GLN B 299 -20.14 30.29 17.05
C GLN B 299 -21.45 29.98 17.76
N VAL B 300 -21.79 28.69 17.90
CA VAL B 300 -22.99 28.31 18.66
C VAL B 300 -22.97 28.93 20.05
N THR B 301 -21.83 28.82 20.75
CA THR B 301 -21.70 29.38 22.09
C THR B 301 -22.01 30.89 22.07
N GLU B 302 -21.42 31.64 21.14
CA GLU B 302 -21.68 33.07 21.09
C GLU B 302 -23.15 33.35 20.77
N MET B 303 -23.74 32.57 19.87
CA MET B 303 -25.17 32.76 19.57
C MET B 303 -26.03 32.55 20.81
N ALA B 304 -25.67 31.56 21.64
CA ALA B 304 -26.47 31.20 22.79
C ALA B 304 -26.42 32.29 23.85
N TYR B 305 -25.22 32.81 24.14
CA TYR B 305 -25.12 33.93 25.07
C TYR B 305 -25.78 35.21 24.51
N GLY B 306 -25.67 35.43 23.19
CA GLY B 306 -26.31 36.60 22.59
C GLY B 306 -27.81 36.58 22.77
N ILE B 307 -28.45 35.52 22.29
CA ILE B 307 -29.84 35.23 22.57
C ILE B 307 -30.18 35.40 24.04
N LEU B 308 -29.35 34.80 24.91
CA LEU B 308 -29.63 34.86 26.34
C LEU B 308 -29.51 36.27 26.87
N ASN B 309 -28.42 36.97 26.56
CA ASN B 309 -28.25 38.30 27.14
C ASN B 309 -29.27 39.29 26.59
N SER B 310 -29.84 39.05 25.40
CA SER B 310 -30.82 39.97 24.82
C SER B 310 -32.19 39.87 25.48
N GLU B 311 -32.50 38.73 26.10
CA GLU B 311 -33.74 38.45 26.82
C GLU B 311 -34.94 38.27 25.90
N VAL B 312 -34.73 38.17 24.58
CA VAL B 312 -35.87 38.03 23.68
C VAL B 312 -36.48 36.64 23.83
N SER B 313 -37.74 36.55 23.41
CA SER B 313 -38.39 35.25 23.24
C SER B 313 -37.89 34.64 21.94
N PHE B 314 -37.60 33.33 21.95
CA PHE B 314 -36.92 32.76 20.81
C PHE B 314 -37.40 31.36 20.49
N LEU B 315 -37.30 31.02 19.20
CA LEU B 315 -37.51 29.67 18.69
C LEU B 315 -36.28 29.36 17.85
N TRP B 316 -35.40 28.51 18.37
CA TRP B 316 -34.08 28.23 17.78
C TRP B 316 -34.08 26.83 17.18
N VAL B 317 -33.97 26.76 15.86
CA VAL B 317 -33.75 25.50 15.15
C VAL B 317 -32.25 25.21 15.20
N LEU B 318 -31.86 24.17 15.93
CA LEU B 318 -30.47 23.76 16.08
C LEU B 318 -30.35 22.33 15.53
N ARG B 319 -29.81 22.20 14.32
CA ARG B 319 -29.78 20.91 13.63
C ARG B 319 -28.88 19.93 14.38
N PRO B 320 -29.39 18.78 14.79
CA PRO B 320 -28.74 18.00 15.86
C PRO B 320 -27.43 17.38 15.40
N PRO B 321 -26.66 16.82 16.33
CA PRO B 321 -25.46 16.07 15.93
C PRO B 321 -25.81 14.78 15.21
N SER B 322 -25.02 14.46 14.18
CA SER B 322 -25.19 13.23 13.42
C SER B 322 -24.68 12.00 14.18
N LYS B 323 -24.17 12.17 15.39
CA LYS B 323 -23.72 11.07 16.25
C LYS B 323 -22.65 10.20 15.60
N GLU B 328 -19.63 16.61 16.32
CA GLU B 328 -19.80 18.04 16.60
C GLU B 328 -20.91 18.26 17.62
N PRO B 329 -20.55 18.80 18.79
CA PRO B 329 -21.47 18.77 19.95
C PRO B 329 -22.64 19.76 19.93
N HIS B 330 -22.39 21.04 19.63
CA HIS B 330 -23.42 22.10 19.69
C HIS B 330 -23.94 22.31 21.11
N VAL B 331 -23.05 22.19 22.09
CA VAL B 331 -23.44 22.27 23.51
C VAL B 331 -23.87 23.69 23.86
N LEU B 332 -24.98 23.80 24.50
CA LEU B 332 -25.34 25.14 24.92
C LEU B 332 -24.87 25.36 26.35
N PRO B 333 -24.53 26.59 26.73
CA PRO B 333 -24.02 26.82 28.08
C PRO B 333 -25.05 26.40 29.13
N GLU B 334 -24.58 26.13 30.35
CA GLU B 334 -25.49 25.68 31.39
C GLU B 334 -26.43 26.81 31.82
N GLU B 335 -25.91 28.03 31.92
CA GLU B 335 -26.74 29.18 32.28
C GLU B 335 -27.85 29.41 31.26
N PHE B 336 -27.58 29.19 29.98
CA PHE B 336 -28.61 29.32 28.95
C PHE B 336 -29.84 28.51 29.32
N TRP B 337 -29.64 27.25 29.68
CA TRP B 337 -30.76 26.33 29.85
C TRP B 337 -31.66 26.76 31.00
N GLU B 338 -31.08 27.14 32.14
CA GLU B 338 -31.90 27.60 33.26
C GLU B 338 -32.61 28.91 32.92
N LYS B 339 -31.85 29.92 32.50
CA LYS B 339 -32.38 31.25 32.24
C LYS B 339 -33.31 31.30 31.03
N ALA B 340 -33.40 30.22 30.26
CA ALA B 340 -34.33 30.17 29.13
C ALA B 340 -35.76 30.42 29.58
N GLY B 341 -36.09 30.03 30.81
CA GLY B 341 -37.41 30.24 31.37
C GLY B 341 -38.50 29.78 30.42
N ASP B 342 -39.62 30.47 30.49
CA ASP B 342 -40.73 30.21 29.58
C ASP B 342 -40.56 30.86 28.22
N ARG B 343 -39.59 31.76 28.08
CA ARG B 343 -39.53 32.62 26.90
C ARG B 343 -38.78 31.99 25.73
N GLY B 344 -38.33 30.75 25.83
CA GLY B 344 -37.53 30.25 24.72
C GLY B 344 -37.59 28.75 24.50
N LYS B 345 -37.62 28.36 23.23
CA LYS B 345 -37.71 26.96 22.85
C LYS B 345 -36.60 26.64 21.86
N VAL B 346 -36.01 25.46 22.02
CA VAL B 346 -34.94 24.97 21.15
C VAL B 346 -35.40 23.65 20.57
N VAL B 347 -35.40 23.56 19.24
CA VAL B 347 -35.85 22.38 18.54
C VAL B 347 -34.81 22.03 17.49
N GLN B 348 -34.94 20.84 16.93
CA GLN B 348 -34.10 20.39 15.84
C GLN B 348 -34.77 20.53 14.49
N TRP B 349 -36.08 20.74 14.48
CA TRP B 349 -36.84 20.82 13.25
C TRP B 349 -37.97 21.80 13.44
N SER B 350 -38.31 22.52 12.38
CA SER B 350 -39.37 23.51 12.42
C SER B 350 -40.07 23.58 11.08
N PRO B 351 -41.38 23.77 11.06
CA PRO B 351 -42.07 24.06 9.80
C PRO B 351 -41.93 25.54 9.45
N GLN B 352 -40.92 25.86 8.64
CA GLN B 352 -40.51 27.26 8.49
C GLN B 352 -41.65 28.15 8.01
N GLU B 353 -42.36 27.75 6.96
CA GLU B 353 -43.39 28.61 6.40
C GLU B 353 -44.51 28.87 7.41
N GLN B 354 -44.85 27.85 8.21
CA GLN B 354 -45.90 28.01 9.23
C GLN B 354 -45.41 28.87 10.40
N VAL B 355 -44.12 28.82 10.73
CA VAL B 355 -43.60 29.65 11.81
C VAL B 355 -43.59 31.12 11.40
N LEU B 356 -43.15 31.41 10.17
CA LEU B 356 -43.09 32.81 9.72
C LEU B 356 -44.47 33.43 9.56
N ALA B 357 -45.53 32.62 9.40
CA ALA B 357 -46.89 33.15 9.33
C ALA B 357 -47.59 33.15 10.68
N HIS B 358 -46.94 32.69 11.73
CA HIS B 358 -47.59 32.72 13.03
C HIS B 358 -47.57 34.13 13.60
N PRO B 359 -48.62 34.54 14.31
CA PRO B 359 -48.64 35.91 14.86
C PRO B 359 -47.63 36.14 15.99
N ALA B 360 -47.27 35.11 16.76
CA ALA B 360 -46.25 35.31 17.78
C ALA B 360 -44.89 35.65 17.20
N THR B 361 -44.67 35.37 15.92
CA THR B 361 -43.34 35.50 15.35
C THR B 361 -43.01 36.96 15.08
N ALA B 362 -41.88 37.41 15.63
CA ALA B 362 -41.43 38.79 15.53
C ALA B 362 -40.33 39.00 14.51
N ALA B 363 -39.41 38.06 14.37
CA ALA B 363 -38.30 38.30 13.45
C ALA B 363 -37.68 36.96 13.10
N PHE B 364 -36.71 37.02 12.20
CA PHE B 364 -36.16 35.87 11.50
C PHE B 364 -34.66 36.10 11.37
N LEU B 365 -33.88 35.36 12.17
CA LEU B 365 -32.42 35.31 12.02
C LEU B 365 -32.12 34.14 11.09
N THR B 366 -31.56 34.43 9.93
CA THR B 366 -31.66 33.59 8.74
C THR B 366 -30.31 33.57 8.03
N HIS B 367 -30.04 32.46 7.34
CA HIS B 367 -28.88 32.43 6.44
C HIS B 367 -29.14 33.17 5.13
N CYS B 368 -30.36 33.64 4.91
CA CYS B 368 -30.64 34.50 3.77
C CYS B 368 -30.57 33.75 2.45
N GLY B 369 -30.80 32.42 2.47
CA GLY B 369 -31.12 31.71 1.25
C GLY B 369 -32.30 32.39 0.53
N TRP B 370 -32.40 32.22 -0.78
CA TRP B 370 -33.44 32.94 -1.51
C TRP B 370 -34.83 32.53 -1.05
N ASN B 371 -35.08 31.23 -0.93
CA ASN B 371 -36.38 30.77 -0.44
C ASN B 371 -36.72 31.43 0.90
N SER B 372 -35.80 31.35 1.86
CA SER B 372 -35.99 32.01 3.16
C SER B 372 -36.19 33.52 3.01
N THR B 373 -35.47 34.15 2.08
CA THR B 373 -35.64 35.58 1.87
C THR B 373 -37.06 35.87 1.39
N GLN B 374 -37.53 35.08 0.42
CA GLN B 374 -38.84 35.28 -0.14
C GLN B 374 -39.95 34.98 0.86
N GLU B 375 -39.73 34.01 1.75
CA GLU B 375 -40.75 33.67 2.73
C GLU B 375 -40.84 34.77 3.80
N ALA B 376 -39.70 35.33 4.17
CA ALA B 376 -39.69 36.45 5.11
C ALA B 376 -40.39 37.66 4.52
N ILE B 377 -40.05 37.99 3.27
CA ILE B 377 -40.71 39.08 2.57
C ILE B 377 -42.21 38.86 2.51
N SER B 378 -42.62 37.66 2.08
CA SER B 378 -44.05 37.41 1.89
C SER B 378 -44.80 37.16 3.19
N SER B 379 -44.10 36.96 4.29
CA SER B 379 -44.75 36.80 5.59
C SER B 379 -44.76 38.09 6.41
N GLY B 380 -44.12 39.14 5.94
CA GLY B 380 -44.06 40.39 6.68
C GLY B 380 -43.19 40.34 7.92
N VAL B 381 -42.09 39.60 7.87
CA VAL B 381 -41.26 39.31 9.03
C VAL B 381 -39.88 39.91 8.79
N PRO B 382 -39.44 40.87 9.59
CA PRO B 382 -38.10 41.44 9.41
C PRO B 382 -37.04 40.39 9.73
N VAL B 383 -35.81 40.68 9.32
CA VAL B 383 -34.77 39.66 9.37
C VAL B 383 -33.50 40.22 10.00
N ILE B 384 -32.77 39.33 10.66
CA ILE B 384 -31.38 39.53 11.02
C ILE B 384 -30.57 38.69 10.04
N THR B 385 -29.66 39.32 9.29
CA THR B 385 -28.95 38.63 8.22
C THR B 385 -27.70 37.91 8.74
N PHE B 386 -27.70 36.59 8.58
CA PHE B 386 -26.54 35.75 8.91
C PHE B 386 -26.16 34.92 7.69
N PRO B 387 -25.91 35.55 6.54
CA PRO B 387 -25.56 34.80 5.33
C PRO B 387 -24.31 33.95 5.52
N GLN B 388 -24.21 32.86 4.77
CA GLN B 388 -23.06 31.96 4.83
C GLN B 388 -22.24 31.94 3.54
N PHE B 389 -22.80 31.50 2.42
CA PHE B 389 -22.09 31.53 1.15
C PHE B 389 -23.08 31.69 -0.01
N GLY B 390 -22.52 31.73 -1.22
CA GLY B 390 -23.32 31.69 -2.42
C GLY B 390 -24.08 32.99 -2.64
N ASP B 391 -25.32 32.86 -3.09
CA ASP B 391 -26.17 34.05 -3.26
C ASP B 391 -26.62 34.64 -1.93
N GLN B 392 -26.34 33.96 -0.80
CA GLN B 392 -26.83 34.45 0.48
C GLN B 392 -26.25 35.81 0.83
N VAL B 393 -25.03 36.10 0.42
CA VAL B 393 -24.50 37.44 0.72
C VAL B 393 -25.21 38.48 -0.15
N THR B 394 -25.61 38.10 -1.35
CA THR B 394 -26.33 39.05 -2.19
C THR B 394 -27.71 39.32 -1.62
N ASN B 395 -28.45 38.26 -1.28
CA ASN B 395 -29.76 38.46 -0.66
C ASN B 395 -29.63 39.27 0.62
N ALA B 396 -28.58 39.02 1.41
CA ALA B 396 -28.42 39.76 2.66
C ALA B 396 -28.22 41.25 2.41
N LYS B 397 -27.48 41.61 1.36
CA LYS B 397 -27.35 43.02 1.02
C LYS B 397 -28.72 43.64 0.73
N PHE B 398 -29.52 42.99 -0.12
CA PHE B 398 -30.80 43.57 -0.49
C PHE B 398 -31.74 43.65 0.70
N LEU B 399 -31.73 42.64 1.58
CA LEU B 399 -32.61 42.70 2.74
C LEU B 399 -32.35 43.94 3.57
N VAL B 400 -31.07 44.22 3.85
CA VAL B 400 -30.72 45.32 4.74
C VAL B 400 -30.84 46.68 4.04
N GLU B 401 -30.38 46.79 2.79
CA GLU B 401 -30.16 48.09 2.17
C GLU B 401 -31.16 48.47 1.09
N GLU B 402 -31.78 47.49 0.42
CA GLU B 402 -32.72 47.79 -0.65
C GLU B 402 -34.16 47.50 -0.24
N PHE B 403 -34.46 46.27 0.20
CA PHE B 403 -35.78 45.98 0.74
C PHE B 403 -35.98 46.67 2.09
N LYS B 404 -34.89 46.84 2.86
CA LYS B 404 -34.93 47.57 4.12
C LYS B 404 -35.85 46.90 5.15
N VAL B 405 -35.72 45.58 5.26
CA VAL B 405 -36.42 44.76 6.25
C VAL B 405 -35.46 44.09 7.21
N GLY B 406 -34.18 44.42 7.11
CA GLY B 406 -33.15 43.64 7.76
C GLY B 406 -32.26 44.49 8.63
N VAL B 407 -31.55 43.77 9.51
CA VAL B 407 -30.44 44.30 10.28
C VAL B 407 -29.29 43.33 10.05
N ARG B 408 -28.11 43.86 9.75
CA ARG B 408 -26.96 43.01 9.44
C ARG B 408 -26.34 42.42 10.70
N LEU B 409 -26.02 41.12 10.64
CA LEU B 409 -25.20 40.48 11.66
C LEU B 409 -23.82 40.11 11.13
N SER B 410 -23.73 39.61 9.90
CA SER B 410 -22.44 39.27 9.33
C SER B 410 -22.50 39.39 7.81
N ARG B 411 -21.32 39.24 7.20
CA ARG B 411 -21.11 39.41 5.76
C ARG B 411 -20.76 38.11 5.05
N GLY B 412 -20.96 36.97 5.70
CA GLY B 412 -20.73 35.68 5.07
C GLY B 412 -19.47 35.00 5.60
N GLU B 413 -19.35 33.72 5.27
CA GLU B 413 -18.21 32.92 5.72
C GLU B 413 -16.88 33.48 5.24
N LEU B 414 -16.84 34.03 4.02
CA LEU B 414 -15.59 34.54 3.48
C LEU B 414 -15.00 35.61 4.36
N GLU B 415 -15.85 36.35 5.08
CA GLU B 415 -15.38 37.29 6.10
C GLU B 415 -14.53 36.60 7.17
N ASN B 416 -14.59 35.26 7.25
CA ASN B 416 -13.78 34.47 8.18
C ASN B 416 -13.93 34.99 9.61
N ARG B 417 -15.18 35.02 10.05
CA ARG B 417 -15.57 35.78 11.21
C ARG B 417 -16.34 34.92 12.20
N ILE B 418 -16.13 35.15 13.49
CA ILE B 418 -16.99 34.62 14.53
C ILE B 418 -17.76 35.78 15.13
N ILE B 419 -19.07 35.77 14.94
CA ILE B 419 -19.93 36.82 15.48
C ILE B 419 -20.08 36.61 16.99
N THR B 420 -19.84 37.67 17.77
CA THR B 420 -19.80 37.61 19.22
C THR B 420 -21.17 37.77 19.86
N ARG B 421 -21.28 37.26 21.10
CA ARG B 421 -22.54 37.36 21.82
C ARG B 421 -23.05 38.79 21.89
N ASP B 422 -22.15 39.77 21.85
CA ASP B 422 -22.59 41.15 22.02
C ASP B 422 -23.15 41.70 20.73
N GLU B 423 -22.57 41.32 19.59
CA GLU B 423 -23.17 41.70 18.31
C GLU B 423 -24.48 40.96 18.08
N VAL B 424 -24.60 39.73 18.61
CA VAL B 424 -25.86 39.00 18.51
C VAL B 424 -26.94 39.68 19.36
N GLU B 425 -26.61 39.99 20.63
CA GLU B 425 -27.57 40.75 21.44
C GLU B 425 -27.95 42.05 20.74
N ARG B 426 -26.97 42.77 20.18
CA ARG B 426 -27.27 44.06 19.56
C ARG B 426 -28.24 43.87 18.40
N ALA B 427 -27.97 42.88 17.54
CA ALA B 427 -28.85 42.64 16.41
C ALA B 427 -30.26 42.28 16.88
N LEU B 428 -30.33 41.39 17.89
CA LEU B 428 -31.62 40.98 18.45
C LEU B 428 -32.37 42.16 19.06
N ARG B 429 -31.66 43.00 19.81
CA ARG B 429 -32.35 44.13 20.43
C ARG B 429 -32.75 45.17 19.38
N GLU B 430 -31.90 45.36 18.37
CA GLU B 430 -32.14 46.32 17.31
C GLU B 430 -33.38 45.95 16.49
N ILE B 431 -33.59 44.67 16.22
CA ILE B 431 -34.75 44.24 15.43
C ILE B 431 -36.02 44.14 16.27
N THR B 432 -35.97 44.42 17.56
CA THR B 432 -37.11 44.19 18.44
C THR B 432 -37.67 45.46 19.06
N SER B 433 -36.82 46.46 19.35
CA SER B 433 -37.27 47.62 20.10
C SER B 433 -36.57 48.89 19.61
N GLY B 434 -37.38 49.88 19.25
CA GLY B 434 -36.86 51.19 18.88
C GLY B 434 -37.13 51.52 17.44
N PRO B 435 -36.54 52.62 16.96
CA PRO B 435 -36.94 53.13 15.65
C PRO B 435 -36.57 52.21 14.52
N LYS B 436 -35.46 51.48 14.65
CA LYS B 436 -35.09 50.57 13.58
C LYS B 436 -36.08 49.42 13.49
N ALA B 437 -36.46 48.85 14.63
CA ALA B 437 -37.39 47.72 14.63
C ALA B 437 -38.74 48.13 14.04
N GLU B 438 -39.25 49.30 14.41
CA GLU B 438 -40.50 49.76 13.81
C GLU B 438 -40.34 49.97 12.30
N GLU B 439 -39.22 50.55 11.87
CA GLU B 439 -38.99 50.80 10.46
C GLU B 439 -38.99 49.50 9.65
N VAL B 440 -38.12 48.54 10.01
CA VAL B 440 -38.03 47.30 9.23
C VAL B 440 -39.36 46.55 9.23
N LYS B 441 -40.11 46.62 10.32
CA LYS B 441 -41.38 45.90 10.35
C LYS B 441 -42.48 46.65 9.57
N GLU B 442 -42.45 47.98 9.52
CA GLU B 442 -43.39 48.63 8.61
C GLU B 442 -43.01 48.35 7.16
N ASN B 443 -41.71 48.25 6.85
CA ASN B 443 -41.34 47.88 5.49
C ASN B 443 -41.72 46.43 5.22
N ALA B 444 -41.60 45.55 6.22
CA ALA B 444 -41.94 44.15 6.01
C ALA B 444 -43.42 43.97 5.71
N LEU B 445 -44.29 44.66 6.45
CA LEU B 445 -45.71 44.61 6.14
C LEU B 445 -46.01 45.28 4.80
N LYS B 446 -45.21 46.26 4.40
CA LYS B 446 -45.30 46.77 3.04
C LYS B 446 -45.03 45.66 2.02
N TRP B 447 -43.91 44.95 2.20
CA TRP B 447 -43.59 43.89 1.23
C TRP B 447 -44.59 42.75 1.30
N LYS B 448 -45.12 42.42 2.48
CA LYS B 448 -46.14 41.39 2.56
C LYS B 448 -47.40 41.80 1.81
N LYS B 449 -47.75 43.09 1.83
CA LYS B 449 -48.93 43.51 1.08
C LYS B 449 -48.69 43.42 -0.41
N ALA B 450 -47.47 43.75 -0.85
CA ALA B 450 -47.13 43.63 -2.27
C ALA B 450 -47.11 42.17 -2.70
N ALA B 451 -46.49 41.28 -1.91
CA ALA B 451 -46.43 39.87 -2.26
C ALA B 451 -47.83 39.26 -2.38
N GLU B 452 -48.73 39.58 -1.45
CA GLU B 452 -50.12 39.18 -1.60
C GLU B 452 -50.68 39.64 -2.94
N GLU B 453 -50.47 40.93 -3.27
CA GLU B 453 -51.12 41.55 -4.42
C GLU B 453 -50.63 40.95 -5.73
N THR B 454 -49.32 40.76 -5.86
CA THR B 454 -48.77 40.25 -7.12
C THR B 454 -49.27 38.84 -7.42
N VAL B 455 -49.72 38.11 -6.41
CA VAL B 455 -50.13 36.72 -6.62
C VAL B 455 -51.63 36.58 -6.76
N ALA B 456 -52.38 37.64 -6.55
CA ALA B 456 -53.82 37.60 -6.66
C ALA B 456 -54.25 38.22 -8.00
N LYS B 457 -55.53 38.03 -8.34
CA LYS B 457 -56.10 38.44 -9.62
C LYS B 457 -55.61 39.81 -10.06
N GLY B 458 -55.02 39.88 -11.25
CA GLY B 458 -54.47 41.13 -11.75
C GLY B 458 -53.10 41.52 -11.24
N GLY B 459 -52.52 40.76 -10.31
CA GLY B 459 -51.17 41.02 -9.86
C GLY B 459 -50.15 40.74 -10.95
N ASN B 460 -49.01 41.45 -10.89
CA ASN B 460 -47.95 41.25 -11.88
C ASN B 460 -47.61 39.76 -12.04
N SER B 461 -47.59 39.01 -10.94
CA SER B 461 -47.11 37.63 -10.99
C SER B 461 -48.14 36.68 -11.57
N GLU B 462 -49.39 36.73 -11.09
CA GLU B 462 -50.41 35.84 -11.67
C GLU B 462 -50.64 36.14 -13.15
N ARG B 463 -50.49 37.40 -13.58
CA ARG B 463 -50.58 37.72 -15.01
C ARG B 463 -49.48 37.04 -15.81
N ASN B 464 -48.23 37.13 -15.32
CA ASN B 464 -47.14 36.43 -16.00
C ASN B 464 -47.38 34.92 -16.02
N LEU B 465 -47.98 34.37 -14.97
CA LEU B 465 -48.25 32.94 -14.95
C LEU B 465 -49.29 32.59 -15.99
N VAL B 466 -50.35 33.39 -16.07
CA VAL B 466 -51.36 33.22 -17.12
C VAL B 466 -50.71 33.36 -18.50
N GLU B 467 -49.81 34.33 -18.66
CA GLU B 467 -49.21 34.55 -19.97
C GLU B 467 -48.32 33.39 -20.37
N PHE B 468 -47.51 32.88 -19.44
CA PHE B 468 -46.73 31.68 -19.71
C PHE B 468 -47.62 30.55 -20.20
N ILE B 469 -48.72 30.30 -19.50
CA ILE B 469 -49.64 29.22 -19.88
C ILE B 469 -50.25 29.47 -21.26
N GLU B 470 -50.57 30.73 -21.58
CA GLU B 470 -51.10 31.05 -22.90
C GLU B 470 -50.06 30.75 -23.98
N GLU B 471 -48.80 31.10 -23.73
CA GLU B 471 -47.74 30.85 -24.71
C GLU B 471 -47.59 29.36 -24.98
N VAL B 472 -47.58 28.54 -23.94
CA VAL B 472 -47.58 27.10 -24.13
C VAL B 472 -48.78 26.68 -24.98
N ALA B 473 -49.98 27.18 -24.63
CA ALA B 473 -51.17 26.86 -25.40
C ALA B 473 -51.03 27.23 -26.88
N ARG B 474 -50.39 28.36 -27.17
CA ARG B 474 -50.24 28.72 -28.58
C ARG B 474 -49.24 27.81 -29.27
N LYS B 475 -48.14 27.50 -28.60
CA LYS B 475 -47.15 26.58 -29.16
C LYS B 475 -47.76 25.19 -29.38
N THR B 476 -48.60 24.71 -28.45
CA THR B 476 -49.17 23.38 -28.60
C THR B 476 -50.13 23.32 -29.79
N GLY B 477 -50.94 24.36 -29.98
CA GLY B 477 -51.90 24.41 -31.07
C GLY B 477 -51.29 24.44 -32.46
N SER B 478 -49.98 24.65 -32.57
CA SER B 478 -49.27 24.52 -33.85
C SER B 478 -48.23 23.40 -33.79
N ASN C 9 0.33 -6.06 -36.37
CA ASN C 9 1.49 -5.55 -37.11
C ASN C 9 2.77 -5.54 -36.27
N ASP C 10 3.10 -4.35 -35.77
CA ASP C 10 4.43 -3.99 -35.29
C ASP C 10 4.41 -3.32 -33.92
N ASN C 11 3.45 -2.44 -33.67
CA ASN C 11 3.28 -1.80 -32.37
C ASN C 11 2.71 -2.75 -31.33
N LEU C 12 2.53 -4.02 -31.64
CA LEU C 12 1.84 -4.95 -30.75
C LEU C 12 2.81 -5.59 -29.76
N HIS C 13 2.34 -5.75 -28.53
CA HIS C 13 3.10 -6.36 -27.44
C HIS C 13 2.19 -7.39 -26.77
N ILE C 14 2.43 -8.65 -27.05
CA ILE C 14 1.69 -9.75 -26.44
C ILE C 14 2.40 -10.15 -25.16
N PHE C 15 1.63 -10.32 -24.08
CA PHE C 15 2.16 -10.57 -22.75
C PHE C 15 1.50 -11.83 -22.22
N LEU C 16 2.27 -12.92 -22.20
CA LEU C 16 1.75 -14.22 -21.83
C LEU C 16 2.12 -14.53 -20.38
N VAL C 17 1.21 -15.18 -19.67
CA VAL C 17 1.39 -15.51 -18.26
C VAL C 17 1.32 -17.03 -18.13
N CYS C 18 2.43 -17.65 -17.76
CA CYS C 18 2.51 -19.08 -17.53
C CYS C 18 2.22 -19.44 -16.08
N PHE C 19 1.77 -20.68 -15.87
CA PHE C 19 1.74 -21.36 -14.60
C PHE C 19 2.96 -22.29 -14.53
N ILE C 20 2.91 -23.30 -13.65
CA ILE C 20 3.96 -24.33 -13.57
C ILE C 20 3.64 -25.44 -14.55
N GLY C 21 4.58 -26.37 -14.74
CA GLY C 21 4.27 -27.55 -15.53
C GLY C 21 4.61 -27.43 -17.00
N GLN C 22 5.27 -28.47 -17.52
CA GLN C 22 5.56 -28.53 -18.95
C GLN C 22 4.30 -28.44 -19.78
N GLY C 23 3.17 -28.91 -19.23
CA GLY C 23 1.91 -28.89 -19.94
C GLY C 23 1.36 -27.51 -20.20
N VAL C 24 1.84 -26.50 -19.48
CA VAL C 24 1.45 -25.11 -19.69
C VAL C 24 2.57 -24.32 -20.37
N VAL C 25 3.79 -24.43 -19.85
CA VAL C 25 4.90 -23.60 -20.33
C VAL C 25 5.20 -23.88 -21.80
N ASN C 26 5.16 -25.16 -22.20
CA ASN C 26 5.56 -25.49 -23.56
C ASN C 26 4.56 -25.00 -24.60
N PRO C 27 3.26 -25.32 -24.50
CA PRO C 27 2.30 -24.65 -25.41
C PRO C 27 2.47 -23.14 -25.40
N MET C 28 2.52 -22.54 -24.21
CA MET C 28 2.60 -21.09 -24.12
C MET C 28 3.85 -20.56 -24.79
N LEU C 29 4.91 -21.36 -24.82
CA LEU C 29 6.16 -20.97 -25.47
C LEU C 29 6.06 -21.12 -26.98
N ARG C 30 5.42 -22.19 -27.44
CA ARG C 30 5.15 -22.34 -28.87
C ARG C 30 4.31 -21.18 -29.39
N LEU C 31 3.21 -20.88 -28.69
CA LEU C 31 2.36 -19.76 -29.10
C LEU C 31 3.16 -18.46 -29.14
N GLY C 32 3.87 -18.16 -28.06
CA GLY C 32 4.70 -16.97 -28.05
C GLY C 32 5.72 -16.92 -29.17
N LYS C 33 6.24 -18.07 -29.59
CA LYS C 33 7.19 -18.06 -30.70
C LYS C 33 6.48 -17.76 -32.02
N ALA C 34 5.27 -18.30 -32.20
CA ALA C 34 4.45 -17.97 -33.37
C ALA C 34 4.27 -16.46 -33.51
N PHE C 35 3.83 -15.79 -32.44
CA PHE C 35 3.66 -14.34 -32.49
C PHE C 35 4.95 -13.65 -32.91
N ALA C 36 6.09 -14.10 -32.41
CA ALA C 36 7.36 -13.55 -32.82
C ALA C 36 7.64 -13.82 -34.29
N SER C 37 7.20 -14.97 -34.81
CA SER C 37 7.33 -15.26 -36.24
C SER C 37 6.59 -14.25 -37.11
N LYS C 38 5.64 -13.50 -36.54
CA LYS C 38 4.87 -12.52 -37.30
C LYS C 38 5.30 -11.08 -36.99
N GLY C 39 6.47 -10.90 -36.39
CA GLY C 39 7.01 -9.56 -36.19
C GLY C 39 6.55 -8.85 -34.94
N LEU C 40 5.92 -9.56 -34.00
CA LEU C 40 5.41 -8.93 -32.79
C LEU C 40 6.44 -8.99 -31.66
N LEU C 41 6.30 -8.07 -30.70
CA LEU C 41 7.02 -8.15 -29.44
C LEU C 41 6.27 -9.09 -28.51
N VAL C 42 6.95 -10.12 -28.02
CA VAL C 42 6.37 -11.10 -27.11
C VAL C 42 7.13 -11.04 -25.80
N THR C 43 6.39 -11.03 -24.69
CA THR C 43 6.97 -11.23 -23.37
C THR C 43 6.32 -12.45 -22.75
N LEU C 44 7.10 -13.48 -22.49
CA LEU C 44 6.62 -14.64 -21.74
C LEU C 44 7.02 -14.43 -20.29
N SER C 45 6.03 -14.33 -19.40
CA SER C 45 6.29 -14.12 -18.00
C SER C 45 5.87 -15.36 -17.22
N ALA C 46 6.56 -15.60 -16.09
CA ALA C 46 6.31 -16.79 -15.29
C ALA C 46 6.80 -16.53 -13.88
N PRO C 47 6.19 -17.15 -12.87
CA PRO C 47 6.70 -16.99 -11.50
C PRO C 47 8.12 -17.51 -11.41
N GLU C 48 8.85 -17.03 -10.40
CA GLU C 48 10.28 -17.29 -10.32
C GLU C 48 10.58 -18.78 -10.27
N ILE C 49 9.73 -19.56 -9.59
CA ILE C 49 10.04 -20.94 -9.26
C ILE C 49 10.06 -21.85 -10.48
N VAL C 50 9.97 -21.26 -11.68
CA VAL C 50 10.18 -22.01 -12.91
C VAL C 50 11.13 -21.22 -13.80
N GLY C 51 12.02 -20.44 -13.19
CA GLY C 51 13.05 -19.74 -13.93
C GLY C 51 14.17 -20.64 -14.40
N ARG C 52 14.71 -21.47 -13.50
CA ARG C 52 15.76 -22.41 -13.89
C ARG C 52 15.30 -23.29 -15.06
N GLU C 53 14.13 -23.91 -14.93
CA GLU C 53 13.66 -24.87 -15.92
C GLU C 53 13.60 -24.24 -17.31
N ILE C 54 13.02 -23.05 -17.42
CA ILE C 54 12.87 -22.41 -18.72
C ILE C 54 14.22 -21.88 -19.22
N ARG C 55 14.98 -21.22 -18.33
CA ARG C 55 16.29 -20.73 -18.73
C ARG C 55 17.31 -21.84 -18.91
N LYS C 56 17.00 -23.08 -18.51
CA LYS C 56 17.85 -24.23 -18.79
C LYS C 56 17.33 -25.07 -19.95
N ALA C 57 16.01 -25.13 -20.16
CA ALA C 57 15.44 -25.89 -21.28
C ALA C 57 15.98 -25.37 -22.61
N ASN C 58 15.64 -24.14 -22.98
CA ASN C 58 16.17 -23.50 -24.17
C ASN C 58 17.00 -22.30 -23.75
N ASN C 59 18.22 -22.21 -24.28
CA ASN C 59 19.18 -21.22 -23.83
C ASN C 59 19.22 -20.00 -24.76
N GLN C 64 18.67 -14.08 -21.96
CA GLN C 64 17.36 -13.90 -21.35
C GLN C 64 16.30 -13.53 -22.39
N SER C 65 16.66 -13.62 -23.67
CA SER C 65 15.77 -13.27 -24.76
C SER C 65 16.30 -13.89 -26.05
N ILE C 66 15.36 -14.15 -26.98
CA ILE C 66 15.70 -14.73 -28.27
C ILE C 66 15.00 -13.93 -29.37
N LYS C 67 15.28 -14.32 -30.62
CA LYS C 67 14.60 -13.78 -31.79
C LYS C 67 14.16 -14.95 -32.66
N VAL C 68 12.85 -15.11 -32.84
CA VAL C 68 12.33 -16.12 -33.75
C VAL C 68 12.00 -15.44 -35.07
N GLY C 69 13.03 -14.98 -35.78
CA GLY C 69 12.86 -14.35 -37.07
C GLY C 69 12.83 -12.84 -37.03
N ASN C 70 11.66 -12.26 -37.26
CA ASN C 70 11.48 -10.82 -37.40
C ASN C 70 11.00 -10.17 -36.09
N GLY C 71 10.96 -10.92 -35.00
CA GLY C 71 10.51 -10.38 -33.73
C GLY C 71 11.29 -10.97 -32.58
N MET C 72 11.35 -10.20 -31.49
CA MET C 72 12.04 -10.60 -30.27
C MET C 72 11.02 -11.10 -29.25
N ILE C 73 11.30 -12.25 -28.65
CA ILE C 73 10.50 -12.78 -27.56
C ILE C 73 11.35 -12.76 -26.29
N ARG C 74 10.91 -11.98 -25.30
CA ARG C 74 11.68 -11.77 -24.09
C ARG C 74 11.01 -12.43 -22.89
N PHE C 75 11.81 -12.66 -21.85
CA PHE C 75 11.35 -13.33 -20.65
C PHE C 75 11.37 -12.36 -19.49
N GLU C 76 10.27 -12.33 -18.74
CA GLU C 76 10.09 -11.41 -17.62
C GLU C 76 9.60 -12.25 -16.45
N PHE C 77 10.54 -12.89 -15.75
CA PHE C 77 10.21 -13.70 -14.59
C PHE C 77 10.09 -12.81 -13.36
N PHE C 78 9.02 -13.00 -12.61
CA PHE C 78 8.75 -12.25 -11.39
C PHE C 78 8.80 -13.18 -10.18
N ASP C 79 8.89 -12.57 -9.00
CA ASP C 79 8.95 -13.30 -7.74
C ASP C 79 7.53 -13.40 -7.14
N ASP C 80 6.98 -14.60 -7.16
CA ASP C 80 5.70 -14.92 -6.53
C ASP C 80 5.74 -14.79 -5.00
N GLY C 81 6.92 -14.67 -4.39
CA GLY C 81 7.01 -14.64 -2.94
C GLY C 81 6.86 -15.99 -2.27
N TRP C 82 6.99 -17.08 -3.01
CA TRP C 82 6.65 -18.41 -2.49
C TRP C 82 7.65 -18.87 -1.45
N GLU C 83 8.94 -18.84 -1.80
CA GLU C 83 9.96 -19.48 -0.98
C GLU C 83 10.16 -18.79 0.35
N SER C 84 9.61 -17.59 0.53
CA SER C 84 9.57 -16.99 1.86
C SER C 84 8.28 -17.31 2.61
N VAL C 85 7.21 -17.65 1.91
CA VAL C 85 5.93 -18.02 2.55
C VAL C 85 5.87 -19.52 2.79
N ASN C 86 6.07 -20.32 1.74
CA ASN C 86 6.04 -21.77 1.89
C ASN C 86 7.02 -22.24 2.96
N GLY C 87 8.21 -21.65 3.00
CA GLY C 87 9.20 -22.04 3.99
C GLY C 87 9.70 -23.44 3.73
N SER C 88 9.69 -24.27 4.78
CA SER C 88 10.18 -25.65 4.69
C SER C 88 9.08 -26.64 4.29
N LYS C 89 7.87 -26.16 4.01
CA LYS C 89 6.81 -27.07 3.59
C LYS C 89 7.16 -27.68 2.23
N PRO C 90 6.72 -28.91 1.98
CA PRO C 90 6.82 -29.45 0.63
C PRO C 90 5.86 -28.74 -0.31
N PHE C 91 6.24 -28.71 -1.59
CA PHE C 91 5.44 -27.97 -2.56
C PHE C 91 4.09 -28.64 -2.77
N ASP C 92 3.04 -27.87 -2.59
CA ASP C 92 1.66 -28.33 -2.75
C ASP C 92 1.00 -27.43 -3.80
N VAL C 93 0.61 -28.01 -4.93
CA VAL C 93 0.09 -27.23 -6.04
C VAL C 93 -1.28 -26.63 -5.71
N GLY C 94 -2.02 -27.19 -4.77
CA GLY C 94 -3.27 -26.59 -4.36
C GLY C 94 -3.04 -25.35 -3.53
N VAL C 95 -2.03 -25.39 -2.67
CA VAL C 95 -1.65 -24.20 -1.92
C VAL C 95 -0.99 -23.19 -2.84
N TYR C 96 -0.19 -23.66 -3.80
CA TYR C 96 0.54 -22.73 -4.64
C TYR C 96 -0.41 -21.95 -5.56
N ILE C 97 -1.36 -22.63 -6.19
CA ILE C 97 -2.22 -21.93 -7.14
C ILE C 97 -2.99 -20.82 -6.44
N ASN C 98 -3.41 -21.06 -5.20
CA ASN C 98 -4.08 -20.01 -4.43
C ASN C 98 -3.12 -18.87 -4.12
N HIS C 99 -1.89 -19.20 -3.72
CA HIS C 99 -0.91 -18.15 -3.45
C HIS C 99 -0.64 -17.29 -4.69
N LEU C 100 -0.42 -17.93 -5.84
CA LEU C 100 -0.07 -17.19 -7.04
C LEU C 100 -1.22 -16.29 -7.49
N ASP C 101 -2.45 -16.73 -7.28
CA ASP C 101 -3.61 -15.88 -7.52
C ASP C 101 -3.49 -14.57 -6.76
N GLN C 102 -3.29 -14.65 -5.44
CA GLN C 102 -3.18 -13.45 -4.62
C GLN C 102 -1.96 -12.63 -5.01
N ALA C 103 -0.81 -13.30 -5.15
CA ALA C 103 0.44 -12.57 -5.41
C ALA C 103 0.45 -12.00 -6.81
N GLY C 104 -0.06 -12.76 -7.78
CA GLY C 104 -0.05 -12.31 -9.16
C GLY C 104 -0.91 -11.08 -9.38
N ARG C 105 -2.01 -10.97 -8.63
CA ARG C 105 -2.85 -9.78 -8.72
C ARG C 105 -2.12 -8.53 -8.23
N GLN C 106 -1.13 -8.71 -7.36
CA GLN C 106 -0.37 -7.56 -6.89
C GLN C 106 0.73 -7.19 -7.89
N LYS C 107 1.40 -8.18 -8.46
CA LYS C 107 2.60 -7.90 -9.23
C LYS C 107 2.36 -7.73 -10.73
N LEU C 108 1.32 -8.34 -11.29
CA LEU C 108 1.04 -8.12 -12.70
C LEU C 108 0.70 -6.66 -13.02
N PRO C 109 -0.11 -5.93 -12.23
CA PRO C 109 -0.27 -4.50 -12.50
C PRO C 109 1.05 -3.74 -12.53
N ILE C 110 1.99 -4.09 -11.65
CA ILE C 110 3.28 -3.42 -11.62
C ILE C 110 4.00 -3.59 -12.95
N MET C 111 4.21 -4.84 -13.36
CA MET C 111 4.90 -5.12 -14.62
C MET C 111 4.22 -4.44 -15.80
N LEU C 112 2.89 -4.47 -15.84
CA LEU C 112 2.18 -3.84 -16.95
C LEU C 112 2.41 -2.34 -16.95
N LYS C 113 2.31 -1.70 -15.78
CA LYS C 113 2.51 -0.26 -15.69
C LYS C 113 3.94 0.13 -16.06
N LYS C 114 4.93 -0.71 -15.73
CA LYS C 114 6.29 -0.46 -16.18
C LYS C 114 6.31 -0.32 -17.70
N HIS C 115 5.82 -1.34 -18.40
CA HIS C 115 5.78 -1.32 -19.87
C HIS C 115 5.06 -0.09 -20.40
N GLU C 116 4.03 0.37 -19.68
CA GLU C 116 3.26 1.53 -20.13
C GLU C 116 4.13 2.78 -20.19
N GLU C 117 4.84 3.08 -19.09
CA GLU C 117 5.78 4.21 -19.09
C GLU C 117 7.01 3.95 -19.94
N SER C 118 7.34 2.69 -20.23
CA SER C 118 8.53 2.36 -21.00
C SER C 118 8.35 2.57 -22.49
N GLY C 119 7.12 2.77 -22.96
CA GLY C 119 6.85 2.85 -24.38
C GLY C 119 6.63 1.52 -25.05
N THR C 120 6.42 0.44 -24.29
CA THR C 120 6.03 -0.85 -24.83
C THR C 120 4.75 -1.34 -24.15
N PRO C 121 3.67 -0.57 -24.24
CA PRO C 121 2.43 -0.97 -23.54
C PRO C 121 1.88 -2.27 -24.09
N VAL C 122 1.26 -3.05 -23.21
CA VAL C 122 0.83 -4.39 -23.61
C VAL C 122 -0.49 -4.28 -24.37
N SER C 123 -0.50 -4.83 -25.58
CA SER C 123 -1.69 -4.80 -26.41
C SER C 123 -2.67 -5.92 -26.06
N CYS C 124 -2.19 -7.00 -25.47
CA CYS C 124 -3.05 -8.15 -25.17
C CYS C 124 -2.34 -9.07 -24.18
N LEU C 125 -3.03 -9.41 -23.10
CA LEU C 125 -2.60 -10.49 -22.21
C LEU C 125 -3.11 -11.82 -22.73
N ILE C 126 -2.30 -12.85 -22.55
CA ILE C 126 -2.68 -14.22 -22.87
C ILE C 126 -2.43 -15.07 -21.64
N LEU C 127 -3.47 -15.76 -21.20
CA LEU C 127 -3.37 -16.55 -19.97
C LEU C 127 -3.73 -18.00 -20.30
N ASN C 128 -3.83 -18.80 -19.24
CA ASN C 128 -4.18 -20.21 -19.40
C ASN C 128 -5.11 -20.55 -18.24
N PRO C 129 -5.77 -21.71 -18.27
CA PRO C 129 -6.79 -21.98 -17.24
C PRO C 129 -6.26 -22.06 -15.81
N LEU C 130 -4.95 -22.17 -15.61
CA LEU C 130 -4.44 -22.23 -14.24
C LEU C 130 -4.15 -20.85 -13.65
N VAL C 131 -4.29 -19.78 -14.44
CA VAL C 131 -4.11 -18.42 -13.93
C VAL C 131 -5.30 -17.58 -14.39
N PRO C 132 -6.52 -17.98 -14.04
CA PRO C 132 -7.69 -17.21 -14.50
C PRO C 132 -7.72 -15.79 -13.98
N TRP C 133 -6.99 -15.49 -12.91
CA TRP C 133 -6.99 -14.15 -12.34
C TRP C 133 -6.37 -13.11 -13.25
N VAL C 134 -5.61 -13.53 -14.27
CA VAL C 134 -5.06 -12.58 -15.23
C VAL C 134 -6.19 -11.83 -15.95
N ALA C 135 -7.30 -12.52 -16.21
CA ALA C 135 -8.41 -11.90 -16.91
C ALA C 135 -9.09 -10.83 -16.04
N ASP C 136 -9.08 -11.00 -14.73
CA ASP C 136 -9.60 -9.95 -13.84
C ASP C 136 -8.65 -8.76 -13.79
N VAL C 137 -7.34 -9.01 -13.69
CA VAL C 137 -6.40 -7.90 -13.81
C VAL C 137 -6.57 -7.22 -15.16
N ALA C 138 -6.81 -8.01 -16.20
CA ALA C 138 -6.91 -7.47 -17.54
C ALA C 138 -8.18 -6.64 -17.71
N ASP C 139 -9.31 -7.14 -17.18
CA ASP C 139 -10.53 -6.35 -17.22
C ASP C 139 -10.39 -5.09 -16.40
N SER C 140 -9.77 -5.19 -15.21
CA SER C 140 -9.70 -4.02 -14.36
C SER C 140 -8.82 -2.92 -14.97
N LEU C 141 -7.79 -3.30 -15.73
CA LEU C 141 -6.92 -2.34 -16.41
C LEU C 141 -7.33 -2.06 -17.83
N GLN C 142 -8.47 -2.59 -18.29
CA GLN C 142 -8.96 -2.34 -19.64
C GLN C 142 -7.93 -2.74 -20.71
N ILE C 143 -7.25 -3.86 -20.49
CA ILE C 143 -6.37 -4.47 -21.48
C ILE C 143 -7.05 -5.73 -21.99
N PRO C 144 -7.12 -5.96 -23.30
CA PRO C 144 -7.72 -7.20 -23.79
C PRO C 144 -6.94 -8.43 -23.34
N CYS C 145 -7.66 -9.52 -23.10
CA CYS C 145 -7.03 -10.78 -22.74
C CYS C 145 -7.76 -11.92 -23.43
N ALA C 146 -6.99 -12.98 -23.66
CA ALA C 146 -7.47 -14.25 -24.20
C ALA C 146 -6.80 -15.35 -23.39
N THR C 147 -7.40 -16.52 -23.40
CA THR C 147 -6.82 -17.65 -22.71
C THR C 147 -6.50 -18.75 -23.71
N LEU C 148 -5.40 -19.46 -23.43
CA LEU C 148 -4.97 -20.58 -24.25
C LEU C 148 -5.46 -21.86 -23.59
N TRP C 149 -6.34 -22.57 -24.29
CA TRP C 149 -6.79 -23.87 -23.84
C TRP C 149 -5.86 -24.93 -24.44
N VAL C 150 -5.20 -25.69 -23.58
CA VAL C 150 -4.15 -26.59 -24.04
C VAL C 150 -4.60 -28.04 -24.13
N GLN C 151 -5.85 -28.33 -23.79
CA GLN C 151 -6.37 -29.68 -23.99
C GLN C 151 -7.24 -29.71 -25.24
N SER C 152 -7.89 -30.85 -25.49
CA SER C 152 -8.74 -30.96 -26.67
C SER C 152 -9.98 -30.08 -26.52
N CYS C 153 -10.65 -29.85 -27.65
CA CYS C 153 -11.94 -29.17 -27.57
C CYS C 153 -12.98 -30.06 -26.91
N ALA C 154 -12.87 -31.38 -27.11
CA ALA C 154 -13.78 -32.28 -26.43
C ALA C 154 -13.60 -32.20 -24.92
N SER C 155 -12.38 -31.92 -24.47
CA SER C 155 -12.14 -31.74 -23.05
C SER C 155 -12.66 -30.38 -22.57
N PHE C 156 -12.41 -29.31 -23.34
CA PHE C 156 -13.07 -28.03 -23.06
C PHE C 156 -14.57 -28.21 -22.87
N SER C 157 -15.22 -28.93 -23.77
CA SER C 157 -16.65 -29.13 -23.65
C SER C 157 -17.02 -29.86 -22.37
N ALA C 158 -16.30 -30.92 -22.04
CA ALA C 158 -16.65 -31.69 -20.85
C ALA C 158 -16.55 -30.83 -19.59
N TYR C 159 -15.45 -30.09 -19.44
CA TYR C 159 -15.34 -29.21 -18.28
C TYR C 159 -16.38 -28.08 -18.35
N TYR C 160 -16.66 -27.56 -19.54
CA TYR C 160 -17.64 -26.47 -19.66
C TYR C 160 -19.02 -26.96 -19.21
N HIS C 161 -19.49 -28.06 -19.79
CA HIS C 161 -20.80 -28.57 -19.45
C HIS C 161 -20.87 -29.09 -18.02
N TYR C 162 -19.75 -29.59 -17.47
CA TYR C 162 -19.72 -29.95 -16.04
C TYR C 162 -19.87 -28.70 -15.18
N HIS C 163 -19.09 -27.65 -15.46
CA HIS C 163 -19.12 -26.45 -14.64
C HIS C 163 -20.49 -25.80 -14.59
N HIS C 164 -21.19 -25.75 -15.72
CA HIS C 164 -22.46 -25.06 -15.78
C HIS C 164 -23.65 -25.98 -15.56
N GLY C 165 -23.41 -27.17 -15.01
CA GLY C 165 -24.48 -28.09 -14.66
C GLY C 165 -25.39 -28.50 -15.80
N LEU C 166 -24.94 -28.34 -17.06
CA LEU C 166 -25.85 -28.42 -18.21
C LEU C 166 -26.29 -29.84 -18.51
N VAL C 167 -25.45 -30.82 -18.20
CA VAL C 167 -25.76 -32.22 -18.47
C VAL C 167 -25.30 -33.06 -17.28
N PRO C 168 -26.03 -34.13 -16.95
CA PRO C 168 -25.66 -34.93 -15.77
C PRO C 168 -24.35 -35.69 -16.01
N PHE C 169 -23.41 -35.52 -15.09
CA PHE C 169 -22.14 -36.22 -15.04
C PHE C 169 -22.19 -37.28 -13.94
N PRO C 170 -21.23 -38.21 -13.91
CA PRO C 170 -21.21 -39.21 -12.84
C PRO C 170 -21.05 -38.56 -11.47
N THR C 171 -21.78 -39.09 -10.50
CA THR C 171 -21.81 -38.57 -9.14
C THR C 171 -21.47 -39.68 -8.16
N GLU C 172 -21.43 -39.31 -6.88
CA GLU C 172 -21.33 -40.31 -5.83
C GLU C 172 -22.44 -41.34 -5.96
N SER C 173 -23.69 -40.88 -6.07
CA SER C 173 -24.83 -41.78 -6.09
C SER C 173 -24.91 -42.62 -7.38
N GLU C 174 -24.49 -42.05 -8.50
CA GLU C 174 -24.63 -42.67 -9.82
C GLU C 174 -23.28 -42.61 -10.53
N PRO C 175 -22.37 -43.53 -10.21
CA PRO C 175 -20.98 -43.39 -10.66
C PRO C 175 -20.69 -43.88 -12.09
N GLU C 176 -21.58 -44.62 -12.74
CA GLU C 176 -21.25 -45.18 -14.06
C GLU C 176 -22.22 -44.74 -15.15
N ILE C 177 -22.82 -43.56 -15.01
CA ILE C 177 -23.74 -43.07 -16.05
C ILE C 177 -22.94 -42.54 -17.24
N ASP C 178 -23.47 -42.74 -18.44
CA ASP C 178 -22.87 -42.13 -19.61
C ASP C 178 -23.18 -40.63 -19.63
N VAL C 179 -22.42 -39.91 -20.44
CA VAL C 179 -22.54 -38.45 -20.50
C VAL C 179 -22.55 -38.06 -21.97
N GLN C 180 -23.69 -37.56 -22.44
CA GLN C 180 -23.81 -37.11 -23.83
C GLN C 180 -23.71 -35.60 -23.87
N LEU C 181 -22.63 -35.10 -24.45
CA LEU C 181 -22.40 -33.70 -24.72
C LEU C 181 -22.62 -33.40 -26.22
N PRO C 182 -22.95 -32.16 -26.60
CA PRO C 182 -23.34 -31.90 -27.99
C PRO C 182 -22.17 -31.98 -28.95
N GLY C 183 -22.44 -32.53 -30.14
CA GLY C 183 -21.45 -32.62 -31.18
C GLY C 183 -20.33 -33.58 -30.87
N MET C 184 -20.62 -34.64 -30.14
CA MET C 184 -19.58 -35.52 -29.62
C MET C 184 -20.16 -36.93 -29.53
N PRO C 185 -19.31 -37.96 -29.54
CA PRO C 185 -19.82 -39.29 -29.25
C PRO C 185 -20.28 -39.33 -27.80
N LEU C 186 -21.18 -40.27 -27.51
CA LEU C 186 -21.49 -40.60 -26.12
C LEU C 186 -20.21 -41.00 -25.38
N LEU C 187 -20.03 -40.44 -24.18
CA LEU C 187 -18.88 -40.73 -23.32
C LEU C 187 -19.29 -41.70 -22.23
N LYS C 188 -18.62 -42.86 -22.19
CA LYS C 188 -18.73 -43.74 -21.03
C LYS C 188 -18.28 -43.01 -19.77
N TYR C 189 -18.76 -43.48 -18.63
CA TYR C 189 -18.43 -42.84 -17.35
C TYR C 189 -16.92 -42.66 -17.20
N ASP C 190 -16.13 -43.68 -17.52
CA ASP C 190 -14.68 -43.62 -17.37
C ASP C 190 -13.99 -42.96 -18.55
N GLU C 191 -14.75 -42.37 -19.48
CA GLU C 191 -14.17 -41.63 -20.60
C GLU C 191 -14.28 -40.12 -20.43
N VAL C 192 -15.00 -39.66 -19.42
CA VAL C 192 -14.98 -38.23 -19.05
C VAL C 192 -13.62 -37.91 -18.45
N PRO C 193 -13.02 -36.72 -18.70
CA PRO C 193 -11.75 -36.38 -18.04
C PRO C 193 -11.81 -36.73 -16.56
N ASP C 194 -11.04 -37.73 -16.08
CA ASP C 194 -11.57 -38.36 -14.88
C ASP C 194 -11.25 -37.58 -13.61
N TYR C 195 -10.50 -36.48 -13.69
CA TYR C 195 -10.48 -35.55 -12.59
C TYR C 195 -11.89 -35.10 -12.18
N LEU C 196 -12.85 -35.13 -13.11
CA LEU C 196 -14.24 -34.77 -12.78
C LEU C 196 -15.02 -35.95 -12.21
N HIS C 197 -14.40 -37.11 -12.02
CA HIS C 197 -15.15 -38.26 -11.53
C HIS C 197 -15.00 -38.39 -10.03
N PRO C 198 -16.07 -38.82 -9.35
CA PRO C 198 -16.01 -38.99 -7.89
C PRO C 198 -14.84 -39.86 -7.43
N ARG C 199 -14.44 -40.86 -8.21
CA ARG C 199 -13.40 -41.81 -7.82
C ARG C 199 -11.98 -41.27 -7.97
N THR C 200 -11.78 -40.08 -8.53
CA THR C 200 -10.41 -39.66 -8.81
C THR C 200 -9.61 -39.52 -7.52
N PRO C 201 -8.32 -39.84 -7.54
CA PRO C 201 -7.45 -39.42 -6.42
C PRO C 201 -7.02 -37.98 -6.52
N TYR C 202 -7.31 -37.30 -7.63
CA TYR C 202 -6.82 -35.94 -7.87
C TYR C 202 -7.98 -34.97 -8.14
N PRO C 203 -8.94 -34.83 -7.21
CA PRO C 203 -10.03 -33.87 -7.47
C PRO C 203 -9.53 -32.45 -7.62
N PHE C 204 -8.42 -32.09 -6.94
CA PHE C 204 -7.87 -30.75 -7.00
C PHE C 204 -7.37 -30.38 -8.39
N PHE C 205 -7.14 -31.34 -9.28
CA PHE C 205 -6.72 -31.01 -10.63
C PHE C 205 -7.92 -30.61 -11.48
N GLY C 206 -9.03 -31.33 -11.30
CA GLY C 206 -10.27 -30.87 -11.91
C GLY C 206 -10.74 -29.56 -11.32
N THR C 207 -10.57 -29.38 -10.01
CA THR C 207 -10.97 -28.12 -9.40
C THR C 207 -10.15 -26.96 -9.96
N ASN C 208 -8.84 -27.17 -10.13
CA ASN C 208 -8.00 -26.10 -10.68
C ASN C 208 -8.42 -25.75 -12.10
N ILE C 209 -8.75 -26.76 -12.91
CA ILE C 209 -9.15 -26.51 -14.28
C ILE C 209 -10.50 -25.79 -14.32
N LEU C 210 -11.45 -26.24 -13.49
CA LEU C 210 -12.77 -25.61 -13.48
C LEU C 210 -12.69 -24.14 -13.09
N GLY C 211 -11.65 -23.74 -12.37
CA GLY C 211 -11.44 -22.35 -12.01
C GLY C 211 -11.38 -21.40 -13.18
N GLN C 212 -11.16 -21.93 -14.40
CA GLN C 212 -11.15 -21.13 -15.62
C GLN C 212 -12.55 -20.69 -16.03
N PHE C 213 -13.56 -21.53 -15.80
CA PHE C 213 -14.87 -21.28 -16.36
C PHE C 213 -15.71 -20.32 -15.54
N LYS C 214 -15.25 -19.92 -14.36
CA LYS C 214 -16.01 -18.96 -13.56
C LYS C 214 -16.01 -17.58 -14.23
N ASN C 215 -14.88 -17.14 -14.80
CA ASN C 215 -14.81 -15.84 -15.45
C ASN C 215 -14.37 -15.94 -16.91
N LEU C 216 -14.70 -17.06 -17.56
CA LEU C 216 -14.28 -17.32 -18.93
C LEU C 216 -14.72 -16.21 -19.88
N SER C 217 -15.92 -15.69 -19.68
CA SER C 217 -16.43 -14.66 -20.59
C SER C 217 -15.64 -13.35 -20.51
N LYS C 218 -14.74 -13.20 -19.53
CA LYS C 218 -13.88 -12.01 -19.56
C LYS C 218 -12.84 -12.05 -20.67
N ASN C 219 -12.56 -13.21 -21.25
CA ASN C 219 -11.65 -13.31 -22.38
C ASN C 219 -12.42 -13.09 -23.67
N PHE C 220 -11.91 -12.23 -24.54
CA PHE C 220 -12.60 -12.00 -25.81
C PHE C 220 -12.39 -13.14 -26.78
N CYS C 221 -11.45 -14.04 -26.48
CA CYS C 221 -11.07 -15.11 -27.37
C CYS C 221 -10.55 -16.27 -26.53
N ILE C 222 -10.90 -17.48 -26.92
CA ILE C 222 -10.35 -18.69 -26.33
C ILE C 222 -9.52 -19.36 -27.41
N LEU C 223 -8.21 -19.21 -27.33
CA LEU C 223 -7.30 -19.89 -28.23
C LEU C 223 -7.15 -21.35 -27.82
N MET C 224 -7.02 -22.24 -28.80
CA MET C 224 -7.11 -23.66 -28.53
C MET C 224 -6.05 -24.40 -29.34
N ASP C 225 -5.23 -25.22 -28.68
CA ASP C 225 -4.20 -25.99 -29.38
C ASP C 225 -4.82 -27.26 -29.95
N THR C 226 -5.68 -27.06 -30.94
CA THR C 226 -6.27 -28.12 -31.74
C THR C 226 -6.49 -27.54 -33.14
N PHE C 227 -6.99 -28.36 -34.05
CA PHE C 227 -7.30 -27.87 -35.38
C PHE C 227 -8.64 -28.45 -35.82
N TYR C 228 -9.28 -27.71 -36.71
CA TYR C 228 -10.73 -27.84 -36.87
C TYR C 228 -11.10 -29.17 -37.51
N GLU C 229 -10.40 -29.55 -38.57
CA GLU C 229 -10.69 -30.79 -39.25
C GLU C 229 -10.53 -32.02 -38.33
N LEU C 230 -9.83 -31.87 -37.20
CA LEU C 230 -9.64 -32.97 -36.26
C LEU C 230 -10.83 -33.13 -35.31
N GLU C 231 -11.42 -32.02 -34.88
CA GLU C 231 -12.52 -31.98 -33.94
C GLU C 231 -13.65 -31.10 -34.46
N HIS C 232 -13.98 -31.22 -35.75
CA HIS C 232 -14.88 -30.25 -36.37
C HIS C 232 -16.28 -30.30 -35.78
N GLU C 233 -16.79 -31.51 -35.53
CA GLU C 233 -18.15 -31.63 -35.00
C GLU C 233 -18.24 -31.07 -33.59
N THR C 234 -17.18 -31.22 -32.80
CA THR C 234 -17.16 -30.64 -31.46
C THR C 234 -16.97 -29.14 -31.52
N ILE C 235 -16.08 -28.67 -32.38
CA ILE C 235 -15.80 -27.25 -32.48
C ILE C 235 -17.04 -26.49 -32.96
N ASP C 236 -17.77 -27.04 -33.93
CA ASP C 236 -18.99 -26.38 -34.39
C ASP C 236 -20.02 -26.29 -33.29
N SER C 237 -20.04 -27.26 -32.38
CA SER C 237 -20.98 -27.20 -31.26
C SER C 237 -20.58 -26.13 -30.28
N ILE C 238 -19.30 -26.11 -29.88
CA ILE C 238 -18.84 -25.18 -28.87
C ILE C 238 -18.75 -23.76 -29.42
N THR C 239 -18.43 -23.60 -30.71
CA THR C 239 -18.32 -22.24 -31.21
C THR C 239 -19.70 -21.56 -31.25
N LYS C 240 -20.77 -22.34 -31.18
CA LYS C 240 -22.10 -21.79 -30.94
C LYS C 240 -22.28 -21.26 -29.53
N ILE C 241 -21.33 -21.49 -28.61
CA ILE C 241 -21.52 -21.04 -27.23
C ILE C 241 -20.38 -20.15 -26.76
N CYS C 242 -19.19 -20.32 -27.33
CA CYS C 242 -17.98 -19.66 -26.84
C CYS C 242 -17.15 -19.21 -28.01
N PRO C 243 -16.42 -18.12 -27.88
CA PRO C 243 -15.51 -17.65 -28.95
C PRO C 243 -14.20 -18.43 -29.02
N ILE C 244 -14.25 -19.68 -29.47
CA ILE C 244 -13.03 -20.48 -29.54
C ILE C 244 -12.40 -20.31 -30.92
N LYS C 245 -11.07 -20.33 -30.96
CA LYS C 245 -10.32 -20.21 -32.21
C LYS C 245 -9.23 -21.27 -32.21
N PRO C 246 -9.46 -22.40 -32.85
CA PRO C 246 -8.38 -23.39 -32.98
C PRO C 246 -7.24 -22.80 -33.80
N ILE C 247 -6.02 -23.02 -33.32
CA ILE C 247 -4.81 -22.46 -33.94
C ILE C 247 -3.71 -23.53 -33.90
N GLY C 248 -4.08 -24.78 -33.61
CA GLY C 248 -3.11 -25.85 -33.52
C GLY C 248 -2.83 -26.56 -34.83
N PRO C 249 -1.89 -27.53 -34.82
CA PRO C 249 -1.03 -27.94 -33.69
C PRO C 249 0.02 -26.86 -33.43
N LEU C 250 0.13 -26.36 -32.20
CA LEU C 250 1.04 -25.24 -31.95
C LEU C 250 2.48 -25.58 -32.33
N PHE C 251 2.96 -26.78 -31.96
CA PHE C 251 4.34 -27.15 -32.24
C PHE C 251 4.64 -27.19 -33.73
N LYS C 252 3.62 -27.35 -34.56
CA LYS C 252 3.77 -27.48 -36.00
C LYS C 252 3.71 -26.12 -36.71
N ILE C 253 3.53 -25.02 -35.99
CA ILE C 253 3.53 -23.71 -36.68
C ILE C 253 4.96 -23.37 -37.09
N PRO C 254 5.22 -23.07 -38.37
CA PRO C 254 6.58 -22.83 -38.88
C PRO C 254 7.22 -21.58 -38.28
N ASP C 271 21.24 -39.18 -29.06
CA ASP C 271 21.40 -40.61 -29.29
C ASP C 271 20.28 -41.20 -30.15
N CYS C 272 19.04 -40.78 -29.90
CA CYS C 272 17.90 -41.42 -30.54
C CYS C 272 17.99 -41.34 -32.05
N LYS C 273 18.33 -40.16 -32.58
CA LYS C 273 18.31 -39.98 -34.03
C LYS C 273 19.36 -40.84 -34.71
N GLU C 274 20.55 -40.92 -34.13
CA GLU C 274 21.61 -41.75 -34.73
C GLU C 274 21.18 -43.20 -34.80
N TRP C 275 20.51 -43.70 -33.76
CA TRP C 275 20.00 -45.07 -33.81
C TRP C 275 18.86 -45.20 -34.83
N LEU C 276 17.86 -44.32 -34.75
CA LEU C 276 16.75 -44.38 -35.68
C LEU C 276 17.24 -44.38 -37.12
N ASP C 277 18.34 -43.68 -37.40
CA ASP C 277 18.87 -43.65 -38.75
C ASP C 277 19.43 -44.98 -39.22
N THR C 278 19.61 -45.98 -38.35
CA THR C 278 20.07 -47.29 -38.79
C THR C 278 18.94 -48.28 -39.03
N ARG C 279 17.71 -47.89 -38.74
CA ARG C 279 16.59 -48.82 -38.78
C ARG C 279 15.80 -48.68 -40.08
N PRO C 280 15.19 -49.77 -40.55
CA PRO C 280 14.36 -49.68 -41.75
C PRO C 280 13.17 -48.79 -41.49
N PRO C 281 12.71 -48.04 -42.50
CA PRO C 281 11.59 -47.14 -42.28
C PRO C 281 10.33 -47.90 -41.86
N SER C 282 9.54 -47.24 -41.01
CA SER C 282 8.28 -47.77 -40.48
C SER C 282 8.48 -49.14 -39.82
N THR C 283 9.38 -49.18 -38.82
CA THR C 283 9.53 -50.40 -38.03
C THR C 283 9.62 -50.19 -36.52
N VAL C 284 9.97 -48.99 -36.03
CA VAL C 284 10.25 -48.77 -34.62
C VAL C 284 8.97 -48.39 -33.89
N VAL C 285 8.59 -49.18 -32.89
CA VAL C 285 7.48 -48.83 -32.02
C VAL C 285 8.03 -47.94 -30.91
N TYR C 286 7.65 -46.66 -30.92
CA TYR C 286 8.15 -45.72 -29.93
C TYR C 286 7.27 -45.78 -28.69
N VAL C 287 7.89 -45.97 -27.52
CA VAL C 287 7.18 -46.20 -26.26
C VAL C 287 7.54 -45.10 -25.27
N SER C 288 6.55 -44.29 -24.90
CA SER C 288 6.76 -43.21 -23.92
C SER C 288 5.47 -43.01 -23.15
N VAL C 289 5.48 -43.37 -21.87
CA VAL C 289 4.36 -43.07 -20.97
C VAL C 289 4.81 -42.45 -19.67
N GLY C 290 6.13 -42.27 -19.48
CA GLY C 290 6.67 -41.73 -18.25
C GLY C 290 7.00 -40.26 -18.33
N SER C 291 6.17 -39.48 -19.03
CA SER C 291 6.29 -38.04 -19.05
C SER C 291 5.32 -37.35 -18.11
N VAL C 292 4.35 -38.08 -17.55
CA VAL C 292 3.38 -37.52 -16.61
C VAL C 292 3.23 -38.44 -15.40
N VAL C 293 3.51 -39.73 -15.58
CA VAL C 293 3.23 -40.73 -14.56
C VAL C 293 4.49 -41.54 -14.28
N TYR C 294 4.60 -42.01 -13.04
CA TYR C 294 5.61 -42.97 -12.65
C TYR C 294 4.91 -44.32 -12.51
N LEU C 295 5.16 -45.23 -13.45
CA LEU C 295 4.54 -46.54 -13.39
C LEU C 295 5.13 -47.36 -12.24
N LYS C 296 4.28 -48.19 -11.64
CA LYS C 296 4.74 -49.17 -10.67
C LYS C 296 5.66 -50.17 -11.36
N GLN C 297 6.67 -50.64 -10.60
CA GLN C 297 7.59 -51.64 -11.14
C GLN C 297 6.84 -52.82 -11.72
N GLU C 298 5.76 -53.25 -11.05
CA GLU C 298 5.01 -54.41 -11.55
C GLU C 298 4.51 -54.16 -12.97
N GLN C 299 3.97 -52.97 -13.21
CA GLN C 299 3.51 -52.64 -14.55
C GLN C 299 4.67 -52.60 -15.53
N VAL C 300 5.82 -52.05 -15.10
CA VAL C 300 6.99 -51.97 -15.99
C VAL C 300 7.43 -53.37 -16.43
N THR C 301 7.48 -54.32 -15.49
CA THR C 301 7.90 -55.68 -15.84
C THR C 301 6.97 -56.27 -16.90
N GLU C 302 5.66 -56.06 -16.76
CA GLU C 302 4.73 -56.58 -17.75
C GLU C 302 4.96 -55.95 -19.11
N MET C 303 5.23 -54.65 -19.14
CA MET C 303 5.54 -53.99 -20.41
C MET C 303 6.79 -54.59 -21.03
N ALA C 304 7.84 -54.75 -20.23
CA ALA C 304 9.09 -55.33 -20.69
C ALA C 304 8.87 -56.69 -21.35
N TYR C 305 8.20 -57.61 -20.63
CA TYR C 305 7.93 -58.90 -21.24
C TYR C 305 6.93 -58.78 -22.39
N GLY C 306 5.98 -57.85 -22.29
CA GLY C 306 5.09 -57.62 -23.43
C GLY C 306 5.82 -57.15 -24.68
N ILE C 307 6.79 -56.25 -24.51
CA ILE C 307 7.57 -55.80 -25.66
C ILE C 307 8.44 -56.94 -26.18
N LEU C 308 9.12 -57.64 -25.28
CA LEU C 308 10.01 -58.73 -25.72
C LEU C 308 9.23 -59.81 -26.47
N ASN C 309 8.08 -60.23 -25.93
CA ASN C 309 7.36 -61.35 -26.53
C ASN C 309 6.77 -60.96 -27.88
N SER C 310 6.46 -59.67 -28.07
CA SER C 310 5.92 -59.19 -29.34
C SER C 310 6.93 -59.25 -30.47
N GLU C 311 8.23 -59.19 -30.13
CA GLU C 311 9.34 -59.26 -31.08
C GLU C 311 9.41 -58.05 -32.00
N VAL C 312 8.74 -56.94 -31.65
CA VAL C 312 8.82 -55.74 -32.47
C VAL C 312 10.09 -54.97 -32.14
N SER C 313 10.63 -54.28 -33.15
CA SER C 313 11.61 -53.22 -32.92
C SER C 313 10.98 -52.09 -32.12
N PHE C 314 11.74 -51.50 -31.20
CA PHE C 314 11.15 -50.56 -30.26
C PHE C 314 12.17 -49.54 -29.77
N LEU C 315 11.67 -48.36 -29.42
CA LEU C 315 12.42 -47.35 -28.70
C LEU C 315 11.60 -46.95 -27.48
N TRP C 316 12.10 -47.29 -26.29
CA TRP C 316 11.37 -47.14 -25.05
C TRP C 316 12.02 -46.04 -24.22
N VAL C 317 11.23 -45.03 -23.85
CA VAL C 317 11.67 -43.98 -22.94
C VAL C 317 11.20 -44.36 -21.54
N LEU C 318 12.15 -44.69 -20.69
CA LEU C 318 11.89 -45.07 -19.30
C LEU C 318 12.51 -43.99 -18.42
N ARG C 319 11.66 -43.10 -17.90
CA ARG C 319 12.14 -41.93 -17.18
C ARG C 319 12.66 -42.32 -15.81
N PRO C 320 13.87 -41.93 -15.44
CA PRO C 320 14.45 -42.35 -14.15
C PRO C 320 13.77 -41.63 -13.00
N PRO C 321 14.13 -41.96 -11.74
CA PRO C 321 13.58 -41.22 -10.58
C PRO C 321 13.77 -39.69 -10.67
N GLU C 328 13.78 -44.75 -6.12
CA GLU C 328 13.24 -46.06 -6.48
C GLU C 328 12.98 -46.15 -8.00
N PRO C 329 13.99 -46.61 -8.77
CA PRO C 329 13.87 -46.64 -10.24
C PRO C 329 13.13 -47.86 -10.81
N HIS C 330 13.34 -48.12 -12.11
CA HIS C 330 12.61 -49.15 -12.86
C HIS C 330 13.60 -50.16 -13.42
N VAL C 331 13.68 -51.35 -12.82
CA VAL C 331 14.59 -52.40 -13.28
C VAL C 331 13.88 -53.25 -14.35
N LEU C 332 14.56 -53.49 -15.45
CA LEU C 332 14.07 -54.39 -16.48
C LEU C 332 14.65 -55.79 -16.26
N PRO C 333 14.01 -56.82 -16.81
CA PRO C 333 14.54 -58.18 -16.64
C PRO C 333 15.92 -58.29 -17.28
N GLU C 334 16.73 -59.18 -16.69
CA GLU C 334 18.07 -59.40 -17.22
C GLU C 334 18.01 -59.91 -18.66
N GLU C 335 16.97 -60.66 -19.01
CA GLU C 335 16.91 -61.22 -20.34
C GLU C 335 16.40 -60.23 -21.39
N PHE C 336 15.66 -59.20 -20.95
CA PHE C 336 15.25 -58.12 -21.84
C PHE C 336 16.46 -57.47 -22.51
N TRP C 337 17.40 -56.96 -21.72
CA TRP C 337 18.58 -56.28 -22.24
C TRP C 337 19.25 -57.08 -23.35
N GLU C 338 19.46 -58.38 -23.11
CA GLU C 338 20.15 -59.20 -24.10
C GLU C 338 19.26 -59.51 -25.31
N LYS C 339 17.96 -59.66 -25.12
CA LYS C 339 17.10 -59.96 -26.27
C LYS C 339 16.73 -58.72 -27.06
N ALA C 340 17.04 -57.51 -26.59
CA ALA C 340 16.67 -56.31 -27.35
C ALA C 340 17.43 -56.24 -28.67
N GLY C 341 18.71 -56.64 -28.65
CA GLY C 341 19.51 -56.60 -29.85
C GLY C 341 19.59 -55.20 -30.44
N ASP C 342 19.88 -55.16 -31.75
CA ASP C 342 19.85 -53.90 -32.49
C ASP C 342 18.43 -53.46 -32.86
N ARG C 343 17.40 -54.25 -32.52
CA ARG C 343 16.02 -53.90 -32.84
C ARG C 343 15.38 -53.01 -31.79
N GLY C 344 15.83 -53.10 -30.55
CA GLY C 344 15.26 -52.34 -29.47
C GLY C 344 16.30 -51.47 -28.79
N LYS C 345 15.85 -50.30 -28.33
CA LYS C 345 16.71 -49.38 -27.59
C LYS C 345 15.94 -48.81 -26.40
N VAL C 346 16.58 -48.75 -25.24
CA VAL C 346 15.99 -48.11 -24.08
C VAL C 346 16.81 -46.88 -23.74
N VAL C 347 16.11 -45.74 -23.56
CA VAL C 347 16.75 -44.47 -23.28
C VAL C 347 16.10 -43.80 -22.08
N GLN C 348 16.89 -42.94 -21.43
CA GLN C 348 16.44 -42.14 -20.30
C GLN C 348 15.59 -40.97 -20.75
N TRP C 349 15.86 -40.46 -21.95
CA TRP C 349 15.26 -39.23 -22.45
C TRP C 349 15.19 -39.34 -23.95
N SER C 350 14.29 -38.56 -24.57
CA SER C 350 14.23 -38.56 -26.02
C SER C 350 13.60 -37.26 -26.48
N PRO C 351 13.95 -36.76 -27.68
CA PRO C 351 13.20 -35.65 -28.27
C PRO C 351 11.96 -36.15 -29.01
N GLN C 352 10.79 -36.04 -28.37
CA GLN C 352 9.60 -36.75 -28.87
C GLN C 352 9.22 -36.31 -30.28
N GLU C 353 9.30 -35.02 -30.57
CA GLU C 353 8.87 -34.55 -31.89
C GLU C 353 9.75 -35.11 -32.98
N GLN C 354 11.07 -35.08 -32.78
CA GLN C 354 11.97 -35.56 -33.82
C GLN C 354 11.90 -37.07 -33.99
N VAL C 355 11.47 -37.80 -32.96
CA VAL C 355 11.30 -39.24 -33.09
C VAL C 355 10.02 -39.57 -33.88
N LEU C 356 8.91 -38.90 -33.55
CA LEU C 356 7.65 -39.18 -34.23
C LEU C 356 7.71 -38.83 -35.70
N ALA C 357 8.49 -37.81 -36.05
CA ALA C 357 8.68 -37.47 -37.45
C ALA C 357 9.72 -38.35 -38.14
N HIS C 358 10.47 -39.15 -37.40
CA HIS C 358 11.52 -39.93 -38.02
C HIS C 358 10.90 -40.98 -38.93
N PRO C 359 11.38 -41.13 -40.17
CA PRO C 359 10.80 -42.13 -41.07
C PRO C 359 10.97 -43.58 -40.60
N ALA C 360 11.73 -43.84 -39.52
CA ALA C 360 11.87 -45.20 -39.02
C ALA C 360 10.75 -45.61 -38.07
N THR C 361 10.01 -44.63 -37.54
CA THR C 361 9.00 -44.88 -36.50
C THR C 361 7.70 -45.43 -37.10
N ALA C 362 7.17 -46.47 -36.46
CA ALA C 362 5.99 -47.19 -36.93
C ALA C 362 4.75 -46.93 -36.10
N ALA C 363 4.90 -46.73 -34.80
CA ALA C 363 3.77 -46.62 -33.91
C ALA C 363 4.26 -45.91 -32.66
N PHE C 364 3.30 -45.55 -31.79
CA PHE C 364 3.57 -44.73 -30.61
C PHE C 364 2.74 -45.30 -29.47
N LEU C 365 3.39 -46.01 -28.52
CA LEU C 365 2.67 -46.43 -27.33
C LEU C 365 2.74 -45.26 -26.36
N THR C 366 1.60 -44.59 -26.14
CA THR C 366 1.57 -43.26 -25.55
C THR C 366 0.62 -43.23 -24.37
N HIS C 367 0.86 -42.31 -23.45
CA HIS C 367 -0.08 -42.06 -22.36
C HIS C 367 -1.27 -41.21 -22.79
N CYS C 368 -1.27 -40.72 -24.04
CA CYS C 368 -2.38 -39.99 -24.66
C CYS C 368 -2.61 -38.62 -24.04
N GLY C 369 -1.57 -37.98 -23.51
CA GLY C 369 -1.66 -36.56 -23.22
C GLY C 369 -1.93 -35.79 -24.49
N TRP C 370 -2.63 -34.66 -24.36
CA TRP C 370 -3.11 -33.98 -25.57
C TRP C 370 -1.94 -33.61 -26.47
N ASN C 371 -0.85 -33.10 -25.88
CA ASN C 371 0.30 -32.74 -26.69
C ASN C 371 0.88 -33.96 -27.42
N SER C 372 0.95 -35.10 -26.75
CA SER C 372 1.39 -36.31 -27.44
C SER C 372 0.40 -36.74 -28.50
N THR C 373 -0.90 -36.70 -28.17
CA THR C 373 -1.92 -37.06 -29.15
C THR C 373 -1.83 -36.19 -30.41
N GLN C 374 -1.58 -34.89 -30.25
CA GLN C 374 -1.52 -34.04 -31.44
C GLN C 374 -0.27 -34.33 -32.26
N GLU C 375 0.85 -34.62 -31.58
CA GLU C 375 2.08 -34.90 -32.29
C GLU C 375 1.98 -36.21 -33.06
N ALA C 376 1.39 -37.24 -32.45
CA ALA C 376 1.09 -38.46 -33.19
C ALA C 376 0.26 -38.14 -34.43
N ILE C 377 -0.88 -37.48 -34.22
CA ILE C 377 -1.76 -37.10 -35.33
C ILE C 377 -0.99 -36.34 -36.39
N SER C 378 -0.26 -35.29 -35.98
CA SER C 378 0.41 -34.44 -36.97
C SER C 378 1.62 -35.13 -37.63
N SER C 379 1.96 -36.34 -37.24
CA SER C 379 3.13 -36.99 -37.80
C SER C 379 2.77 -38.23 -38.57
N GLY C 380 1.48 -38.60 -38.61
CA GLY C 380 1.10 -39.85 -39.25
C GLY C 380 1.60 -41.10 -38.57
N VAL C 381 1.68 -41.11 -37.24
CA VAL C 381 2.12 -42.30 -36.50
C VAL C 381 0.91 -42.85 -35.74
N PRO C 382 0.45 -44.07 -36.06
CA PRO C 382 -0.62 -44.68 -35.27
C PRO C 382 -0.15 -44.95 -33.84
N VAL C 383 -1.11 -45.16 -32.94
CA VAL C 383 -0.82 -45.21 -31.52
C VAL C 383 -1.39 -46.48 -30.89
N ILE C 384 -0.70 -46.94 -29.86
CA ILE C 384 -1.27 -47.81 -28.84
C ILE C 384 -1.58 -46.92 -27.65
N THR C 385 -2.81 -47.01 -27.14
CA THR C 385 -3.30 -46.04 -26.17
C THR C 385 -3.16 -46.61 -24.78
N PHE C 386 -2.43 -45.89 -23.92
CA PHE C 386 -2.11 -46.31 -22.56
C PHE C 386 -2.40 -45.15 -21.62
N PRO C 387 -3.64 -44.66 -21.58
CA PRO C 387 -3.93 -43.51 -20.73
C PRO C 387 -3.79 -43.84 -19.26
N GLN C 388 -3.54 -42.81 -18.46
CA GLN C 388 -3.44 -42.95 -17.02
C GLN C 388 -4.56 -42.23 -16.28
N PHE C 389 -4.68 -40.91 -16.43
CA PHE C 389 -5.70 -40.17 -15.70
C PHE C 389 -6.06 -38.88 -16.46
N GLY C 390 -6.92 -38.08 -15.83
CA GLY C 390 -7.28 -36.77 -16.38
C GLY C 390 -7.91 -36.86 -17.77
N ASP C 391 -7.44 -35.99 -18.67
CA ASP C 391 -8.04 -35.92 -20.00
C ASP C 391 -7.51 -37.01 -20.91
N GLN C 392 -6.51 -37.76 -20.46
CA GLN C 392 -5.92 -38.81 -21.28
C GLN C 392 -6.94 -39.89 -21.64
N VAL C 393 -7.85 -40.20 -20.73
CA VAL C 393 -8.85 -41.22 -21.06
C VAL C 393 -9.76 -40.73 -22.18
N THR C 394 -9.96 -39.40 -22.29
CA THR C 394 -10.80 -38.88 -23.37
C THR C 394 -10.09 -38.96 -24.70
N ASN C 395 -8.88 -38.37 -24.78
CA ASN C 395 -8.09 -38.44 -26.00
C ASN C 395 -7.93 -39.88 -26.47
N ALA C 396 -7.72 -40.83 -25.54
CA ALA C 396 -7.55 -42.23 -25.92
C ALA C 396 -8.79 -42.78 -26.61
N LYS C 397 -9.97 -42.53 -26.04
CA LYS C 397 -11.22 -42.86 -26.72
C LYS C 397 -11.24 -42.32 -28.16
N PHE C 398 -10.88 -41.04 -28.34
CA PHE C 398 -10.94 -40.46 -29.68
C PHE C 398 -9.92 -41.08 -30.62
N LEU C 399 -8.69 -41.30 -30.14
CA LEU C 399 -7.68 -41.96 -30.96
C LEU C 399 -8.19 -43.28 -31.54
N VAL C 400 -8.91 -44.05 -30.74
CA VAL C 400 -9.31 -45.38 -31.13
C VAL C 400 -10.63 -45.36 -31.88
N GLU C 401 -11.65 -44.68 -31.35
CA GLU C 401 -12.99 -44.76 -31.93
C GLU C 401 -13.31 -43.64 -32.92
N GLU C 402 -12.58 -42.54 -32.90
CA GLU C 402 -12.95 -41.37 -33.68
C GLU C 402 -11.91 -41.05 -34.76
N PHE C 403 -10.71 -40.62 -34.38
CA PHE C 403 -9.64 -40.44 -35.36
C PHE C 403 -9.30 -41.76 -36.06
N LYS C 404 -9.39 -42.88 -35.33
CA LYS C 404 -9.13 -44.22 -35.86
C LYS C 404 -7.67 -44.39 -36.31
N VAL C 405 -6.76 -44.03 -35.42
CA VAL C 405 -5.33 -44.22 -35.61
C VAL C 405 -4.74 -45.10 -34.49
N GLY C 406 -5.59 -45.80 -33.74
CA GLY C 406 -5.17 -46.37 -32.49
C GLY C 406 -5.68 -47.78 -32.28
N VAL C 407 -4.96 -48.47 -31.40
CA VAL C 407 -5.40 -49.72 -30.78
C VAL C 407 -5.39 -49.50 -29.28
N ARG C 408 -6.46 -49.91 -28.60
CA ARG C 408 -6.57 -49.69 -27.17
C ARG C 408 -5.65 -50.65 -26.41
N LEU C 409 -5.04 -50.14 -25.35
CA LEU C 409 -4.32 -51.01 -24.43
C LEU C 409 -4.86 -50.93 -23.01
N SER C 410 -5.32 -49.76 -22.57
CA SER C 410 -5.74 -49.49 -21.21
C SER C 410 -6.86 -48.44 -21.23
N ARG C 411 -7.66 -48.43 -20.17
CA ARG C 411 -8.70 -47.43 -20.00
C ARG C 411 -8.42 -46.48 -18.84
N GLY C 412 -7.18 -46.47 -18.35
CA GLY C 412 -6.76 -45.53 -17.33
C GLY C 412 -6.51 -46.22 -15.99
N GLU C 413 -5.80 -45.50 -15.12
CA GLU C 413 -5.54 -45.92 -13.74
C GLU C 413 -6.77 -46.47 -13.05
N LEU C 414 -7.91 -45.80 -13.24
CA LEU C 414 -9.08 -46.06 -12.41
C LEU C 414 -9.62 -47.47 -12.57
N GLU C 415 -9.34 -48.15 -13.68
CA GLU C 415 -9.70 -49.56 -13.76
C GLU C 415 -9.01 -50.37 -12.68
N ASN C 416 -7.87 -49.91 -12.17
CA ASN C 416 -7.18 -50.53 -11.04
C ASN C 416 -6.84 -51.98 -11.34
N ARG C 417 -6.00 -52.17 -12.36
CA ARG C 417 -5.46 -53.49 -12.68
C ARG C 417 -4.17 -53.30 -13.46
N ILE C 418 -3.27 -54.27 -13.30
CA ILE C 418 -2.04 -54.31 -14.07
C ILE C 418 -2.35 -54.76 -15.48
N ILE C 419 -1.87 -54.01 -16.47
CA ILE C 419 -1.95 -54.49 -17.85
C ILE C 419 -0.92 -55.60 -18.02
N THR C 420 -1.39 -56.81 -18.31
CA THR C 420 -0.52 -57.97 -18.35
C THR C 420 0.30 -57.97 -19.64
N ARG C 421 1.31 -58.84 -19.66
CA ARG C 421 2.23 -58.89 -20.79
C ARG C 421 1.57 -59.48 -22.04
N ASP C 422 0.57 -60.36 -21.86
CA ASP C 422 -0.17 -60.83 -23.03
C ASP C 422 -0.94 -59.69 -23.67
N GLU C 423 -1.60 -58.85 -22.85
CA GLU C 423 -2.29 -57.69 -23.40
C GLU C 423 -1.34 -56.78 -24.15
N VAL C 424 -0.24 -56.37 -23.51
CA VAL C 424 0.78 -55.56 -24.17
C VAL C 424 1.20 -56.19 -25.50
N GLU C 425 1.46 -57.49 -25.49
CA GLU C 425 1.98 -58.16 -26.68
C GLU C 425 0.98 -58.12 -27.82
N ARG C 426 -0.29 -58.44 -27.54
CA ARG C 426 -1.28 -58.47 -28.61
C ARG C 426 -1.55 -57.08 -29.16
N ALA C 427 -1.59 -56.05 -28.30
CA ALA C 427 -1.68 -54.69 -28.78
C ALA C 427 -0.52 -54.36 -29.72
N LEU C 428 0.69 -54.69 -29.30
CA LEU C 428 1.88 -54.47 -30.13
C LEU C 428 1.78 -55.22 -31.45
N ARG C 429 1.15 -56.38 -31.47
CA ARG C 429 1.03 -57.12 -32.71
C ARG C 429 -0.14 -56.63 -33.55
N GLU C 430 -1.19 -56.11 -32.90
CA GLU C 430 -2.29 -55.51 -33.65
C GLU C 430 -1.82 -54.31 -34.47
N ILE C 431 -0.96 -53.48 -33.89
CA ILE C 431 -0.58 -52.21 -34.53
C ILE C 431 0.56 -52.36 -35.53
N THR C 432 1.16 -53.54 -35.66
CA THR C 432 2.32 -53.68 -36.55
C THR C 432 2.09 -54.57 -37.77
N SER C 433 1.21 -55.57 -37.70
CA SER C 433 0.96 -56.45 -38.83
C SER C 433 -0.54 -56.70 -38.98
N GLY C 434 -0.96 -57.00 -40.21
CA GLY C 434 -2.32 -57.39 -40.45
C GLY C 434 -3.29 -56.24 -40.65
N PRO C 435 -4.59 -56.57 -40.64
CA PRO C 435 -5.60 -55.62 -41.12
C PRO C 435 -5.62 -54.31 -40.36
N LYS C 436 -5.69 -54.36 -39.02
CA LYS C 436 -5.73 -53.12 -38.25
C LYS C 436 -4.46 -52.31 -38.44
N ALA C 437 -3.30 -52.98 -38.49
CA ALA C 437 -2.05 -52.28 -38.74
C ALA C 437 -2.12 -51.46 -40.02
N GLU C 438 -2.41 -52.11 -41.14
CA GLU C 438 -2.46 -51.39 -42.42
C GLU C 438 -3.62 -50.40 -42.46
N GLU C 439 -4.64 -50.58 -41.61
CA GLU C 439 -5.76 -49.65 -41.59
C GLU C 439 -5.43 -48.39 -40.79
N VAL C 440 -4.87 -48.53 -39.58
CA VAL C 440 -4.59 -47.34 -38.78
C VAL C 440 -3.48 -46.52 -39.42
N LYS C 441 -2.61 -47.14 -40.22
CA LYS C 441 -1.56 -46.37 -40.87
C LYS C 441 -2.13 -45.42 -41.92
N GLU C 442 -3.10 -45.88 -42.71
CA GLU C 442 -3.62 -45.01 -43.77
C GLU C 442 -4.41 -43.83 -43.19
N ASN C 443 -5.19 -44.07 -42.14
CA ASN C 443 -5.87 -42.98 -41.45
C ASN C 443 -4.87 -41.96 -40.91
N ALA C 444 -3.77 -42.42 -40.31
CA ALA C 444 -2.77 -41.50 -39.78
C ALA C 444 -2.08 -40.72 -40.90
N LEU C 445 -1.89 -41.33 -42.06
CA LEU C 445 -1.43 -40.57 -43.21
C LEU C 445 -2.44 -39.48 -43.58
N LYS C 446 -3.72 -39.80 -43.49
CA LYS C 446 -4.78 -38.80 -43.71
C LYS C 446 -4.67 -37.66 -42.71
N TRP C 447 -4.47 -37.97 -41.43
CA TRP C 447 -4.44 -36.91 -40.43
C TRP C 447 -3.21 -36.04 -40.58
N LYS C 448 -2.09 -36.63 -41.00
CA LYS C 448 -0.86 -35.89 -41.18
C LYS C 448 -1.00 -34.82 -42.27
N LYS C 449 -1.62 -35.17 -43.39
CA LYS C 449 -1.88 -34.18 -44.43
C LYS C 449 -2.77 -33.04 -43.94
N ALA C 450 -3.83 -33.36 -43.19
CA ALA C 450 -4.72 -32.32 -42.68
C ALA C 450 -3.99 -31.40 -41.71
N ALA C 451 -3.15 -31.99 -40.85
CA ALA C 451 -2.37 -31.19 -39.90
C ALA C 451 -1.40 -30.28 -40.63
N GLU C 452 -0.80 -30.78 -41.73
CA GLU C 452 0.09 -29.95 -42.52
C GLU C 452 -0.68 -28.82 -43.20
N GLU C 453 -1.88 -29.10 -43.71
CA GLU C 453 -2.65 -28.07 -44.40
C GLU C 453 -3.07 -26.96 -43.44
N THR C 454 -3.48 -27.30 -42.22
CA THR C 454 -4.15 -26.30 -41.41
C THR C 454 -3.20 -25.24 -40.87
N VAL C 455 -1.90 -25.54 -40.77
CA VAL C 455 -0.92 -24.52 -40.39
C VAL C 455 -0.19 -23.92 -41.58
N ALA C 456 -0.32 -24.51 -42.77
CA ALA C 456 0.15 -23.88 -43.98
C ALA C 456 -0.63 -22.60 -44.27
N LYS C 457 -0.10 -21.80 -45.20
CA LYS C 457 -0.75 -20.55 -45.57
C LYS C 457 -2.12 -20.84 -46.20
N GLY C 458 -3.17 -20.24 -45.63
CA GLY C 458 -4.53 -20.42 -46.12
C GLY C 458 -5.37 -21.39 -45.32
N GLY C 459 -4.73 -22.23 -44.45
CA GLY C 459 -5.47 -23.22 -43.70
C GLY C 459 -6.12 -22.65 -42.46
N ASN C 460 -7.08 -23.39 -41.91
CA ASN C 460 -7.93 -22.87 -40.83
C ASN C 460 -7.12 -22.31 -39.67
N SER C 461 -6.13 -23.07 -39.18
CA SER C 461 -5.40 -22.64 -37.99
C SER C 461 -4.50 -21.44 -38.29
N GLU C 462 -3.89 -21.44 -39.47
CA GLU C 462 -3.05 -20.32 -39.85
C GLU C 462 -3.91 -19.07 -40.04
N ARG C 463 -5.09 -19.21 -40.63
CA ARG C 463 -5.98 -18.06 -40.77
C ARG C 463 -6.40 -17.53 -39.41
N ASN C 464 -6.68 -18.43 -38.44
CA ASN C 464 -7.17 -17.97 -37.14
C ASN C 464 -6.10 -17.25 -36.35
N LEU C 465 -4.85 -17.67 -36.47
CA LEU C 465 -3.77 -16.98 -35.77
C LEU C 465 -3.65 -15.55 -36.27
N VAL C 466 -3.58 -15.41 -37.60
CA VAL C 466 -3.51 -14.10 -38.22
C VAL C 466 -4.73 -13.25 -37.87
N GLU C 467 -5.92 -13.87 -37.82
CA GLU C 467 -7.11 -13.10 -37.45
C GLU C 467 -7.04 -12.67 -35.99
N PHE C 468 -6.42 -13.48 -35.15
CA PHE C 468 -6.28 -13.10 -33.74
C PHE C 468 -5.43 -11.84 -33.61
N ILE C 469 -4.34 -11.76 -34.38
CA ILE C 469 -3.46 -10.59 -34.31
C ILE C 469 -4.16 -9.36 -34.88
N GLU C 470 -4.89 -9.50 -35.99
CA GLU C 470 -5.65 -8.35 -36.48
C GLU C 470 -6.68 -7.91 -35.46
N GLU C 471 -7.35 -8.86 -34.79
CA GLU C 471 -8.32 -8.48 -33.77
C GLU C 471 -7.63 -7.77 -32.60
N VAL C 472 -6.39 -8.14 -32.30
CA VAL C 472 -5.66 -7.36 -31.31
C VAL C 472 -5.28 -6.01 -31.88
N ALA C 473 -4.82 -5.98 -33.13
CA ALA C 473 -4.42 -4.74 -33.76
C ALA C 473 -5.58 -3.74 -33.74
N ARG C 474 -6.80 -4.20 -34.02
CA ARG C 474 -7.97 -3.34 -34.10
C ARG C 474 -8.51 -2.90 -32.75
N LYS C 475 -7.96 -3.41 -31.65
CA LYS C 475 -8.26 -2.93 -30.30
C LYS C 475 -7.19 -1.99 -29.76
N THR C 476 -6.05 -1.86 -30.43
CA THR C 476 -4.85 -1.28 -29.85
C THR C 476 -4.63 0.19 -30.22
N GLY C 477 -4.52 0.51 -31.51
CA GLY C 477 -4.37 1.89 -31.89
C GLY C 477 -5.54 2.77 -31.49
N SER C 478 -6.62 2.17 -30.99
CA SER C 478 -7.84 2.89 -30.61
C SER C 478 -7.79 3.33 -29.14
N ASN D 9 50.34 18.74 -13.14
CA ASN D 9 51.45 17.86 -12.79
C ASN D 9 52.74 18.66 -12.69
N ASP D 10 53.84 17.96 -12.36
CA ASP D 10 55.18 18.55 -12.26
C ASP D 10 55.23 19.62 -11.16
N ASN D 11 54.56 20.76 -11.38
CA ASN D 11 54.44 21.78 -10.34
C ASN D 11 53.52 21.35 -9.17
N LEU D 12 53.07 20.10 -9.12
CA LEU D 12 52.28 19.60 -8.00
C LEU D 12 53.18 18.81 -7.05
N HIS D 13 52.96 19.01 -5.75
CA HIS D 13 53.79 18.41 -4.71
C HIS D 13 52.87 17.67 -3.73
N ILE D 14 52.91 16.34 -3.78
CA ILE D 14 52.14 15.49 -2.87
C ILE D 14 53.02 15.14 -1.67
N PHE D 15 52.48 15.35 -0.46
CA PHE D 15 53.21 15.12 0.79
C PHE D 15 52.50 14.01 1.56
N LEU D 16 53.10 12.83 1.65
CA LEU D 16 52.51 11.71 2.36
C LEU D 16 53.05 11.62 3.78
N VAL D 17 52.18 11.23 4.72
CA VAL D 17 52.55 11.06 6.12
C VAL D 17 52.21 9.64 6.53
N CYS D 18 53.23 8.87 6.92
CA CYS D 18 53.12 7.43 7.12
C CYS D 18 53.24 7.09 8.60
N PHE D 19 52.46 6.10 9.04
CA PHE D 19 52.55 5.59 10.41
C PHE D 19 53.56 4.43 10.45
N ILE D 20 53.43 3.55 11.46
CA ILE D 20 54.25 2.34 11.61
C ILE D 20 53.46 1.16 11.08
N GLY D 21 54.17 0.14 10.63
CA GLY D 21 53.46 -1.07 10.28
C GLY D 21 53.54 -1.37 8.79
N GLN D 22 53.76 -2.65 8.47
CA GLN D 22 53.81 -3.05 7.07
C GLN D 22 52.49 -2.78 6.36
N GLY D 23 51.37 -2.93 7.07
CA GLY D 23 50.07 -2.74 6.43
C GLY D 23 49.81 -1.32 5.98
N VAL D 24 50.46 -0.34 6.60
CA VAL D 24 50.33 1.05 6.21
C VAL D 24 51.51 1.50 5.35
N VAL D 25 52.72 1.01 5.66
CA VAL D 25 53.91 1.51 4.98
C VAL D 25 53.91 1.11 3.51
N ASN D 26 53.68 -0.17 3.22
CA ASN D 26 53.71 -0.62 1.83
C ASN D 26 52.69 0.11 0.94
N PRO D 27 51.41 0.25 1.32
CA PRO D 27 50.48 0.99 0.42
C PRO D 27 50.90 2.43 0.17
N MET D 28 51.24 3.19 1.23
CA MET D 28 51.70 4.57 1.05
C MET D 28 52.88 4.66 0.10
N LEU D 29 53.69 3.61 0.04
CA LEU D 29 54.87 3.61 -0.82
C LEU D 29 54.48 3.45 -2.28
N ARG D 30 53.61 2.48 -2.58
CA ARG D 30 53.12 2.32 -3.94
C ARG D 30 52.38 3.57 -4.39
N LEU D 31 51.50 4.09 -3.54
CA LEU D 31 50.78 5.31 -3.87
C LEU D 31 51.76 6.43 -4.18
N GLY D 32 52.75 6.63 -3.31
CA GLY D 32 53.73 7.68 -3.56
C GLY D 32 54.48 7.47 -4.87
N LYS D 33 54.74 6.21 -5.21
CA LYS D 33 55.42 5.91 -6.47
C LYS D 33 54.52 6.19 -7.67
N ALA D 34 53.23 5.80 -7.57
CA ALA D 34 52.31 6.04 -8.66
C ALA D 34 52.23 7.52 -8.99
N PHE D 35 52.11 8.38 -7.97
CA PHE D 35 52.14 9.83 -8.19
C PHE D 35 53.44 10.26 -8.84
N ALA D 36 54.56 9.61 -8.47
CA ALA D 36 55.84 9.93 -9.11
C ALA D 36 55.82 9.54 -10.57
N SER D 37 55.26 8.37 -10.90
CA SER D 37 55.19 7.95 -12.29
C SER D 37 54.41 8.94 -13.15
N LYS D 38 53.40 9.59 -12.60
CA LYS D 38 52.67 10.63 -13.31
C LYS D 38 53.46 11.93 -13.39
N GLY D 39 54.63 12.01 -12.76
CA GLY D 39 55.50 13.15 -12.93
C GLY D 39 55.36 14.24 -11.89
N LEU D 40 54.76 13.95 -10.74
CA LEU D 40 54.62 14.92 -9.67
C LEU D 40 55.75 14.76 -8.66
N LEU D 41 56.09 15.85 -7.98
CA LEU D 41 57.00 15.75 -6.85
C LEU D 41 56.31 15.06 -5.69
N VAL D 42 56.97 14.06 -5.13
CA VAL D 42 56.39 13.25 -4.06
C VAL D 42 57.37 13.23 -2.90
N THR D 43 56.94 13.76 -1.76
CA THR D 43 57.65 13.63 -0.49
C THR D 43 56.88 12.63 0.38
N LEU D 44 57.59 11.65 0.91
CA LEU D 44 57.02 10.72 1.90
C LEU D 44 57.77 10.94 3.21
N SER D 45 57.06 11.44 4.21
CA SER D 45 57.64 11.61 5.54
C SER D 45 57.13 10.51 6.47
N ALA D 46 57.76 10.45 7.63
CA ALA D 46 57.44 9.47 8.66
C ALA D 46 58.28 9.80 9.88
N PRO D 47 57.91 9.29 11.06
CA PRO D 47 58.82 9.39 12.20
C PRO D 47 60.09 8.64 11.91
N GLU D 48 61.14 8.98 12.65
CA GLU D 48 62.45 8.37 12.40
C GLU D 48 62.43 6.87 12.66
N ILE D 49 61.55 6.39 13.54
CA ILE D 49 61.59 4.98 13.92
C ILE D 49 61.19 4.05 12.79
N VAL D 50 60.41 4.52 11.82
CA VAL D 50 60.13 3.72 10.63
C VAL D 50 61.15 4.08 9.56
N GLY D 51 62.18 4.84 9.94
CA GLY D 51 63.21 5.23 9.00
C GLY D 51 63.94 4.04 8.40
N ARG D 52 64.53 3.21 9.26
CA ARG D 52 65.26 2.03 8.79
C ARG D 52 64.32 1.05 8.08
N GLU D 53 63.03 1.06 8.43
CA GLU D 53 62.11 0.08 7.87
C GLU D 53 61.59 0.51 6.49
N ILE D 54 61.26 1.80 6.32
CA ILE D 54 60.82 2.28 5.00
C ILE D 54 61.96 2.20 4.00
N ARG D 55 63.19 2.45 4.44
CA ARG D 55 64.35 2.28 3.57
C ARG D 55 64.47 0.85 3.07
N LYS D 56 63.94 -0.12 3.83
CA LYS D 56 63.91 -1.52 3.39
C LYS D 56 62.77 -1.73 2.40
N ALA D 57 62.95 -1.14 1.22
CA ALA D 57 61.93 -1.18 0.16
C ALA D 57 62.48 -0.67 -1.17
N ILE D 73 60.73 9.53 -5.54
CA ILE D 73 60.19 9.78 -4.21
C ILE D 73 61.24 10.37 -3.27
N ARG D 74 60.92 11.53 -2.71
CA ARG D 74 61.77 12.19 -1.74
C ARG D 74 61.37 11.76 -0.34
N PHE D 75 62.33 11.25 0.43
CA PHE D 75 62.11 10.89 1.82
C PHE D 75 62.41 12.05 2.75
N GLU D 76 61.69 12.11 3.86
CA GLU D 76 61.84 13.24 4.77
C GLU D 76 61.35 12.88 6.16
N PHE D 77 62.17 12.13 6.90
CA PHE D 77 61.79 11.68 8.23
C PHE D 77 62.03 12.77 9.27
N PHE D 78 61.26 12.71 10.35
CA PHE D 78 61.39 13.67 11.43
C PHE D 78 61.58 12.94 12.76
N ASP D 79 62.06 13.67 13.76
CA ASP D 79 62.31 13.10 15.07
C ASP D 79 61.04 13.22 15.91
N ASP D 80 60.45 12.08 16.25
CA ASP D 80 59.29 12.00 17.12
C ASP D 80 59.63 12.21 18.60
N GLY D 81 60.91 12.20 18.97
CA GLY D 81 61.30 12.32 20.37
C GLY D 81 60.85 11.16 21.24
N TRP D 82 60.57 10.00 20.65
CA TRP D 82 60.00 8.88 21.38
C TRP D 82 61.04 8.21 22.27
N GLU D 83 62.21 7.95 21.71
CA GLU D 83 63.30 7.32 22.43
C GLU D 83 63.56 8.01 23.76
N SER D 84 63.52 9.35 23.76
CA SER D 84 63.85 10.11 24.96
C SER D 84 62.74 10.02 26.00
N VAL D 85 61.48 10.17 25.56
CA VAL D 85 60.35 10.12 26.49
C VAL D 85 60.09 8.68 26.95
N ASN D 86 60.16 7.72 26.04
CA ASN D 86 59.75 6.37 26.37
C ASN D 86 60.79 5.69 27.27
N GLY D 87 62.07 5.89 26.98
CA GLY D 87 63.10 5.35 27.85
C GLY D 87 63.13 3.83 27.79
N SER D 88 63.16 3.20 28.96
CA SER D 88 63.27 1.75 29.03
C SER D 88 61.92 1.06 29.04
N LYS D 89 60.84 1.79 28.76
CA LYS D 89 59.53 1.18 28.61
C LYS D 89 59.53 0.33 27.34
N PRO D 90 58.72 -0.74 27.32
CA PRO D 90 58.51 -1.45 26.05
C PRO D 90 57.61 -0.65 25.13
N PHE D 91 57.83 -0.80 23.82
CA PHE D 91 56.99 -0.12 22.84
C PHE D 91 55.54 -0.52 23.03
N ASP D 92 54.66 0.49 23.05
CA ASP D 92 53.23 0.33 23.27
C ASP D 92 52.53 1.20 22.23
N VAL D 93 51.93 0.56 21.22
CA VAL D 93 51.39 1.30 20.08
C VAL D 93 50.22 2.20 20.51
N GLY D 94 49.45 1.78 21.53
CA GLY D 94 48.40 2.65 22.03
C GLY D 94 48.93 3.97 22.55
N VAL D 95 50.08 3.93 23.22
CA VAL D 95 50.72 5.14 23.71
C VAL D 95 51.37 5.90 22.55
N TYR D 96 51.96 5.15 21.60
CA TYR D 96 52.75 5.80 20.56
C TYR D 96 51.89 6.63 19.60
N ILE D 97 50.74 6.08 19.18
CA ILE D 97 49.90 6.79 18.23
C ILE D 97 49.55 8.17 18.78
N ASN D 98 49.43 8.30 20.11
CA ASN D 98 49.12 9.59 20.71
C ASN D 98 50.35 10.46 20.87
N HIS D 99 51.49 9.84 21.16
CA HIS D 99 52.76 10.55 21.17
C HIS D 99 53.04 11.16 19.81
N LEU D 100 52.84 10.37 18.76
CA LEU D 100 53.08 10.86 17.40
C LEU D 100 52.10 11.98 17.03
N ASP D 101 50.85 11.86 17.48
CA ASP D 101 49.86 12.91 17.27
C ASP D 101 50.37 14.25 17.77
N GLN D 102 50.96 14.28 18.97
CA GLN D 102 51.40 15.53 19.56
C GLN D 102 52.66 16.05 18.88
N ALA D 103 53.67 15.20 18.76
CA ALA D 103 54.90 15.58 18.06
C ALA D 103 54.61 15.97 16.62
N GLY D 104 53.74 15.23 15.94
CA GLY D 104 53.41 15.56 14.57
C GLY D 104 52.80 16.94 14.41
N ARG D 105 52.02 17.40 15.40
CA ARG D 105 51.41 18.72 15.30
C ARG D 105 52.42 19.86 15.44
N GLN D 106 53.63 19.58 15.91
CA GLN D 106 54.68 20.59 16.02
C GLN D 106 55.67 20.56 14.87
N LYS D 107 56.00 19.37 14.36
CA LYS D 107 57.02 19.22 13.32
C LYS D 107 56.45 19.43 11.92
N LEU D 108 55.27 18.89 11.63
CA LEU D 108 54.70 19.01 10.29
C LEU D 108 54.52 20.45 9.84
N PRO D 109 54.00 21.38 10.66
CA PRO D 109 53.94 22.78 10.19
C PRO D 109 55.30 23.33 9.80
N ILE D 110 56.36 22.92 10.49
CA ILE D 110 57.69 23.43 10.16
C ILE D 110 58.13 22.94 8.80
N MET D 111 57.94 21.65 8.53
CA MET D 111 58.40 21.06 7.27
C MET D 111 57.59 21.59 6.09
N LEU D 112 56.31 21.89 6.31
CA LEU D 112 55.50 22.46 5.24
C LEU D 112 55.85 23.92 4.99
N LYS D 113 56.09 24.70 6.06
CA LYS D 113 56.51 26.07 5.88
C LYS D 113 57.87 26.15 5.23
N LYS D 114 58.77 25.22 5.55
CA LYS D 114 60.08 25.19 4.92
C LYS D 114 60.00 24.75 3.46
N HIS D 115 58.90 24.13 3.04
CA HIS D 115 58.72 23.83 1.63
C HIS D 115 58.16 25.02 0.85
N GLU D 116 57.51 25.97 1.53
CA GLU D 116 57.15 27.23 0.90
C GLU D 116 58.37 28.07 0.57
N GLU D 117 59.24 28.26 1.58
CA GLU D 117 60.51 28.95 1.34
C GLU D 117 61.32 28.24 0.27
N SER D 118 61.32 26.90 0.29
CA SER D 118 62.09 26.12 -0.67
C SER D 118 61.69 26.38 -2.10
N GLY D 119 60.47 26.86 -2.32
CA GLY D 119 59.95 27.08 -3.66
C GLY D 119 59.02 26.01 -4.15
N THR D 120 58.73 24.99 -3.34
CA THR D 120 57.87 23.88 -3.74
C THR D 120 56.76 23.71 -2.70
N PRO D 121 55.76 24.60 -2.71
CA PRO D 121 54.68 24.49 -1.74
C PRO D 121 54.00 23.13 -1.83
N VAL D 122 53.61 22.58 -0.69
CA VAL D 122 52.87 21.32 -0.72
C VAL D 122 51.49 21.59 -1.29
N SER D 123 51.09 20.77 -2.28
CA SER D 123 49.79 20.93 -2.93
C SER D 123 48.71 20.09 -2.28
N CYS D 124 49.11 18.99 -1.62
CA CYS D 124 48.15 18.11 -0.97
C CYS D 124 48.85 17.15 -0.01
N LEU D 125 48.34 17.05 1.20
CA LEU D 125 48.80 16.06 2.16
C LEU D 125 47.96 14.79 2.03
N ILE D 126 48.62 13.65 2.15
CA ILE D 126 47.94 12.36 2.16
C ILE D 126 48.31 11.64 3.44
N LEU D 127 47.30 11.21 4.17
CA LEU D 127 47.45 10.56 5.47
C LEU D 127 46.81 9.18 5.41
N ASN D 128 46.73 8.54 6.57
CA ASN D 128 46.16 7.20 6.75
C ASN D 128 45.49 7.19 8.11
N PRO D 129 44.59 6.22 8.37
CA PRO D 129 43.77 6.28 9.58
C PRO D 129 44.50 6.47 10.90
N LEU D 130 45.78 6.14 10.97
CA LEU D 130 46.47 6.21 12.25
C LEU D 130 47.20 7.53 12.45
N VAL D 131 47.09 8.47 11.52
CA VAL D 131 47.66 9.81 11.74
C VAL D 131 46.60 10.87 11.40
N PRO D 132 45.40 10.78 11.99
CA PRO D 132 44.32 11.71 11.57
C PRO D 132 44.65 13.17 11.85
N TRP D 133 45.56 13.44 12.78
CA TRP D 133 45.98 14.81 13.06
C TRP D 133 46.57 15.49 11.82
N VAL D 134 46.99 14.71 10.82
CA VAL D 134 47.48 15.31 9.59
C VAL D 134 46.40 16.19 8.95
N ALA D 135 45.14 15.74 8.98
CA ALA D 135 44.06 16.54 8.43
C ALA D 135 43.82 17.81 9.23
N ASP D 136 43.94 17.74 10.56
CA ASP D 136 43.86 18.94 11.37
C ASP D 136 44.91 19.96 10.96
N VAL D 137 46.16 19.50 10.79
CA VAL D 137 47.24 20.40 10.41
C VAL D 137 46.98 20.99 9.03
N ALA D 138 46.41 20.20 8.13
CA ALA D 138 46.10 20.70 6.80
C ALA D 138 45.04 21.79 6.88
N ASP D 139 43.91 21.49 7.54
CA ASP D 139 42.86 22.48 7.72
C ASP D 139 43.39 23.78 8.30
N SER D 140 44.28 23.70 9.29
CA SER D 140 44.80 24.92 9.90
C SER D 140 45.63 25.72 8.91
N LEU D 141 46.36 25.04 8.01
CA LEU D 141 47.24 25.70 7.06
C LEU D 141 46.59 25.94 5.69
N GLN D 142 45.31 25.62 5.54
CA GLN D 142 44.62 25.71 4.26
C GLN D 142 45.38 24.98 3.15
N ILE D 143 45.64 23.69 3.39
CA ILE D 143 46.24 22.79 2.43
C ILE D 143 45.28 21.62 2.26
N PRO D 144 44.84 21.29 1.05
CA PRO D 144 43.92 20.14 0.90
C PRO D 144 44.60 18.85 1.37
N CYS D 145 43.80 17.98 1.96
CA CYS D 145 44.31 16.68 2.41
C CYS D 145 43.30 15.59 2.07
N ALA D 146 43.85 14.42 1.79
CA ALA D 146 43.09 13.20 1.62
C ALA D 146 43.73 12.12 2.48
N THR D 147 42.97 11.10 2.81
CA THR D 147 43.51 9.99 3.57
C THR D 147 43.40 8.73 2.74
N LEU D 148 44.30 7.79 3.01
CA LEU D 148 44.36 6.53 2.30
C LEU D 148 43.84 5.44 3.23
N TRP D 149 42.79 4.75 2.83
CA TRP D 149 42.23 3.63 3.56
C TRP D 149 42.80 2.35 2.98
N VAL D 150 43.46 1.54 3.82
CA VAL D 150 44.21 0.38 3.34
C VAL D 150 43.48 -0.93 3.64
N GLN D 151 42.21 -0.87 4.02
CA GLN D 151 41.46 -2.12 4.14
C GLN D 151 40.36 -2.16 3.07
N SER D 152 39.49 -3.14 3.19
CA SER D 152 38.40 -3.23 2.23
C SER D 152 37.38 -2.12 2.45
N CYS D 153 36.50 -1.96 1.48
CA CYS D 153 35.42 -1.00 1.63
C CYS D 153 34.37 -1.53 2.60
N ALA D 154 34.13 -2.84 2.59
CA ALA D 154 33.25 -3.43 3.60
C ALA D 154 33.74 -3.11 5.01
N SER D 155 35.05 -3.15 5.21
CA SER D 155 35.61 -2.82 6.51
C SER D 155 35.44 -1.32 6.82
N PHE D 156 35.71 -0.46 5.85
CA PHE D 156 35.40 0.97 6.03
C PHE D 156 33.96 1.19 6.48
N SER D 157 33.01 0.56 5.78
CA SER D 157 31.60 0.78 6.12
C SER D 157 31.31 0.32 7.56
N ALA D 158 31.81 -0.85 7.95
CA ALA D 158 31.59 -1.31 9.32
C ALA D 158 32.12 -0.31 10.34
N TYR D 159 33.36 0.13 10.16
CA TYR D 159 33.93 1.11 11.09
C TYR D 159 33.15 2.42 11.07
N TYR D 160 32.78 2.89 9.87
CA TYR D 160 31.97 4.10 9.80
C TYR D 160 30.66 3.91 10.54
N HIS D 161 29.92 2.86 10.22
CA HIS D 161 28.59 2.73 10.79
C HIS D 161 28.65 2.45 12.27
N TYR D 162 29.68 1.71 12.72
CA TYR D 162 29.91 1.56 14.15
C TYR D 162 30.16 2.91 14.79
N HIS D 163 31.08 3.68 14.21
CA HIS D 163 31.45 4.93 14.87
C HIS D 163 30.27 5.91 14.91
N HIS D 164 29.40 5.88 13.91
CA HIS D 164 28.24 6.76 13.93
C HIS D 164 27.00 6.09 14.53
N GLY D 165 27.15 4.91 15.16
CA GLY D 165 26.06 4.22 15.82
C GLY D 165 24.79 4.14 15.00
N LEU D 166 24.95 4.05 13.68
CA LEU D 166 23.82 3.99 12.77
C LEU D 166 23.18 2.61 12.70
N VAL D 167 23.88 1.57 13.13
CA VAL D 167 23.36 0.20 13.06
C VAL D 167 23.81 -0.52 14.33
N PRO D 168 22.97 -1.32 14.97
CA PRO D 168 23.39 -2.03 16.18
C PRO D 168 24.51 -3.03 15.91
N PHE D 169 25.54 -3.00 16.76
CA PHE D 169 26.62 -3.98 16.71
C PHE D 169 26.54 -4.93 17.90
N PRO D 170 27.27 -6.04 17.86
CA PRO D 170 27.34 -6.91 19.03
C PRO D 170 27.81 -6.14 20.26
N THR D 171 27.04 -6.25 21.33
CA THR D 171 27.34 -5.65 22.63
C THR D 171 27.41 -6.76 23.66
N GLU D 172 27.86 -6.43 24.87
CA GLU D 172 27.98 -7.49 25.86
C GLU D 172 26.63 -8.02 26.29
N SER D 173 25.55 -7.28 26.00
CA SER D 173 24.20 -7.77 26.23
C SER D 173 23.76 -8.72 25.11
N GLU D 174 24.17 -8.45 23.88
CA GLU D 174 23.79 -9.23 22.71
C GLU D 174 25.05 -9.52 21.90
N PRO D 175 25.92 -10.41 22.39
CA PRO D 175 27.22 -10.59 21.74
C PRO D 175 27.17 -11.30 20.40
N GLU D 176 26.03 -11.84 20.00
CA GLU D 176 26.02 -12.70 18.82
C GLU D 176 24.93 -12.30 17.83
N ILE D 177 24.59 -10.98 17.74
CA ILE D 177 23.56 -10.50 16.84
C ILE D 177 24.17 -10.19 15.48
N ASP D 178 23.38 -10.41 14.44
CA ASP D 178 23.77 -10.05 13.09
C ASP D 178 23.78 -8.53 12.91
N VAL D 179 24.56 -8.07 11.93
CA VAL D 179 24.70 -6.65 11.63
C VAL D 179 24.50 -6.47 10.13
N GLN D 180 23.40 -5.84 9.75
CA GLN D 180 23.14 -5.48 8.37
C GLN D 180 23.64 -4.06 8.13
N LEU D 181 24.58 -3.92 7.21
CA LEU D 181 25.05 -2.61 6.78
C LEU D 181 24.53 -2.32 5.36
N PRO D 182 24.33 -1.06 4.99
CA PRO D 182 23.84 -0.77 3.64
C PRO D 182 24.83 -1.25 2.57
N GLY D 183 24.27 -1.76 1.48
CA GLY D 183 25.07 -2.22 0.36
C GLY D 183 25.89 -3.47 0.62
N MET D 184 25.60 -4.20 1.69
CA MET D 184 26.45 -5.32 2.07
C MET D 184 25.62 -6.54 2.41
N PRO D 185 26.18 -7.73 2.25
CA PRO D 185 25.52 -8.93 2.78
C PRO D 185 25.48 -8.90 4.30
N LEU D 186 24.56 -9.69 4.84
CA LEU D 186 24.45 -9.84 6.28
C LEU D 186 25.75 -10.39 6.87
N LEU D 187 26.30 -9.67 7.84
CA LEU D 187 27.45 -10.15 8.60
C LEU D 187 26.97 -10.82 9.88
N LYS D 188 27.49 -12.02 10.15
CA LYS D 188 27.30 -12.60 11.47
C LYS D 188 28.18 -11.86 12.48
N TYR D 189 27.90 -12.10 13.76
CA TYR D 189 28.58 -11.36 14.81
C TYR D 189 30.11 -11.49 14.72
N ASP D 190 30.61 -12.65 14.28
CA ASP D 190 32.05 -12.88 14.23
C ASP D 190 32.64 -12.58 12.86
N GLU D 191 31.87 -11.95 11.97
CA GLU D 191 32.36 -11.51 10.68
C GLU D 191 32.57 -10.01 10.62
N VAL D 192 32.01 -9.27 11.58
CA VAL D 192 32.35 -7.86 11.78
C VAL D 192 33.82 -7.75 12.09
N PRO D 193 34.57 -6.74 11.56
CA PRO D 193 35.98 -6.57 11.95
C PRO D 193 36.14 -6.75 13.46
N ASP D 194 36.76 -7.84 13.90
CA ASP D 194 36.42 -8.24 15.25
C ASP D 194 37.18 -7.46 16.32
N TYR D 195 37.99 -6.47 15.94
CA TYR D 195 38.42 -5.49 16.92
C TYR D 195 37.22 -4.74 17.52
N LEU D 196 36.08 -4.74 16.84
CA LEU D 196 34.88 -4.06 17.31
C LEU D 196 34.04 -4.89 18.25
N HIS D 197 34.32 -6.18 18.36
CA HIS D 197 33.48 -7.07 19.16
C HIS D 197 33.93 -7.04 20.63
N PRO D 198 32.97 -7.07 21.55
CA PRO D 198 33.31 -6.99 22.98
C PRO D 198 34.25 -8.08 23.47
N ARG D 199 34.42 -9.16 22.73
CA ARG D 199 35.25 -10.26 23.21
C ARG D 199 36.70 -10.14 22.74
N THR D 200 37.00 -9.20 21.86
CA THR D 200 38.33 -9.13 21.28
C THR D 200 39.39 -8.85 22.36
N PRO D 201 40.54 -9.53 22.31
CA PRO D 201 41.67 -9.14 23.16
C PRO D 201 42.30 -7.81 22.76
N TYR D 202 41.94 -7.24 21.61
CA TYR D 202 42.65 -6.08 21.06
C TYR D 202 41.74 -4.88 20.86
N PRO D 203 40.98 -4.45 21.87
CA PRO D 203 40.06 -3.34 21.63
C PRO D 203 40.78 -2.07 21.20
N PHE D 204 42.03 -1.90 21.62
CA PHE D 204 42.80 -0.72 21.27
C PHE D 204 43.04 -0.59 19.76
N PHE D 205 43.14 -1.72 19.05
CA PHE D 205 43.35 -1.67 17.60
C PHE D 205 42.14 -1.11 16.87
N GLY D 206 40.93 -1.45 17.33
CA GLY D 206 39.75 -0.81 16.77
C GLY D 206 39.68 0.65 17.13
N THR D 207 39.90 0.97 18.41
CA THR D 207 40.01 2.35 18.88
C THR D 207 40.91 3.21 18.00
N ASN D 208 42.14 2.74 17.76
CA ASN D 208 43.07 3.47 16.89
C ASN D 208 42.45 3.73 15.53
N ILE D 209 41.91 2.68 14.91
CA ILE D 209 41.27 2.82 13.60
C ILE D 209 40.09 3.79 13.68
N LEU D 210 39.34 3.75 14.78
CA LEU D 210 38.17 4.61 14.88
C LEU D 210 38.53 6.08 15.04
N GLY D 211 39.79 6.39 15.34
CA GLY D 211 40.21 7.78 15.42
C GLY D 211 40.17 8.49 14.08
N GLN D 212 40.27 7.74 12.97
CA GLN D 212 40.11 8.34 11.65
C GLN D 212 38.74 9.00 11.49
N PHE D 213 37.72 8.39 12.07
CA PHE D 213 36.37 8.84 11.78
C PHE D 213 35.94 10.06 12.58
N LYS D 214 36.76 10.51 13.54
CA LYS D 214 36.38 11.69 14.30
C LYS D 214 36.44 12.94 13.44
N ASN D 215 37.48 13.09 12.61
CA ASN D 215 37.63 14.27 11.77
C ASN D 215 37.75 13.88 10.30
N LEU D 216 37.07 12.79 9.92
CA LEU D 216 37.15 12.29 8.55
C LEU D 216 36.70 13.34 7.55
N SER D 217 35.67 14.11 7.88
CA SER D 217 35.14 15.03 6.89
C SER D 217 36.09 16.18 6.58
N LYS D 218 37.26 16.27 7.24
CA LYS D 218 38.22 17.28 6.81
C LYS D 218 39.02 16.84 5.59
N ASN D 219 38.84 15.60 5.14
CA ASN D 219 39.53 15.08 3.97
C ASN D 219 38.61 15.19 2.77
N PHE D 220 39.08 15.83 1.71
CA PHE D 220 38.18 16.00 0.56
C PHE D 220 38.05 14.71 -0.24
N CYS D 221 38.90 13.72 0.03
CA CYS D 221 38.84 12.46 -0.68
C CYS D 221 39.41 11.36 0.21
N ILE D 222 38.84 10.18 0.07
CA ILE D 222 39.28 9.00 0.79
C ILE D 222 39.76 8.04 -0.30
N LEU D 223 41.07 8.08 -0.60
CA LEU D 223 41.65 7.09 -1.49
C LEU D 223 41.54 5.71 -0.83
N MET D 224 41.18 4.72 -1.62
CA MET D 224 40.91 3.41 -1.09
C MET D 224 41.67 2.38 -1.90
N ASP D 225 42.30 1.43 -1.20
CA ASP D 225 43.13 0.43 -1.86
C ASP D 225 42.31 -0.81 -2.19
N THR D 226 41.30 -0.58 -3.04
CA THR D 226 40.45 -1.62 -3.59
C THR D 226 40.14 -1.24 -5.02
N PHE D 227 39.40 -2.10 -5.74
CA PHE D 227 38.96 -1.72 -7.07
C PHE D 227 37.47 -1.99 -7.21
N TYR D 228 36.85 -1.21 -8.10
CA TYR D 228 35.41 -0.98 -8.05
C TYR D 228 34.64 -2.26 -8.26
N GLU D 229 35.02 -3.08 -9.25
CA GLU D 229 34.25 -4.31 -9.52
C GLU D 229 34.21 -5.22 -8.31
N LEU D 230 35.30 -5.25 -7.52
CA LEU D 230 35.40 -6.21 -6.43
C LEU D 230 34.36 -5.93 -5.35
N GLU D 231 34.07 -4.65 -5.09
CA GLU D 231 33.18 -4.26 -4.00
C GLU D 231 32.11 -3.28 -4.47
N HIS D 232 31.62 -3.41 -5.71
CA HIS D 232 30.85 -2.33 -6.34
C HIS D 232 29.54 -2.04 -5.61
N GLU D 233 28.91 -3.04 -5.01
CA GLU D 233 27.66 -2.75 -4.32
C GLU D 233 27.91 -2.03 -3.00
N THR D 234 29.00 -2.35 -2.30
CA THR D 234 29.32 -1.64 -1.08
C THR D 234 29.82 -0.23 -1.38
N ILE D 235 30.66 -0.10 -2.40
CA ILE D 235 31.18 1.21 -2.79
C ILE D 235 30.05 2.13 -3.25
N ASP D 236 29.09 1.61 -4.02
CA ASP D 236 28.00 2.47 -4.50
C ASP D 236 27.18 3.02 -3.34
N SER D 237 26.96 2.21 -2.31
CA SER D 237 26.22 2.68 -1.16
C SER D 237 27.04 3.67 -0.34
N ILE D 238 28.32 3.38 -0.08
CA ILE D 238 29.05 4.26 0.83
C ILE D 238 29.46 5.59 0.15
N THR D 239 29.74 5.60 -1.15
CA THR D 239 30.16 6.88 -1.72
C THR D 239 28.99 7.86 -1.93
N LYS D 240 27.75 7.48 -1.62
CA LYS D 240 26.68 8.46 -1.50
C LYS D 240 26.78 9.25 -0.20
N ILE D 241 27.78 8.95 0.63
CA ILE D 241 27.98 9.49 1.97
C ILE D 241 29.39 10.04 2.14
N CYS D 242 30.41 9.24 1.80
CA CYS D 242 31.82 9.61 1.91
C CYS D 242 32.48 9.67 0.53
N PRO D 243 33.37 10.66 0.31
CA PRO D 243 33.94 10.86 -1.04
C PRO D 243 35.09 9.90 -1.31
N ILE D 244 34.76 8.62 -1.45
CA ILE D 244 35.72 7.54 -1.60
C ILE D 244 36.11 7.39 -3.06
N LYS D 245 37.39 7.12 -3.31
CA LYS D 245 37.91 6.90 -4.65
C LYS D 245 38.75 5.64 -4.69
N PRO D 246 38.19 4.51 -5.16
CA PRO D 246 38.97 3.26 -5.22
C PRO D 246 40.04 3.37 -6.29
N ILE D 247 41.28 3.15 -5.89
CA ILE D 247 42.39 3.37 -6.82
C ILE D 247 43.31 2.16 -6.82
N GLY D 248 42.82 1.05 -6.28
CA GLY D 248 43.63 -0.12 -6.11
C GLY D 248 43.37 -1.17 -7.17
N PRO D 249 44.07 -2.30 -7.10
CA PRO D 249 45.03 -2.71 -6.04
C PRO D 249 46.34 -1.96 -6.20
N LEU D 250 46.82 -1.30 -5.14
CA LEU D 250 47.94 -0.38 -5.31
C LEU D 250 49.19 -1.10 -5.79
N PHE D 251 49.32 -2.40 -5.48
CA PHE D 251 50.50 -3.12 -5.93
C PHE D 251 50.46 -3.43 -7.41
N LYS D 252 49.28 -3.40 -8.03
CA LYS D 252 49.14 -3.73 -9.43
C LYS D 252 49.36 -2.54 -10.35
N ILE D 253 49.61 -1.35 -9.82
CA ILE D 253 49.80 -0.20 -10.69
C ILE D 253 51.22 -0.27 -11.26
N PRO D 254 51.36 -0.27 -12.60
CA PRO D 254 52.62 -0.40 -13.35
C PRO D 254 53.77 0.41 -12.76
N ASP D 271 65.18 -17.56 -3.73
CA ASP D 271 65.28 -18.97 -3.42
C ASP D 271 63.97 -19.71 -3.67
N CYS D 272 62.84 -19.03 -3.43
CA CYS D 272 61.54 -19.62 -3.74
C CYS D 272 61.31 -19.71 -5.24
N LYS D 273 61.78 -18.71 -5.97
CA LYS D 273 61.54 -18.66 -7.41
C LYS D 273 62.20 -19.82 -8.12
N GLU D 274 63.37 -20.24 -7.63
CA GLU D 274 64.16 -21.27 -8.32
C GLU D 274 63.64 -22.68 -8.08
N TRP D 275 62.97 -22.90 -6.94
CA TRP D 275 62.30 -24.19 -6.72
C TRP D 275 60.94 -24.24 -7.38
N LEU D 276 60.18 -23.16 -7.31
CA LEU D 276 58.88 -23.12 -7.98
C LEU D 276 59.01 -23.35 -9.47
N ASP D 277 60.12 -22.92 -10.08
CA ASP D 277 60.36 -23.21 -11.49
C ASP D 277 60.35 -24.71 -11.77
N THR D 278 60.77 -25.53 -10.79
CA THR D 278 60.83 -26.97 -10.98
C THR D 278 59.46 -27.65 -10.91
N ARG D 279 58.53 -27.04 -10.37
CA ARG D 279 57.26 -27.71 -10.13
C ARG D 279 56.28 -27.50 -11.28
N PRO D 280 55.39 -28.47 -11.52
CA PRO D 280 54.39 -28.32 -12.60
C PRO D 280 53.37 -27.24 -12.26
N PRO D 281 52.67 -26.71 -13.28
CA PRO D 281 51.77 -25.58 -13.03
C PRO D 281 50.53 -25.99 -12.24
N SER D 282 50.05 -25.04 -11.43
CA SER D 282 48.85 -25.19 -10.60
C SER D 282 48.95 -26.43 -9.70
N THR D 283 50.08 -26.57 -9.02
CA THR D 283 50.29 -27.71 -8.11
C THR D 283 50.65 -27.32 -6.68
N VAL D 284 51.30 -26.19 -6.45
CA VAL D 284 51.87 -25.89 -5.14
C VAL D 284 50.90 -25.03 -4.34
N VAL D 285 50.55 -25.51 -3.15
CA VAL D 285 49.75 -24.76 -2.19
C VAL D 285 50.70 -23.86 -1.39
N TYR D 286 50.68 -22.56 -1.68
CA TYR D 286 51.50 -21.62 -0.94
C TYR D 286 50.84 -21.29 0.39
N VAL D 287 51.60 -21.45 1.49
CA VAL D 287 51.04 -21.35 2.84
C VAL D 287 51.78 -20.28 3.62
N SER D 288 51.07 -19.19 3.95
CA SER D 288 51.64 -18.11 4.76
C SER D 288 50.53 -17.52 5.61
N VAL D 289 50.59 -17.72 6.92
CA VAL D 289 49.61 -17.17 7.85
C VAL D 289 50.24 -16.55 9.08
N GLY D 290 51.49 -16.83 9.39
CA GLY D 290 52.09 -16.34 10.62
C GLY D 290 52.75 -14.98 10.47
N SER D 291 52.36 -14.22 9.44
CA SER D 291 52.92 -12.88 9.27
C SER D 291 52.34 -11.89 10.28
N VAL D 292 51.04 -12.01 10.59
CA VAL D 292 50.40 -11.13 11.57
C VAL D 292 50.19 -11.80 12.92
N VAL D 293 50.39 -13.11 13.01
CA VAL D 293 50.20 -13.84 14.26
C VAL D 293 51.39 -14.74 14.51
N TYR D 294 51.62 -15.05 15.77
CA TYR D 294 52.48 -16.15 16.15
C TYR D 294 51.56 -17.32 16.49
N LEU D 295 51.53 -18.32 15.62
CA LEU D 295 50.76 -19.52 15.91
C LEU D 295 51.38 -20.26 17.09
N LYS D 296 50.52 -20.93 17.86
CA LYS D 296 50.98 -21.83 18.90
C LYS D 296 51.70 -23.03 18.29
N GLN D 297 52.61 -23.63 19.07
CA GLN D 297 53.27 -24.85 18.61
C GLN D 297 52.23 -25.91 18.27
N GLU D 298 51.23 -26.09 19.13
CA GLU D 298 50.21 -27.09 18.86
C GLU D 298 49.50 -26.85 17.54
N GLN D 299 49.22 -25.59 17.21
CA GLN D 299 48.59 -25.32 15.92
C GLN D 299 49.54 -25.64 14.78
N VAL D 300 50.81 -25.26 14.89
CA VAL D 300 51.77 -25.58 13.84
C VAL D 300 51.85 -27.09 13.60
N THR D 301 51.67 -27.89 14.65
CA THR D 301 51.74 -29.33 14.50
C THR D 301 50.55 -29.87 13.71
N GLU D 302 49.34 -29.47 14.11
CA GLU D 302 48.15 -29.80 13.31
C GLU D 302 48.29 -29.37 11.86
N MET D 303 48.97 -28.25 11.58
CA MET D 303 49.15 -27.85 10.19
C MET D 303 50.14 -28.76 9.48
N ALA D 304 51.30 -28.99 10.09
CA ALA D 304 52.30 -29.84 9.45
C ALA D 304 51.71 -31.21 9.11
N TYR D 305 50.87 -31.73 10.00
CA TYR D 305 50.33 -33.08 9.80
C TYR D 305 49.29 -33.11 8.70
N GLY D 306 48.38 -32.13 8.70
CA GLY D 306 47.39 -32.03 7.64
C GLY D 306 48.02 -31.71 6.30
N ILE D 307 49.04 -30.87 6.28
CA ILE D 307 49.82 -30.66 5.07
C ILE D 307 50.39 -31.98 4.57
N LEU D 308 51.06 -32.72 5.47
CA LEU D 308 51.66 -33.99 5.08
C LEU D 308 50.61 -35.00 4.67
N ASN D 309 49.50 -35.09 5.42
CA ASN D 309 48.46 -36.05 5.09
C ASN D 309 47.74 -35.70 3.79
N SER D 310 47.65 -34.40 3.46
CA SER D 310 46.91 -33.97 2.28
C SER D 310 47.57 -34.43 0.99
N GLU D 311 48.86 -34.76 1.02
CA GLU D 311 49.61 -35.18 -0.16
C GLU D 311 49.53 -34.14 -1.27
N VAL D 312 49.79 -32.88 -0.92
CA VAL D 312 49.89 -31.84 -1.94
C VAL D 312 51.26 -31.21 -1.88
N SER D 313 51.76 -30.82 -3.05
CA SER D 313 52.92 -29.95 -3.14
C SER D 313 52.61 -28.63 -2.44
N PHE D 314 53.55 -28.14 -1.63
CA PHE D 314 53.27 -26.98 -0.81
C PHE D 314 54.54 -26.15 -0.65
N LEU D 315 54.34 -24.85 -0.46
CA LEU D 315 55.40 -23.91 -0.11
C LEU D 315 54.94 -23.22 1.16
N TRP D 316 55.50 -23.63 2.30
CA TRP D 316 55.05 -23.20 3.61
C TRP D 316 56.04 -22.18 4.17
N VAL D 317 55.56 -20.97 4.37
CA VAL D 317 56.37 -19.90 4.95
C VAL D 317 56.14 -19.92 6.46
N LEU D 318 57.15 -20.36 7.20
CA LEU D 318 57.06 -20.50 8.65
C LEU D 318 57.87 -19.37 9.28
N ARG D 319 57.19 -18.44 9.91
CA ARG D 319 57.85 -17.35 10.61
C ARG D 319 58.71 -17.90 11.73
N PRO D 320 60.01 -17.62 11.75
CA PRO D 320 60.92 -18.30 12.68
C PRO D 320 60.88 -17.64 14.05
N PRO D 321 61.53 -18.25 15.05
CA PRO D 321 61.70 -17.57 16.33
C PRO D 321 62.61 -16.35 16.18
N SER D 322 62.30 -15.30 16.95
CA SER D 322 63.19 -14.14 17.00
C SER D 322 64.60 -14.54 17.41
N LYS D 323 64.72 -15.41 18.41
CA LYS D 323 65.99 -15.95 18.88
C LYS D 323 66.92 -14.85 19.38
N PRO D 329 58.41 -21.35 19.30
CA PRO D 329 59.21 -22.53 18.95
C PRO D 329 59.04 -22.96 17.49
N HIS D 330 57.89 -23.53 17.15
CA HIS D 330 57.55 -23.94 15.79
C HIS D 330 58.43 -25.10 15.30
N VAL D 331 58.41 -26.24 16.00
CA VAL D 331 59.11 -27.45 15.56
C VAL D 331 58.16 -28.34 14.75
N LEU D 332 58.62 -28.78 13.56
CA LEU D 332 57.91 -29.72 12.70
C LEU D 332 58.28 -31.16 13.06
N PRO D 333 57.39 -32.12 12.81
CA PRO D 333 57.71 -33.51 13.15
C PRO D 333 58.81 -34.06 12.26
N GLU D 334 59.55 -35.05 12.79
CA GLU D 334 60.67 -35.62 12.03
C GLU D 334 60.20 -36.20 10.69
N GLU D 335 59.11 -36.98 10.72
CA GLU D 335 58.61 -37.56 9.47
C GLU D 335 58.20 -36.50 8.47
N PHE D 336 57.81 -35.31 8.94
CA PHE D 336 57.47 -34.22 8.02
C PHE D 336 58.62 -33.96 7.05
N TRP D 337 59.82 -33.72 7.59
CA TRP D 337 60.98 -33.41 6.75
C TRP D 337 61.29 -34.56 5.79
N GLU D 338 61.31 -35.79 6.31
CA GLU D 338 61.68 -36.92 5.46
C GLU D 338 60.56 -37.36 4.53
N LYS D 339 59.32 -36.95 4.78
CA LYS D 339 58.21 -37.27 3.90
C LYS D 339 57.75 -36.10 3.04
N ALA D 340 58.23 -34.89 3.30
CA ALA D 340 57.98 -33.79 2.38
C ALA D 340 58.69 -34.02 1.06
N GLY D 341 59.82 -34.72 1.09
CA GLY D 341 60.56 -35.02 -0.13
C GLY D 341 60.87 -33.76 -0.89
N ASP D 342 60.49 -33.76 -2.18
CA ASP D 342 60.65 -32.59 -3.03
C ASP D 342 59.33 -31.90 -3.34
N ARG D 343 58.20 -32.55 -3.04
CA ARG D 343 56.91 -31.94 -3.27
C ARG D 343 56.71 -30.71 -2.41
N GLY D 344 57.30 -30.69 -1.22
CA GLY D 344 57.09 -29.61 -0.27
C GLY D 344 58.38 -28.88 0.05
N LYS D 345 58.26 -27.59 0.31
CA LYS D 345 59.40 -26.75 0.65
C LYS D 345 59.02 -25.85 1.80
N VAL D 346 59.97 -25.64 2.70
CA VAL D 346 59.76 -24.88 3.94
C VAL D 346 60.80 -23.77 3.98
N VAL D 347 60.33 -22.53 4.05
CA VAL D 347 61.16 -21.34 4.07
C VAL D 347 60.71 -20.45 5.22
N GLN D 348 61.54 -19.46 5.55
CA GLN D 348 61.21 -18.51 6.58
C GLN D 348 60.85 -17.13 6.05
N TRP D 349 61.17 -16.83 4.79
CA TRP D 349 60.70 -15.63 4.11
C TRP D 349 60.43 -15.99 2.66
N SER D 350 59.51 -15.25 2.04
CA SER D 350 59.22 -15.44 0.62
C SER D 350 58.78 -14.11 0.01
N PRO D 351 59.01 -13.91 -1.28
CA PRO D 351 58.36 -12.80 -1.98
C PRO D 351 56.92 -13.15 -2.29
N GLN D 352 55.99 -12.72 -1.44
CA GLN D 352 54.58 -13.08 -1.62
C GLN D 352 54.10 -12.76 -3.03
N GLU D 353 54.44 -11.57 -3.53
CA GLU D 353 53.98 -11.15 -4.86
C GLU D 353 54.44 -12.11 -5.94
N GLN D 354 55.75 -12.43 -5.96
CA GLN D 354 56.27 -13.28 -7.02
C GLN D 354 55.77 -14.72 -6.92
N VAL D 355 55.49 -15.20 -5.70
CA VAL D 355 55.03 -16.58 -5.56
C VAL D 355 53.62 -16.72 -6.14
N LEU D 356 52.72 -15.82 -5.72
CA LEU D 356 51.36 -15.86 -6.25
C LEU D 356 51.34 -15.67 -7.76
N ALA D 357 52.18 -14.77 -8.28
CA ALA D 357 52.24 -14.56 -9.72
C ALA D 357 52.88 -15.74 -10.45
N HIS D 358 53.61 -16.58 -9.75
CA HIS D 358 54.23 -17.74 -10.36
C HIS D 358 53.15 -18.70 -10.85
N PRO D 359 53.40 -19.42 -11.96
CA PRO D 359 52.35 -20.30 -12.50
C PRO D 359 52.24 -21.65 -11.80
N ALA D 360 53.29 -22.09 -11.09
CA ALA D 360 53.19 -23.37 -10.38
C ALA D 360 52.24 -23.30 -9.20
N THR D 361 51.93 -22.10 -8.72
CA THR D 361 51.06 -21.91 -7.56
C THR D 361 49.63 -22.35 -7.86
N ALA D 362 49.12 -23.28 -7.05
CA ALA D 362 47.74 -23.74 -7.17
C ALA D 362 46.80 -22.98 -6.24
N ALA D 363 47.15 -22.85 -4.96
CA ALA D 363 46.28 -22.14 -4.03
C ALA D 363 47.14 -21.43 -2.98
N PHE D 364 46.45 -20.81 -2.02
CA PHE D 364 47.05 -19.85 -1.11
C PHE D 364 46.32 -19.97 0.21
N LEU D 365 46.98 -20.59 1.19
CA LEU D 365 46.45 -20.64 2.54
C LEU D 365 46.92 -19.39 3.26
N THR D 366 45.97 -18.56 3.70
CA THR D 366 46.22 -17.16 4.02
C THR D 366 45.52 -16.80 5.31
N HIS D 367 46.10 -15.85 6.05
CA HIS D 367 45.39 -15.26 7.17
C HIS D 367 44.38 -14.20 6.71
N CYS D 368 44.30 -13.92 5.42
CA CYS D 368 43.26 -13.05 4.83
C CYS D 368 43.38 -11.60 5.30
N GLY D 369 44.61 -11.11 5.44
CA GLY D 369 44.80 -9.67 5.50
C GLY D 369 44.46 -9.04 4.16
N TRP D 370 43.99 -7.78 4.21
CA TRP D 370 43.44 -7.17 3.00
C TRP D 370 44.46 -7.16 1.88
N ASN D 371 45.68 -6.72 2.15
CA ASN D 371 46.71 -6.78 1.11
C ASN D 371 46.87 -8.20 0.56
N SER D 372 46.87 -9.21 1.45
CA SER D 372 46.96 -10.59 0.97
C SER D 372 45.73 -11.00 0.16
N THR D 373 44.53 -10.60 0.59
CA THR D 373 43.32 -10.87 -0.19
C THR D 373 43.42 -10.31 -1.60
N GLN D 374 43.87 -9.07 -1.74
CA GLN D 374 43.94 -8.44 -3.06
C GLN D 374 45.00 -9.09 -3.93
N GLU D 375 46.12 -9.50 -3.34
CA GLU D 375 47.15 -10.16 -4.13
C GLU D 375 46.68 -11.51 -4.63
N ALA D 376 46.01 -12.29 -3.77
CA ALA D 376 45.38 -13.52 -4.22
C ALA D 376 44.39 -13.24 -5.33
N ILE D 377 43.43 -12.34 -5.06
CA ILE D 377 42.46 -11.97 -6.09
C ILE D 377 43.14 -11.51 -7.36
N SER D 378 44.17 -10.67 -7.24
CA SER D 378 44.72 -10.09 -8.46
C SER D 378 45.55 -11.08 -9.24
N SER D 379 45.99 -12.16 -8.59
CA SER D 379 46.76 -13.19 -9.26
C SER D 379 45.89 -14.32 -9.77
N GLY D 380 44.61 -14.34 -9.41
CA GLY D 380 43.79 -15.46 -9.81
C GLY D 380 44.20 -16.76 -9.15
N VAL D 381 44.54 -16.72 -7.87
CA VAL D 381 44.93 -17.90 -7.10
C VAL D 381 43.87 -18.13 -6.04
N PRO D 382 43.17 -19.25 -6.05
CA PRO D 382 42.16 -19.52 -5.01
C PRO D 382 42.78 -19.60 -3.62
N VAL D 383 41.95 -19.38 -2.60
CA VAL D 383 42.44 -19.28 -1.23
C VAL D 383 41.75 -20.30 -0.34
N ILE D 384 42.47 -20.69 0.71
CA ILE D 384 41.92 -21.32 1.90
C ILE D 384 42.01 -20.29 3.02
N THR D 385 40.88 -19.96 3.63
CA THR D 385 40.84 -18.85 4.57
C THR D 385 41.14 -19.33 5.99
N PHE D 386 42.24 -18.80 6.55
CA PHE D 386 42.66 -19.09 7.92
C PHE D 386 42.79 -17.76 8.67
N PRO D 387 41.71 -16.97 8.76
CA PRO D 387 41.84 -15.64 9.37
C PRO D 387 42.09 -15.73 10.86
N GLN D 388 42.75 -14.70 11.40
CA GLN D 388 43.12 -14.65 12.81
C GLN D 388 42.30 -13.65 13.62
N PHE D 389 42.29 -12.37 13.22
CA PHE D 389 41.57 -11.32 13.95
C PHE D 389 41.43 -10.09 13.05
N GLY D 390 40.85 -9.03 13.62
CA GLY D 390 40.65 -7.79 12.87
C GLY D 390 39.77 -8.00 11.65
N ASP D 391 40.06 -7.26 10.59
CA ASP D 391 39.28 -7.35 9.36
C ASP D 391 39.44 -8.69 8.66
N GLN D 392 40.42 -9.50 9.07
CA GLN D 392 40.66 -10.78 8.40
C GLN D 392 39.43 -11.66 8.41
N VAL D 393 38.64 -11.63 9.48
CA VAL D 393 37.42 -12.44 9.49
C VAL D 393 36.37 -11.88 8.52
N THR D 394 36.44 -10.57 8.20
CA THR D 394 35.53 -10.03 7.17
C THR D 394 36.01 -10.42 5.77
N ASN D 395 37.28 -10.14 5.47
CA ASN D 395 37.87 -10.59 4.21
C ASN D 395 37.63 -12.08 3.96
N ALA D 396 37.81 -12.91 4.99
CA ALA D 396 37.58 -14.35 4.84
C ALA D 396 36.16 -14.64 4.36
N LYS D 397 35.16 -14.03 5.02
CA LYS D 397 33.78 -14.22 4.62
C LYS D 397 33.56 -13.83 3.18
N PHE D 398 34.23 -12.76 2.73
CA PHE D 398 34.03 -12.31 1.35
C PHE D 398 34.74 -13.22 0.37
N LEU D 399 35.93 -13.71 0.74
CA LEU D 399 36.66 -14.60 -0.16
C LEU D 399 35.88 -15.88 -0.45
N VAL D 400 35.15 -16.40 0.55
CA VAL D 400 34.47 -17.68 0.42
C VAL D 400 33.05 -17.51 -0.13
N GLU D 401 32.32 -16.50 0.33
CA GLU D 401 30.89 -16.43 0.03
C GLU D 401 30.55 -15.46 -1.08
N GLU D 402 31.27 -14.35 -1.20
CA GLU D 402 30.98 -13.32 -2.20
C GLU D 402 31.94 -13.36 -3.38
N PHE D 403 33.25 -13.28 -3.14
CA PHE D 403 34.19 -13.50 -4.23
C PHE D 403 34.15 -14.93 -4.73
N LYS D 404 33.80 -15.88 -3.86
CA LYS D 404 33.64 -17.30 -4.20
C LYS D 404 34.92 -17.88 -4.81
N VAL D 405 36.05 -17.51 -4.24
CA VAL D 405 37.35 -18.02 -4.64
C VAL D 405 38.03 -18.84 -3.55
N GLY D 406 37.30 -19.21 -2.50
CA GLY D 406 37.93 -19.72 -1.30
C GLY D 406 37.16 -20.86 -0.66
N VAL D 407 37.88 -21.59 0.21
CA VAL D 407 37.33 -22.60 1.08
C VAL D 407 37.68 -22.25 2.53
N ARG D 408 36.70 -22.32 3.41
CA ARG D 408 36.88 -21.87 4.78
C ARG D 408 37.61 -22.92 5.63
N LEU D 409 38.60 -22.47 6.39
CA LEU D 409 39.30 -23.34 7.34
C LEU D 409 39.00 -22.95 8.79
N SER D 410 39.12 -21.68 9.15
CA SER D 410 38.72 -21.23 10.48
C SER D 410 37.86 -19.97 10.38
N ARG D 411 37.17 -19.68 11.47
CA ARG D 411 36.40 -18.48 11.66
C ARG D 411 37.13 -17.42 12.50
N GLY D 412 38.44 -17.56 12.67
CA GLY D 412 39.22 -16.60 13.42
C GLY D 412 39.52 -17.06 14.83
N GLU D 413 40.46 -16.35 15.46
CA GLU D 413 41.01 -16.79 16.74
C GLU D 413 39.94 -16.82 17.83
N LEU D 414 38.90 -16.00 17.70
CA LEU D 414 37.83 -15.97 18.68
C LEU D 414 37.08 -17.29 18.72
N GLU D 415 37.16 -18.09 17.65
CA GLU D 415 36.69 -19.47 17.68
C GLU D 415 37.20 -20.24 18.91
N ASN D 416 38.39 -19.89 19.41
CA ASN D 416 38.89 -20.40 20.69
C ASN D 416 39.11 -21.91 20.67
N ARG D 417 39.65 -22.41 19.57
CA ARG D 417 39.86 -23.83 19.39
C ARG D 417 40.98 -24.01 18.37
N ILE D 418 41.66 -25.13 18.47
CA ILE D 418 42.77 -25.48 17.60
C ILE D 418 42.19 -26.12 16.34
N ILE D 419 42.75 -25.77 15.18
CA ILE D 419 42.29 -26.28 13.90
C ILE D 419 43.04 -27.59 13.65
N THR D 420 42.32 -28.71 13.65
CA THR D 420 42.97 -30.01 13.64
C THR D 420 43.57 -30.32 12.26
N ARG D 421 44.45 -31.34 12.26
CA ARG D 421 45.03 -31.82 11.01
C ARG D 421 43.97 -32.35 10.05
N ASP D 422 42.85 -32.85 10.59
CA ASP D 422 41.81 -33.39 9.73
C ASP D 422 41.08 -32.27 9.01
N GLU D 423 40.81 -31.16 9.72
CA GLU D 423 40.28 -29.96 9.07
C GLU D 423 41.26 -29.45 8.00
N VAL D 424 42.53 -29.30 8.37
CA VAL D 424 43.53 -28.79 7.44
C VAL D 424 43.63 -29.68 6.20
N GLU D 425 43.47 -30.99 6.39
CA GLU D 425 43.53 -31.91 5.26
C GLU D 425 42.35 -31.70 4.31
N ARG D 426 41.14 -31.65 4.87
CA ARG D 426 39.94 -31.49 4.05
C ARG D 426 39.93 -30.15 3.33
N ALA D 427 40.63 -29.15 3.88
CA ALA D 427 40.74 -27.89 3.15
C ALA D 427 41.75 -27.98 2.03
N LEU D 428 42.89 -28.62 2.28
CA LEU D 428 43.90 -28.79 1.23
C LEU D 428 43.39 -29.67 0.11
N ARG D 429 42.56 -30.67 0.42
CA ARG D 429 41.97 -31.49 -0.63
C ARG D 429 40.84 -30.77 -1.35
N GLU D 430 40.03 -30.02 -0.61
CA GLU D 430 38.89 -29.33 -1.21
C GLU D 430 39.31 -28.30 -2.24
N ILE D 431 40.53 -27.77 -2.15
CA ILE D 431 40.96 -26.67 -3.00
C ILE D 431 41.84 -27.10 -4.17
N THR D 432 42.43 -28.30 -4.12
CA THR D 432 43.37 -28.72 -5.15
C THR D 432 42.77 -29.67 -6.18
N SER D 433 41.55 -30.17 -5.97
CA SER D 433 40.93 -31.09 -6.91
C SER D 433 39.41 -31.04 -6.73
N GLY D 434 38.71 -31.75 -7.60
CA GLY D 434 37.29 -31.94 -7.48
C GLY D 434 36.49 -30.81 -8.09
N PRO D 435 35.17 -30.98 -8.12
CA PRO D 435 34.29 -29.92 -8.64
C PRO D 435 34.46 -28.58 -7.95
N LYS D 436 34.95 -28.54 -6.71
CA LYS D 436 35.06 -27.27 -6.01
C LYS D 436 36.33 -26.51 -6.39
N ALA D 437 37.39 -27.22 -6.74
CA ALA D 437 38.65 -26.55 -7.06
C ALA D 437 38.56 -25.84 -8.40
N GLU D 438 38.16 -26.56 -9.45
CA GLU D 438 38.03 -25.95 -10.76
C GLU D 438 37.02 -24.81 -10.76
N GLU D 439 36.06 -24.85 -9.82
CA GLU D 439 35.12 -23.73 -9.71
C GLU D 439 35.81 -22.49 -9.16
N VAL D 440 36.45 -22.60 -8.00
CA VAL D 440 37.10 -21.42 -7.44
C VAL D 440 38.25 -20.96 -8.34
N LYS D 441 38.88 -21.90 -9.05
CA LYS D 441 39.89 -21.53 -10.04
C LYS D 441 39.30 -20.62 -11.12
N GLU D 442 38.11 -20.98 -11.62
CA GLU D 442 37.48 -20.18 -12.67
C GLU D 442 37.08 -18.81 -12.16
N ASN D 443 36.50 -18.75 -10.96
CA ASN D 443 36.17 -17.46 -10.34
C ASN D 443 37.41 -16.59 -10.19
N ALA D 444 38.49 -17.16 -9.63
CA ALA D 444 39.72 -16.41 -9.43
C ALA D 444 40.24 -15.85 -10.76
N LEU D 445 40.30 -16.69 -11.79
CA LEU D 445 40.75 -16.24 -13.10
C LEU D 445 39.85 -15.13 -13.62
N LYS D 446 38.54 -15.23 -13.37
CA LYS D 446 37.62 -14.15 -13.69
C LYS D 446 37.98 -12.88 -12.91
N TRP D 447 38.29 -13.02 -11.61
CA TRP D 447 38.63 -11.86 -10.79
C TRP D 447 39.98 -11.27 -11.18
N LYS D 448 40.94 -12.12 -11.54
CA LYS D 448 42.23 -11.65 -12.01
C LYS D 448 42.06 -10.76 -13.24
N LYS D 449 41.10 -11.08 -14.10
CA LYS D 449 40.87 -10.25 -15.27
C LYS D 449 40.40 -8.86 -14.88
N ALA D 450 39.42 -8.78 -13.96
CA ALA D 450 38.92 -7.47 -13.53
C ALA D 450 40.00 -6.65 -12.87
N ALA D 451 40.92 -7.29 -12.13
CA ALA D 451 42.02 -6.57 -11.50
C ALA D 451 43.01 -6.04 -12.52
N GLU D 452 43.19 -6.72 -13.64
CA GLU D 452 44.03 -6.18 -14.70
C GLU D 452 43.35 -4.98 -15.39
N GLU D 453 42.07 -5.13 -15.75
CA GLU D 453 41.40 -4.08 -16.48
C GLU D 453 41.31 -2.80 -15.68
N THR D 454 41.28 -2.89 -14.35
CA THR D 454 41.02 -1.71 -13.54
C THR D 454 42.26 -0.83 -13.37
N VAL D 455 43.46 -1.37 -13.54
CA VAL D 455 44.66 -0.54 -13.43
C VAL D 455 45.19 -0.12 -14.79
N ALA D 456 44.62 -0.66 -15.88
CA ALA D 456 44.93 -0.22 -17.23
C ALA D 456 44.24 1.10 -17.52
N LYS D 457 44.56 1.66 -18.69
CA LYS D 457 44.02 2.96 -19.09
C LYS D 457 42.51 2.85 -19.30
N GLY D 458 41.76 3.74 -18.65
CA GLY D 458 40.32 3.69 -18.70
C GLY D 458 39.68 2.81 -17.63
N GLY D 459 40.49 2.10 -16.83
CA GLY D 459 39.94 1.37 -15.71
C GLY D 459 39.51 2.32 -14.61
N ASN D 460 38.62 1.83 -13.74
CA ASN D 460 38.08 2.68 -12.69
C ASN D 460 39.19 3.23 -11.81
N SER D 461 40.14 2.37 -11.42
CA SER D 461 41.21 2.79 -10.53
C SER D 461 42.17 3.75 -11.21
N GLU D 462 42.52 3.49 -12.47
CA GLU D 462 43.38 4.41 -13.20
C GLU D 462 42.71 5.77 -13.38
N ARG D 463 41.46 5.76 -13.84
CA ARG D 463 40.74 7.01 -14.03
C ARG D 463 40.52 7.74 -12.71
N ASN D 464 40.35 7.00 -11.62
CA ASN D 464 40.16 7.64 -10.32
C ASN D 464 41.42 8.35 -9.87
N LEU D 465 42.58 7.74 -10.08
CA LEU D 465 43.84 8.42 -9.77
C LEU D 465 43.99 9.69 -10.59
N VAL D 466 43.78 9.60 -11.90
CA VAL D 466 43.84 10.79 -12.77
C VAL D 466 42.86 11.86 -12.27
N GLU D 467 41.61 11.46 -12.04
CA GLU D 467 40.61 12.34 -11.43
C GLU D 467 41.10 12.97 -10.13
N PHE D 468 41.71 12.16 -9.24
CA PHE D 468 42.20 12.72 -8.00
C PHE D 468 43.24 13.80 -8.25
N ILE D 469 44.17 13.55 -9.18
CA ILE D 469 45.22 14.52 -9.47
C ILE D 469 44.66 15.78 -10.12
N GLU D 470 43.64 15.62 -10.98
CA GLU D 470 42.92 16.77 -11.51
C GLU D 470 42.34 17.62 -10.39
N GLU D 471 41.68 16.98 -9.41
CA GLU D 471 41.11 17.72 -8.30
C GLU D 471 42.18 18.48 -7.50
N VAL D 472 43.35 17.86 -7.31
CA VAL D 472 44.44 18.58 -6.65
C VAL D 472 44.84 19.81 -7.46
N ALA D 473 44.91 19.67 -8.79
CA ALA D 473 45.37 20.76 -9.64
C ALA D 473 44.39 21.94 -9.63
N ARG D 474 43.09 21.65 -9.59
CA ARG D 474 42.11 22.74 -9.51
C ARG D 474 42.26 23.53 -8.22
N LYS D 475 42.55 22.83 -7.12
CA LYS D 475 42.77 23.49 -5.84
C LYS D 475 44.09 24.25 -5.78
N THR D 476 45.13 23.75 -6.46
CA THR D 476 46.45 24.37 -6.37
C THR D 476 46.49 25.70 -7.12
N GLY D 477 46.23 25.67 -8.42
CA GLY D 477 46.18 26.91 -9.20
C GLY D 477 45.26 27.95 -8.60
N SER D 478 44.12 27.50 -8.07
CA SER D 478 43.23 28.36 -7.27
C SER D 478 43.14 27.85 -5.83
#